data_4HIK
# 
_entry.id   4HIK 
# 
_audit_conform.dict_name       mmcif_pdbx.dic 
_audit_conform.dict_version    5.399 
_audit_conform.dict_location   http://mmcif.pdb.org/dictionaries/ascii/mmcif_pdbx.dic 
# 
loop_
_database_2.database_id 
_database_2.database_code 
_database_2.pdbx_database_accession 
_database_2.pdbx_DOI 
PDB   4HIK         pdb_00004hik 10.2210/pdb4hik/pdb 
NDB   NA2083       ?            ?                   
RCSB  RCSB075510   ?            ?                   
WWPDB D_1000075510 ?            ?                   
# 
loop_
_pdbx_audit_revision_history.ordinal 
_pdbx_audit_revision_history.data_content_type 
_pdbx_audit_revision_history.major_revision 
_pdbx_audit_revision_history.minor_revision 
_pdbx_audit_revision_history.revision_date 
1 'Structure model' 1 0 2012-12-12 
2 'Structure model' 1 1 2013-02-27 
3 'Structure model' 1 2 2017-11-15 
4 'Structure model' 1 3 2024-11-27 
# 
_pdbx_audit_revision_details.ordinal             1 
_pdbx_audit_revision_details.revision_ordinal    1 
_pdbx_audit_revision_details.data_content_type   'Structure model' 
_pdbx_audit_revision_details.provider            repository 
_pdbx_audit_revision_details.type                'Initial release' 
_pdbx_audit_revision_details.description         ? 
_pdbx_audit_revision_details.details             ? 
# 
loop_
_pdbx_audit_revision_group.ordinal 
_pdbx_audit_revision_group.revision_ordinal 
_pdbx_audit_revision_group.data_content_type 
_pdbx_audit_revision_group.group 
1 2 'Structure model' 'Database references'    
2 3 'Structure model' 'Refinement description' 
3 4 'Structure model' 'Data collection'        
4 4 'Structure model' 'Database references'    
5 4 'Structure model' 'Derived calculations'   
6 4 'Structure model' 'Structure summary'      
# 
loop_
_pdbx_audit_revision_category.ordinal 
_pdbx_audit_revision_category.revision_ordinal 
_pdbx_audit_revision_category.data_content_type 
_pdbx_audit_revision_category.category 
1 3 'Structure model' software                  
2 4 'Structure model' chem_comp_atom            
3 4 'Structure model' chem_comp_bond            
4 4 'Structure model' database_2                
5 4 'Structure model' pdbx_entry_details        
6 4 'Structure model' pdbx_modification_feature 
7 4 'Structure model' struct_conn               
8 4 'Structure model' struct_ref_seq_dif        
# 
loop_
_pdbx_audit_revision_item.ordinal 
_pdbx_audit_revision_item.revision_ordinal 
_pdbx_audit_revision_item.data_content_type 
_pdbx_audit_revision_item.item 
1 4 'Structure model' '_database_2.pdbx_DOI'                
2 4 'Structure model' '_database_2.pdbx_database_accession' 
3 4 'Structure model' '_struct_conn.pdbx_leaving_atom_flag' 
4 4 'Structure model' '_struct_ref_seq_dif.details'         
# 
_pdbx_database_status.entry_id                        4HIK 
_pdbx_database_status.status_code                     REL 
_pdbx_database_status.deposit_site                    RCSB 
_pdbx_database_status.process_site                    RCSB 
_pdbx_database_status.recvd_initial_deposition_date   2012-10-11 
_pdbx_database_status.status_code_sf                  REL 
_pdbx_database_status.status_code_mr                  ? 
_pdbx_database_status.SG_entry                        ? 
_pdbx_database_status.status_code_cs                  ? 
_pdbx_database_status.methods_development_category    ? 
_pdbx_database_status.pdb_format_compatible           Y 
_pdbx_database_status.status_code_nmr_data            ? 
# 
loop_
_pdbx_database_related.db_name 
_pdbx_database_related.db_id 
_pdbx_database_related.details 
_pdbx_database_related.content_type 
PDB 4HIO 'The same protein bound to a different ssDNA sequence' unspecified 
PDB 4HIK 'The same protein bound to a different ssDNA sequence' unspecified 
PDB 4HIM 'The same protein bound to a different ssDNA sequence' unspecified 
PDB 4HJ5 'The same protein bound to a different ssDNA sequence' unspecified 
PDB 4HJ7 'The same protein bound to a different ssDNA sequence' unspecified 
PDB 4HJ8 'The same protein bound to a different ssDNA sequence' unspecified 
PDB 4HJ9 'The same protein bound to a different ssDNA sequence' unspecified 
PDB 4HJA 'The same protein bound to a different ssDNA sequence' unspecified 
# 
loop_
_audit_author.name 
_audit_author.pdbx_ordinal 
'Dickey, T.H.' 1 
'Wuttke, D.S.' 2 
# 
_citation.id                        primary 
_citation.title                     'Nonspecific Recognition Is Achieved in Pot1pC through the Use of Multiple Binding Modes.' 
_citation.journal_abbrev            Structure 
_citation.journal_volume            21 
_citation.page_first                121 
_citation.page_last                 132 
_citation.year                      2013 
_citation.journal_id_ASTM           STRUE6 
_citation.country                   UK 
_citation.journal_id_ISSN           0969-2126 
_citation.journal_id_CSD            2005 
_citation.book_publisher            ? 
_citation.pdbx_database_id_PubMed   23201273 
_citation.pdbx_database_id_DOI      10.1016/j.str.2012.10.015 
# 
loop_
_citation_author.citation_id 
_citation_author.name 
_citation_author.ordinal 
_citation_author.identifier_ORCID 
primary 'Dickey, T.H.'    1 ? 
primary 'McKercher, M.A.' 2 ? 
primary 'Wuttke, D.S.'    3 ? 
# 
loop_
_entity.id 
_entity.type 
_entity.src_method 
_entity.pdbx_description 
_entity.formula_weight 
_entity.pdbx_number_of_molecules 
_entity.pdbx_ec 
_entity.pdbx_mutation 
_entity.pdbx_fragment 
_entity.details 
1 polymer man 'Protection of telomeres protein 1'         17369.996 1   ? V199D 
'Pot1pC, partial DNA binding domain, residues 198-339' ?                               
2 polymer syn 
;DNA (5'-D(*GP*GP*TP*TP*AP*CP*GP*GP*T)-3')
;
2786.833  1   ? ?     ?                                                      'telomeric single-stranded DNA' 
3 water   nat water                                       18.015    175 ? ?     ? ?                               
# 
loop_
_entity_poly.entity_id 
_entity_poly.type 
_entity_poly.nstd_linkage 
_entity_poly.nstd_monomer 
_entity_poly.pdbx_seq_one_letter_code 
_entity_poly.pdbx_seq_one_letter_code_can 
_entity_poly.pdbx_strand_id 
_entity_poly.pdbx_target_identifier 
1 'polypeptide(L)'        no yes 
;(MSE)SDSFSLLSQITPHQRCSFYAQVIKTWYSDKNFTLYVTDYTENELFFP(MSE)SPYTSSSRWRGPFGRFSIRCILW
DEHDFYCRNYIKEGDYVV(MSE)KNVRTKIDHLGYLECILHGDSAKRYN(MSE)SIEKVDSEEPELNEIKSRKRLYVQN
;
;MSDSFSLLSQITPHQRCSFYAQVIKTWYSDKNFTLYVTDYTENELFFPMSPYTSSSRWRGPFGRFSIRCILWDEHDFYCR
NYIKEGDYVVMKNVRTKIDHLGYLECILHGDSAKRYNMSIEKVDSEEPELNEIKSRKRLYVQN
;
A ? 
2 polydeoxyribonucleotide no no  '(DG)(DG)(DT)(DT)(DA)(DC)(DG)(DG)(DT)' GGTTACGGT B ? 
# 
_pdbx_entity_nonpoly.entity_id   3 
_pdbx_entity_nonpoly.name        water 
_pdbx_entity_nonpoly.comp_id     HOH 
# 
loop_
_entity_poly_seq.entity_id 
_entity_poly_seq.num 
_entity_poly_seq.mon_id 
_entity_poly_seq.hetero 
1 1   MSE n 
1 2   SER n 
1 3   ASP n 
1 4   SER n 
1 5   PHE n 
1 6   SER n 
1 7   LEU n 
1 8   LEU n 
1 9   SER n 
1 10  GLN n 
1 11  ILE n 
1 12  THR n 
1 13  PRO n 
1 14  HIS n 
1 15  GLN n 
1 16  ARG n 
1 17  CYS n 
1 18  SER n 
1 19  PHE n 
1 20  TYR n 
1 21  ALA n 
1 22  GLN n 
1 23  VAL n 
1 24  ILE n 
1 25  LYS n 
1 26  THR n 
1 27  TRP n 
1 28  TYR n 
1 29  SER n 
1 30  ASP n 
1 31  LYS n 
1 32  ASN n 
1 33  PHE n 
1 34  THR n 
1 35  LEU n 
1 36  TYR n 
1 37  VAL n 
1 38  THR n 
1 39  ASP n 
1 40  TYR n 
1 41  THR n 
1 42  GLU n 
1 43  ASN n 
1 44  GLU n 
1 45  LEU n 
1 46  PHE n 
1 47  PHE n 
1 48  PRO n 
1 49  MSE n 
1 50  SER n 
1 51  PRO n 
1 52  TYR n 
1 53  THR n 
1 54  SER n 
1 55  SER n 
1 56  SER n 
1 57  ARG n 
1 58  TRP n 
1 59  ARG n 
1 60  GLY n 
1 61  PRO n 
1 62  PHE n 
1 63  GLY n 
1 64  ARG n 
1 65  PHE n 
1 66  SER n 
1 67  ILE n 
1 68  ARG n 
1 69  CYS n 
1 70  ILE n 
1 71  LEU n 
1 72  TRP n 
1 73  ASP n 
1 74  GLU n 
1 75  HIS n 
1 76  ASP n 
1 77  PHE n 
1 78  TYR n 
1 79  CYS n 
1 80  ARG n 
1 81  ASN n 
1 82  TYR n 
1 83  ILE n 
1 84  LYS n 
1 85  GLU n 
1 86  GLY n 
1 87  ASP n 
1 88  TYR n 
1 89  VAL n 
1 90  VAL n 
1 91  MSE n 
1 92  LYS n 
1 93  ASN n 
1 94  VAL n 
1 95  ARG n 
1 96  THR n 
1 97  LYS n 
1 98  ILE n 
1 99  ASP n 
1 100 HIS n 
1 101 LEU n 
1 102 GLY n 
1 103 TYR n 
1 104 LEU n 
1 105 GLU n 
1 106 CYS n 
1 107 ILE n 
1 108 LEU n 
1 109 HIS n 
1 110 GLY n 
1 111 ASP n 
1 112 SER n 
1 113 ALA n 
1 114 LYS n 
1 115 ARG n 
1 116 TYR n 
1 117 ASN n 
1 118 MSE n 
1 119 SER n 
1 120 ILE n 
1 121 GLU n 
1 122 LYS n 
1 123 VAL n 
1 124 ASP n 
1 125 SER n 
1 126 GLU n 
1 127 GLU n 
1 128 PRO n 
1 129 GLU n 
1 130 LEU n 
1 131 ASN n 
1 132 GLU n 
1 133 ILE n 
1 134 LYS n 
1 135 SER n 
1 136 ARG n 
1 137 LYS n 
1 138 ARG n 
1 139 LEU n 
1 140 TYR n 
1 141 VAL n 
1 142 GLN n 
1 143 ASN n 
2 1   DG  n 
2 2   DG  n 
2 3   DT  n 
2 4   DT  n 
2 5   DA  n 
2 6   DC  n 
2 7   DG  n 
2 8   DG  n 
2 9   DT  n 
# 
_entity_src_gen.entity_id                          1 
_entity_src_gen.pdbx_src_id                        1 
_entity_src_gen.pdbx_alt_source_flag               sample 
_entity_src_gen.pdbx_seq_type                      ? 
_entity_src_gen.pdbx_beg_seq_num                   ? 
_entity_src_gen.pdbx_end_seq_num                   ? 
_entity_src_gen.gene_src_common_name               'Fission yeast' 
_entity_src_gen.gene_src_genus                     ? 
_entity_src_gen.pdbx_gene_src_gene                 'pot1, SPAC26H5.06' 
_entity_src_gen.gene_src_species                   ? 
_entity_src_gen.gene_src_strain                    972h- 
_entity_src_gen.gene_src_tissue                    ? 
_entity_src_gen.gene_src_tissue_fraction           ? 
_entity_src_gen.gene_src_details                   ? 
_entity_src_gen.pdbx_gene_src_fragment             ? 
_entity_src_gen.pdbx_gene_src_scientific_name      'Schizosaccharomyces pombe' 
_entity_src_gen.pdbx_gene_src_ncbi_taxonomy_id     284812 
_entity_src_gen.pdbx_gene_src_variant              ? 
_entity_src_gen.pdbx_gene_src_cell_line            ? 
_entity_src_gen.pdbx_gene_src_atcc                 ? 
_entity_src_gen.pdbx_gene_src_organ                ? 
_entity_src_gen.pdbx_gene_src_organelle            ? 
_entity_src_gen.pdbx_gene_src_cell                 ? 
_entity_src_gen.pdbx_gene_src_cellular_location    ? 
_entity_src_gen.host_org_common_name               ? 
_entity_src_gen.pdbx_host_org_scientific_name      'Escherichia coli' 
_entity_src_gen.pdbx_host_org_ncbi_taxonomy_id     469008 
_entity_src_gen.host_org_genus                     ? 
_entity_src_gen.pdbx_host_org_gene                 ? 
_entity_src_gen.pdbx_host_org_organ                ? 
_entity_src_gen.host_org_species                   ? 
_entity_src_gen.pdbx_host_org_tissue               ? 
_entity_src_gen.pdbx_host_org_tissue_fraction      ? 
_entity_src_gen.pdbx_host_org_strain               'BL21 (DE3)' 
_entity_src_gen.pdbx_host_org_variant              ? 
_entity_src_gen.pdbx_host_org_cell_line            ? 
_entity_src_gen.pdbx_host_org_atcc                 ? 
_entity_src_gen.pdbx_host_org_culture_collection   ? 
_entity_src_gen.pdbx_host_org_cell                 ? 
_entity_src_gen.pdbx_host_org_organelle            ? 
_entity_src_gen.pdbx_host_org_cellular_location    ? 
_entity_src_gen.pdbx_host_org_vector_type          plasmid 
_entity_src_gen.pdbx_host_org_vector               ? 
_entity_src_gen.host_org_details                   ? 
_entity_src_gen.expression_system_id               ? 
_entity_src_gen.plasmid_name                       pTXB1 
_entity_src_gen.plasmid_details                    ? 
_entity_src_gen.pdbx_description                   ? 
# 
_pdbx_entity_src_syn.entity_id              2 
_pdbx_entity_src_syn.pdbx_src_id            1 
_pdbx_entity_src_syn.pdbx_alt_source_flag   sample 
_pdbx_entity_src_syn.pdbx_beg_seq_num       ? 
_pdbx_entity_src_syn.pdbx_end_seq_num       ? 
_pdbx_entity_src_syn.organism_scientific    'Schizosaccharomyces pombe' 
_pdbx_entity_src_syn.organism_common_name   ? 
_pdbx_entity_src_syn.ncbi_taxonomy_id       284812 
_pdbx_entity_src_syn.details                ? 
# 
loop_
_chem_comp.id 
_chem_comp.type 
_chem_comp.mon_nstd_flag 
_chem_comp.name 
_chem_comp.pdbx_synonyms 
_chem_comp.formula 
_chem_comp.formula_weight 
ALA 'L-peptide linking' y ALANINE                              ? 'C3 H7 N O2'      89.093  
ARG 'L-peptide linking' y ARGININE                             ? 'C6 H15 N4 O2 1'  175.209 
ASN 'L-peptide linking' y ASPARAGINE                           ? 'C4 H8 N2 O3'     132.118 
ASP 'L-peptide linking' y 'ASPARTIC ACID'                      ? 'C4 H7 N O4'      133.103 
CYS 'L-peptide linking' y CYSTEINE                             ? 'C3 H7 N O2 S'    121.158 
DA  'DNA linking'       y "2'-DEOXYADENOSINE-5'-MONOPHOSPHATE" ? 'C10 H14 N5 O6 P' 331.222 
DC  'DNA linking'       y "2'-DEOXYCYTIDINE-5'-MONOPHOSPHATE"  ? 'C9 H14 N3 O7 P'  307.197 
DG  'DNA linking'       y "2'-DEOXYGUANOSINE-5'-MONOPHOSPHATE" ? 'C10 H14 N5 O7 P' 347.221 
DT  'DNA linking'       y "THYMIDINE-5'-MONOPHOSPHATE"         ? 'C10 H15 N2 O8 P' 322.208 
GLN 'L-peptide linking' y GLUTAMINE                            ? 'C5 H10 N2 O3'    146.144 
GLU 'L-peptide linking' y 'GLUTAMIC ACID'                      ? 'C5 H9 N O4'      147.129 
GLY 'peptide linking'   y GLYCINE                              ? 'C2 H5 N O2'      75.067  
HIS 'L-peptide linking' y HISTIDINE                            ? 'C6 H10 N3 O2 1'  156.162 
HOH non-polymer         . WATER                                ? 'H2 O'            18.015  
ILE 'L-peptide linking' y ISOLEUCINE                           ? 'C6 H13 N O2'     131.173 
LEU 'L-peptide linking' y LEUCINE                              ? 'C6 H13 N O2'     131.173 
LYS 'L-peptide linking' y LYSINE                               ? 'C6 H15 N2 O2 1'  147.195 
MSE 'L-peptide linking' n SELENOMETHIONINE                     ? 'C5 H11 N O2 Se'  196.106 
PHE 'L-peptide linking' y PHENYLALANINE                        ? 'C9 H11 N O2'     165.189 
PRO 'L-peptide linking' y PROLINE                              ? 'C5 H9 N O2'      115.130 
SER 'L-peptide linking' y SERINE                               ? 'C3 H7 N O3'      105.093 
THR 'L-peptide linking' y THREONINE                            ? 'C4 H9 N O3'      119.119 
TRP 'L-peptide linking' y TRYPTOPHAN                           ? 'C11 H12 N2 O2'   204.225 
TYR 'L-peptide linking' y TYROSINE                             ? 'C9 H11 N O3'     181.189 
VAL 'L-peptide linking' y VALINE                               ? 'C5 H11 N O2'     117.146 
# 
loop_
_pdbx_poly_seq_scheme.asym_id 
_pdbx_poly_seq_scheme.entity_id 
_pdbx_poly_seq_scheme.seq_id 
_pdbx_poly_seq_scheme.mon_id 
_pdbx_poly_seq_scheme.ndb_seq_num 
_pdbx_poly_seq_scheme.pdb_seq_num 
_pdbx_poly_seq_scheme.auth_seq_num 
_pdbx_poly_seq_scheme.pdb_mon_id 
_pdbx_poly_seq_scheme.auth_mon_id 
_pdbx_poly_seq_scheme.pdb_strand_id 
_pdbx_poly_seq_scheme.pdb_ins_code 
_pdbx_poly_seq_scheme.hetero 
A 1 1   MSE 1   1   ?   ?   ?   A . n 
A 1 2   SER 2   2   ?   ?   ?   A . n 
A 1 3   ASP 3   3   ?   ?   ?   A . n 
A 1 4   SER 4   4   4   SER SER A . n 
A 1 5   PHE 5   5   5   PHE PHE A . n 
A 1 6   SER 6   6   6   SER SER A . n 
A 1 7   LEU 7   7   7   LEU LEU A . n 
A 1 8   LEU 8   8   8   LEU LEU A . n 
A 1 9   SER 9   9   9   SER SER A . n 
A 1 10  GLN 10  10  10  GLN GLN A . n 
A 1 11  ILE 11  11  11  ILE ILE A . n 
A 1 12  THR 12  12  12  THR THR A . n 
A 1 13  PRO 13  13  13  PRO PRO A . n 
A 1 14  HIS 14  14  14  HIS HIS A . n 
A 1 15  GLN 15  15  15  GLN GLN A . n 
A 1 16  ARG 16  16  16  ARG ARG A . n 
A 1 17  CYS 17  17  17  CYS CYS A . n 
A 1 18  SER 18  18  18  SER SER A . n 
A 1 19  PHE 19  19  19  PHE PHE A . n 
A 1 20  TYR 20  20  20  TYR TYR A . n 
A 1 21  ALA 21  21  21  ALA ALA A . n 
A 1 22  GLN 22  22  22  GLN GLN A . n 
A 1 23  VAL 23  23  23  VAL VAL A . n 
A 1 24  ILE 24  24  24  ILE ILE A . n 
A 1 25  LYS 25  25  25  LYS LYS A . n 
A 1 26  THR 26  26  26  THR THR A . n 
A 1 27  TRP 27  27  27  TRP TRP A . n 
A 1 28  TYR 28  28  28  TYR TYR A . n 
A 1 29  SER 29  29  29  SER SER A . n 
A 1 30  ASP 30  30  30  ASP ASP A . n 
A 1 31  LYS 31  31  31  LYS LYS A . n 
A 1 32  ASN 32  32  32  ASN ASN A . n 
A 1 33  PHE 33  33  33  PHE PHE A . n 
A 1 34  THR 34  34  34  THR THR A . n 
A 1 35  LEU 35  35  35  LEU LEU A . n 
A 1 36  TYR 36  36  36  TYR TYR A . n 
A 1 37  VAL 37  37  37  VAL VAL A . n 
A 1 38  THR 38  38  38  THR THR A . n 
A 1 39  ASP 39  39  39  ASP ASP A . n 
A 1 40  TYR 40  40  40  TYR TYR A . n 
A 1 41  THR 41  41  41  THR THR A . n 
A 1 42  GLU 42  42  42  GLU GLU A . n 
A 1 43  ASN 43  43  43  ASN ASN A . n 
A 1 44  GLU 44  44  44  GLU GLU A . n 
A 1 45  LEU 45  45  45  LEU LEU A . n 
A 1 46  PHE 46  46  46  PHE PHE A . n 
A 1 47  PHE 47  47  47  PHE PHE A . n 
A 1 48  PRO 48  48  48  PRO PRO A . n 
A 1 49  MSE 49  49  49  MSE MSE A . n 
A 1 50  SER 50  50  50  SER SER A . n 
A 1 51  PRO 51  51  51  PRO PRO A . n 
A 1 52  TYR 52  52  52  TYR TYR A . n 
A 1 53  THR 53  53  53  THR THR A . n 
A 1 54  SER 54  54  54  SER SER A . n 
A 1 55  SER 55  55  55  SER SER A . n 
A 1 56  SER 56  56  56  SER SER A . n 
A 1 57  ARG 57  57  57  ARG ARG A . n 
A 1 58  TRP 58  58  58  TRP TRP A . n 
A 1 59  ARG 59  59  59  ARG ARG A . n 
A 1 60  GLY 60  60  60  GLY GLY A . n 
A 1 61  PRO 61  61  61  PRO PRO A . n 
A 1 62  PHE 62  62  62  PHE PHE A . n 
A 1 63  GLY 63  63  63  GLY GLY A . n 
A 1 64  ARG 64  64  64  ARG ARG A . n 
A 1 65  PHE 65  65  65  PHE PHE A . n 
A 1 66  SER 66  66  66  SER SER A . n 
A 1 67  ILE 67  67  67  ILE ILE A . n 
A 1 68  ARG 68  68  68  ARG ARG A . n 
A 1 69  CYS 69  69  69  CYS CYS A . n 
A 1 70  ILE 70  70  70  ILE ILE A . n 
A 1 71  LEU 71  71  71  LEU LEU A . n 
A 1 72  TRP 72  72  72  TRP TRP A . n 
A 1 73  ASP 73  73  73  ASP ASP A . n 
A 1 74  GLU 74  74  74  GLU GLU A . n 
A 1 75  HIS 75  75  75  HIS HIS A . n 
A 1 76  ASP 76  76  76  ASP ASP A . n 
A 1 77  PHE 77  77  77  PHE PHE A . n 
A 1 78  TYR 78  78  78  TYR TYR A . n 
A 1 79  CYS 79  79  79  CYS CYS A . n 
A 1 80  ARG 80  80  80  ARG ARG A . n 
A 1 81  ASN 81  81  81  ASN ASN A . n 
A 1 82  TYR 82  82  82  TYR TYR A . n 
A 1 83  ILE 83  83  83  ILE ILE A . n 
A 1 84  LYS 84  84  84  LYS LYS A . n 
A 1 85  GLU 85  85  85  GLU GLU A . n 
A 1 86  GLY 86  86  86  GLY GLY A . n 
A 1 87  ASP 87  87  87  ASP ASP A . n 
A 1 88  TYR 88  88  88  TYR TYR A . n 
A 1 89  VAL 89  89  89  VAL VAL A . n 
A 1 90  VAL 90  90  90  VAL VAL A . n 
A 1 91  MSE 91  91  91  MSE MSE A . n 
A 1 92  LYS 92  92  92  LYS LYS A . n 
A 1 93  ASN 93  93  93  ASN ASN A . n 
A 1 94  VAL 94  94  94  VAL VAL A . n 
A 1 95  ARG 95  95  95  ARG ARG A . n 
A 1 96  THR 96  96  96  THR THR A . n 
A 1 97  LYS 97  97  97  LYS LYS A . n 
A 1 98  ILE 98  98  98  ILE ILE A . n 
A 1 99  ASP 99  99  99  ASP ASP A . n 
A 1 100 HIS 100 100 100 HIS HIS A . n 
A 1 101 LEU 101 101 101 LEU LEU A . n 
A 1 102 GLY 102 102 102 GLY GLY A . n 
A 1 103 TYR 103 103 103 TYR TYR A . n 
A 1 104 LEU 104 104 104 LEU LEU A . n 
A 1 105 GLU 105 105 105 GLU GLU A . n 
A 1 106 CYS 106 106 106 CYS CYS A . n 
A 1 107 ILE 107 107 107 ILE ILE A . n 
A 1 108 LEU 108 108 108 LEU LEU A . n 
A 1 109 HIS 109 109 109 HIS HIS A . n 
A 1 110 GLY 110 110 110 GLY GLY A . n 
A 1 111 ASP 111 111 111 ASP ASP A . n 
A 1 112 SER 112 112 112 SER SER A . n 
A 1 113 ALA 113 113 113 ALA ALA A . n 
A 1 114 LYS 114 114 114 LYS LYS A . n 
A 1 115 ARG 115 115 115 ARG ARG A . n 
A 1 116 TYR 116 116 116 TYR TYR A . n 
A 1 117 ASN 117 117 117 ASN ASN A . n 
A 1 118 MSE 118 118 118 MSE MSE A . n 
A 1 119 SER 119 119 119 SER SER A . n 
A 1 120 ILE 120 120 120 ILE ILE A . n 
A 1 121 GLU 121 121 121 GLU GLU A . n 
A 1 122 LYS 122 122 122 LYS LYS A . n 
A 1 123 VAL 123 123 123 VAL VAL A . n 
A 1 124 ASP 124 124 124 ASP ASP A . n 
A 1 125 SER 125 125 125 SER SER A . n 
A 1 126 GLU 126 126 126 GLU GLU A . n 
A 1 127 GLU 127 127 127 GLU GLU A . n 
A 1 128 PRO 128 128 128 PRO PRO A . n 
A 1 129 GLU 129 129 129 GLU GLU A . n 
A 1 130 LEU 130 130 130 LEU LEU A . n 
A 1 131 ASN 131 131 131 ASN ASN A . n 
A 1 132 GLU 132 132 132 GLU GLU A . n 
A 1 133 ILE 133 133 133 ILE ILE A . n 
A 1 134 LYS 134 134 134 LYS LYS A . n 
A 1 135 SER 135 135 135 SER SER A . n 
A 1 136 ARG 136 136 136 ARG ARG A . n 
A 1 137 LYS 137 137 137 LYS LYS A . n 
A 1 138 ARG 138 138 138 ARG ARG A . n 
A 1 139 LEU 139 139 139 LEU LEU A . n 
A 1 140 TYR 140 140 140 TYR TYR A . n 
A 1 141 VAL 141 141 141 VAL VAL A . n 
A 1 142 GLN 142 142 ?   ?   ?   A . n 
A 1 143 ASN 143 143 ?   ?   ?   A . n 
B 2 1   DG  1   1   1   DG  G   B . n 
B 2 2   DG  2   2   2   DG  G   B . n 
B 2 3   DT  3   3   3   DT  T   B . n 
B 2 4   DT  4   4   4   DT  T   B . n 
B 2 5   DA  5   5   5   DA  A   B . n 
B 2 6   DC  6   6   6   DC  C   B . n 
B 2 7   DG  7   7   7   DG  G   B . n 
B 2 8   DG  8   8   8   DG  G   B . n 
B 2 9   DT  9   9   9   DT  T   B . n 
# 
loop_
_pdbx_nonpoly_scheme.asym_id 
_pdbx_nonpoly_scheme.entity_id 
_pdbx_nonpoly_scheme.mon_id 
_pdbx_nonpoly_scheme.ndb_seq_num 
_pdbx_nonpoly_scheme.pdb_seq_num 
_pdbx_nonpoly_scheme.auth_seq_num 
_pdbx_nonpoly_scheme.pdb_mon_id 
_pdbx_nonpoly_scheme.auth_mon_id 
_pdbx_nonpoly_scheme.pdb_strand_id 
_pdbx_nonpoly_scheme.pdb_ins_code 
C 3 HOH 1   201 2   HOH HOH A . 
C 3 HOH 2   202 3   HOH HOH A . 
C 3 HOH 3   203 5   HOH HOH A . 
C 3 HOH 4   204 6   HOH HOH A . 
C 3 HOH 5   205 7   HOH HOH A . 
C 3 HOH 6   206 8   HOH HOH A . 
C 3 HOH 7   207 9   HOH HOH A . 
C 3 HOH 8   208 10  HOH HOH A . 
C 3 HOH 9   209 11  HOH HOH A . 
C 3 HOH 10  210 12  HOH HOH A . 
C 3 HOH 11  211 13  HOH HOH A . 
C 3 HOH 12  212 14  HOH HOH A . 
C 3 HOH 13  213 15  HOH HOH A . 
C 3 HOH 14  214 16  HOH HOH A . 
C 3 HOH 15  215 19  HOH HOH A . 
C 3 HOH 16  216 20  HOH HOH A . 
C 3 HOH 17  217 21  HOH HOH A . 
C 3 HOH 18  218 23  HOH HOH A . 
C 3 HOH 19  219 24  HOH HOH A . 
C 3 HOH 20  220 25  HOH HOH A . 
C 3 HOH 21  221 26  HOH HOH A . 
C 3 HOH 22  222 28  HOH HOH A . 
C 3 HOH 23  223 29  HOH HOH A . 
C 3 HOH 24  224 30  HOH HOH A . 
C 3 HOH 25  225 31  HOH HOH A . 
C 3 HOH 26  226 32  HOH HOH A . 
C 3 HOH 27  227 34  HOH HOH A . 
C 3 HOH 28  228 35  HOH HOH A . 
C 3 HOH 29  229 36  HOH HOH A . 
C 3 HOH 30  230 37  HOH HOH A . 
C 3 HOH 31  231 38  HOH HOH A . 
C 3 HOH 32  232 39  HOH HOH A . 
C 3 HOH 33  233 41  HOH HOH A . 
C 3 HOH 34  234 42  HOH HOH A . 
C 3 HOH 35  235 43  HOH HOH A . 
C 3 HOH 36  236 44  HOH HOH A . 
C 3 HOH 37  237 46  HOH HOH A . 
C 3 HOH 38  238 47  HOH HOH A . 
C 3 HOH 39  239 48  HOH HOH A . 
C 3 HOH 40  240 49  HOH HOH A . 
C 3 HOH 41  241 51  HOH HOH A . 
C 3 HOH 42  242 53  HOH HOH A . 
C 3 HOH 43  243 55  HOH HOH A . 
C 3 HOH 44  244 57  HOH HOH A . 
C 3 HOH 45  245 58  HOH HOH A . 
C 3 HOH 46  246 61  HOH HOH A . 
C 3 HOH 47  247 62  HOH HOH A . 
C 3 HOH 48  248 63  HOH HOH A . 
C 3 HOH 49  249 64  HOH HOH A . 
C 3 HOH 50  250 65  HOH HOH A . 
C 3 HOH 51  251 66  HOH HOH A . 
C 3 HOH 52  252 67  HOH HOH A . 
C 3 HOH 53  253 68  HOH HOH A . 
C 3 HOH 54  254 69  HOH HOH A . 
C 3 HOH 55  255 70  HOH HOH A . 
C 3 HOH 56  256 71  HOH HOH A . 
C 3 HOH 57  257 72  HOH HOH A . 
C 3 HOH 58  258 73  HOH HOH A . 
C 3 HOH 59  259 74  HOH HOH A . 
C 3 HOH 60  260 75  HOH HOH A . 
C 3 HOH 61  261 76  HOH HOH A . 
C 3 HOH 62  262 77  HOH HOH A . 
C 3 HOH 63  263 79  HOH HOH A . 
C 3 HOH 64  264 81  HOH HOH A . 
C 3 HOH 65  265 82  HOH HOH A . 
C 3 HOH 66  266 83  HOH HOH A . 
C 3 HOH 67  267 85  HOH HOH A . 
C 3 HOH 68  268 86  HOH HOH A . 
C 3 HOH 69  269 89  HOH HOH A . 
C 3 HOH 70  270 90  HOH HOH A . 
C 3 HOH 71  271 91  HOH HOH A . 
C 3 HOH 72  272 92  HOH HOH A . 
C 3 HOH 73  273 93  HOH HOH A . 
C 3 HOH 74  274 94  HOH HOH A . 
C 3 HOH 75  275 95  HOH HOH A . 
C 3 HOH 76  276 96  HOH HOH A . 
C 3 HOH 77  277 98  HOH HOH A . 
C 3 HOH 78  278 99  HOH HOH A . 
C 3 HOH 79  279 100 HOH HOH A . 
C 3 HOH 80  280 103 HOH HOH A . 
C 3 HOH 81  281 104 HOH HOH A . 
C 3 HOH 82  282 105 HOH HOH A . 
C 3 HOH 83  283 106 HOH HOH A . 
C 3 HOH 84  284 107 HOH HOH A . 
C 3 HOH 85  285 108 HOH HOH A . 
C 3 HOH 86  286 109 HOH HOH A . 
C 3 HOH 87  287 110 HOH HOH A . 
C 3 HOH 88  288 111 HOH HOH A . 
C 3 HOH 89  289 113 HOH HOH A . 
C 3 HOH 90  290 114 HOH HOH A . 
C 3 HOH 91  291 115 HOH HOH A . 
C 3 HOH 92  292 116 HOH HOH A . 
C 3 HOH 93  293 117 HOH HOH A . 
C 3 HOH 94  294 118 HOH HOH A . 
C 3 HOH 95  295 119 HOH HOH A . 
C 3 HOH 96  296 120 HOH HOH A . 
C 3 HOH 97  297 121 HOH HOH A . 
C 3 HOH 98  298 122 HOH HOH A . 
C 3 HOH 99  299 124 HOH HOH A . 
C 3 HOH 100 300 125 HOH HOH A . 
C 3 HOH 101 301 126 HOH HOH A . 
C 3 HOH 102 302 127 HOH HOH A . 
C 3 HOH 103 303 128 HOH HOH A . 
C 3 HOH 104 304 129 HOH HOH A . 
C 3 HOH 105 305 130 HOH HOH A . 
C 3 HOH 106 306 131 HOH HOH A . 
C 3 HOH 107 307 132 HOH HOH A . 
C 3 HOH 108 308 134 HOH HOH A . 
C 3 HOH 109 309 135 HOH HOH A . 
C 3 HOH 110 310 136 HOH HOH A . 
C 3 HOH 111 311 140 HOH HOH A . 
C 3 HOH 112 312 141 HOH HOH A . 
C 3 HOH 113 313 142 HOH HOH A . 
C 3 HOH 114 314 144 HOH HOH A . 
C 3 HOH 115 315 145 HOH HOH A . 
C 3 HOH 116 316 146 HOH HOH A . 
C 3 HOH 117 317 147 HOH HOH A . 
C 3 HOH 118 318 148 HOH HOH A . 
C 3 HOH 119 319 149 HOH HOH A . 
C 3 HOH 120 320 150 HOH HOH A . 
C 3 HOH 121 321 151 HOH HOH A . 
C 3 HOH 122 322 152 HOH HOH A . 
C 3 HOH 123 323 154 HOH HOH A . 
C 3 HOH 124 324 155 HOH HOH A . 
C 3 HOH 125 325 156 HOH HOH A . 
C 3 HOH 126 326 157 HOH HOH A . 
C 3 HOH 127 327 158 HOH HOH A . 
C 3 HOH 128 328 159 HOH HOH A . 
C 3 HOH 129 329 160 HOH HOH A . 
C 3 HOH 130 330 161 HOH HOH A . 
C 3 HOH 131 331 162 HOH HOH A . 
C 3 HOH 132 332 164 HOH HOH A . 
C 3 HOH 133 333 165 HOH HOH A . 
C 3 HOH 134 334 166 HOH HOH A . 
C 3 HOH 135 335 167 HOH HOH A . 
C 3 HOH 136 336 168 HOH HOH A . 
C 3 HOH 137 337 169 HOH HOH A . 
C 3 HOH 138 338 170 HOH HOH A . 
C 3 HOH 139 339 171 HOH HOH A . 
C 3 HOH 140 340 172 HOH HOH A . 
C 3 HOH 141 341 173 HOH HOH A . 
C 3 HOH 142 342 174 HOH HOH A . 
C 3 HOH 143 343 175 HOH HOH A . 
D 3 HOH 1   101 1   HOH HOH B . 
D 3 HOH 2   102 4   HOH HOH B . 
D 3 HOH 3   103 17  HOH HOH B . 
D 3 HOH 4   104 18  HOH HOH B . 
D 3 HOH 5   105 22  HOH HOH B . 
D 3 HOH 6   106 27  HOH HOH B . 
D 3 HOH 7   107 33  HOH HOH B . 
D 3 HOH 8   108 40  HOH HOH B . 
D 3 HOH 9   109 45  HOH HOH B . 
D 3 HOH 10  110 50  HOH HOH B . 
D 3 HOH 11  111 52  HOH HOH B . 
D 3 HOH 12  112 54  HOH HOH B . 
D 3 HOH 13  113 56  HOH HOH B . 
D 3 HOH 14  114 59  HOH HOH B . 
D 3 HOH 15  115 60  HOH HOH B . 
D 3 HOH 16  116 78  HOH HOH B . 
D 3 HOH 17  117 80  HOH HOH B . 
D 3 HOH 18  118 84  HOH HOH B . 
D 3 HOH 19  119 87  HOH HOH B . 
D 3 HOH 20  120 88  HOH HOH B . 
D 3 HOH 21  121 97  HOH HOH B . 
D 3 HOH 22  122 101 HOH HOH B . 
D 3 HOH 23  123 102 HOH HOH B . 
D 3 HOH 24  124 112 HOH HOH B . 
D 3 HOH 25  125 123 HOH HOH B . 
D 3 HOH 26  126 133 HOH HOH B . 
D 3 HOH 27  127 137 HOH HOH B . 
D 3 HOH 28  128 138 HOH HOH B . 
D 3 HOH 29  129 139 HOH HOH B . 
D 3 HOH 30  130 143 HOH HOH B . 
D 3 HOH 31  131 153 HOH HOH B . 
D 3 HOH 32  132 163 HOH HOH B . 
# 
loop_
_software.pdbx_ordinal 
_software.name 
_software.version 
_software.date 
_software.type 
_software.contact_author 
_software.contact_author_email 
_software.classification 
_software.location 
_software.language 
_software.citation_id 
1 DENZO       .       ?                package 'Zbyszek Otwinowski' hkl@hkl-xray.com         'data reduction'  
http://www.hkl-xray.com/                  ?                ? 
2 SCALEPACK   .       ?                package 'Zbyszek Otwinowski' hkl@hkl-xray.com         'data scaling'    
http://www.hkl-xray.com/                  ?                ? 
3 SnB         .       ?                package 'Charles M. Weeks'   bnp-help@hwi.buffalo.edu phasing           
http://www.hwi.buffalo.edu/BnP/           'Java & Fortran' ? 
4 PHENIX      1.7_650 ?                package 'Paul D. Adams'      PDAdams@lbl.gov          refinement        
http://www.phenix-online.org/             C++              ? 
5 PDB_EXTRACT 3.11    'April 22, 2011' package PDB                  deposit@deposit.rcsb.org 'data extraction' 
http://sw-tools.pdb.org/apps/PDB_EXTRACT/ C++              ? 
6 HKL-2000    .       ?                ?       ?                    ?                        'data collection' ? ?                
? 
7 HKL-2000    .       ?                ?       ?                    ?                        'data reduction'  ? ?                
? 
8 HKL-2000    .       ?                ?       ?                    ?                        'data scaling'    ? ?                
? 
# 
_cell.length_a           44.870 
_cell.length_b           57.390 
_cell.length_c           66.170 
_cell.angle_alpha        90.000 
_cell.angle_beta         90.000 
_cell.angle_gamma        90.000 
_cell.entry_id           4HIK 
_cell.pdbx_unique_axis   ? 
_cell.Z_PDB              4 
_cell.length_a_esd       ? 
_cell.length_b_esd       ? 
_cell.length_c_esd       ? 
_cell.angle_alpha_esd    ? 
_cell.angle_beta_esd     ? 
_cell.angle_gamma_esd    ? 
# 
_symmetry.space_group_name_H-M             'P 21 21 21' 
_symmetry.entry_id                         4HIK 
_symmetry.Int_Tables_number                19 
_symmetry.pdbx_full_space_group_name_H-M   ? 
_symmetry.cell_setting                     ? 
_symmetry.space_group_name_Hall            ? 
# 
_exptl.crystals_number   1 
_exptl.entry_id          4HIK 
_exptl.method            'X-RAY DIFFRACTION' 
# 
_exptl_crystal.id                    1 
_exptl_crystal.density_Matthews      2.12 
_exptl_crystal.density_meas          ? 
_exptl_crystal.density_percent_sol   41.93 
_exptl_crystal.description           ? 
_exptl_crystal.F_000                 ? 
_exptl_crystal.preparation           ? 
# 
_exptl_crystal_grow.crystal_id      1 
_exptl_crystal_grow.method          'VAPOR DIFFUSION, HANGING DROP' 
_exptl_crystal_grow.pH              7 
_exptl_crystal_grow.temp            290 
_exptl_crystal_grow.pdbx_details    
'25% w/V PEG 4000, 0.2M ammonium formate, pH 7, VAPOR DIFFUSION, HANGING DROP, temperature 290K' 
_exptl_crystal_grow.temp_details    ? 
_exptl_crystal_grow.pdbx_pH_range   ? 
# 
_diffrn.id                     1 
_diffrn.ambient_temp           100 
_diffrn.ambient_temp_details   ? 
_diffrn.crystal_id             1 
# 
_diffrn_detector.diffrn_id              1 
_diffrn_detector.detector               CCD 
_diffrn_detector.type                   'ADSC QUANTUM 315r' 
_diffrn_detector.pdbx_collection_date   2011-10-05 
_diffrn_detector.details                ? 
# 
_diffrn_radiation.diffrn_id                        1 
_diffrn_radiation.pdbx_diffrn_protocol             MAD 
_diffrn_radiation.monochromator                    'Double crystal, Si(111)' 
_diffrn_radiation.wavelength_id                    1 
_diffrn_radiation.pdbx_monochromatic_or_laue_m_l   M 
_diffrn_radiation.pdbx_scattering_type             x-ray 
# 
loop_
_diffrn_radiation_wavelength.id 
_diffrn_radiation_wavelength.wavelength 
_diffrn_radiation_wavelength.wt 
1 0.9799 1.0 
2 0.9801 1.0 
3 0.9428 1.0 
# 
_diffrn_source.diffrn_id                   1 
_diffrn_source.source                      SYNCHROTRON 
_diffrn_source.type                        'ALS BEAMLINE 8.2.1' 
_diffrn_source.pdbx_wavelength_list        '0.9799, 0.9801, 0.9428' 
_diffrn_source.pdbx_wavelength             ? 
_diffrn_source.pdbx_synchrotron_site       ALS 
_diffrn_source.pdbx_synchrotron_beamline   8.2.1 
# 
_reflns.entry_id                     4HIK 
_reflns.d_resolution_high            1.6360 
_reflns.d_resolution_low             50.000 
_reflns.number_obs                   ? 
_reflns.pdbx_Rmerge_I_obs            0.041 
_reflns.pdbx_netI_over_sigmaI        26.400 
_reflns.pdbx_chi_squared             2.050 
_reflns.pdbx_redundancy              4.500 
_reflns.percent_possible_obs         99.100 
_reflns.observed_criterion_sigma_F   -3 
_reflns.observed_criterion_sigma_I   -3 
_reflns.number_all                   ? 
_reflns.pdbx_Rsym_value              ? 
_reflns.B_iso_Wilson_estimate        ? 
_reflns.R_free_details               ? 
_reflns.limit_h_max                  ? 
_reflns.limit_h_min                  ? 
_reflns.limit_k_max                  ? 
_reflns.limit_k_min                  ? 
_reflns.limit_l_max                  ? 
_reflns.limit_l_min                  ? 
_reflns.observed_criterion_F_max     ? 
_reflns.observed_criterion_F_min     ? 
_reflns.pdbx_scaling_rejects         ? 
_reflns.pdbx_ordinal                 1 
_reflns.pdbx_diffrn_id               1 
# 
loop_
_reflns_shell.d_res_high 
_reflns_shell.d_res_low 
_reflns_shell.number_measured_obs 
_reflns_shell.number_measured_all 
_reflns_shell.number_unique_obs 
_reflns_shell.Rmerge_I_obs 
_reflns_shell.meanI_over_sigI_obs 
_reflns_shell.pdbx_Rsym_value 
_reflns_shell.pdbx_chi_squared 
_reflns_shell.pdbx_redundancy 
_reflns_shell.percent_possible_obs 
_reflns_shell.number_unique_all 
_reflns_shell.percent_possible_all 
_reflns_shell.pdbx_ordinal 
_reflns_shell.pdbx_diffrn_id 
1.640 1.670  ? ? ? 0.134 ? ? 1.403 3.600 ? 1916 93.800  1  1 
1.670 1.700  ? ? ? 0.125 ? ? 1.558 3.800 ? 1943 97.400  2  1 
1.700 1.730  ? ? ? 0.118 ? ? 1.603 4.000 ? 1965 96.500  3  1 
1.730 1.770  ? ? ? 0.105 ? ? 1.577 4.200 ? 1983 99.300  4  1 
1.770 1.810  ? ? ? 0.096 ? ? 1.522 4.500 ? 2023 99.600  5  1 
1.810 1.850  ? ? ? 0.086 ? ? 1.612 4.700 ? 2022 99.700  6  1 
1.850 1.890  ? ? ? 0.078 ? ? 1.893 4.600 ? 2047 99.700  7  1 
1.890 1.940  ? ? ? 0.075 ? ? 2.057 4.600 ? 1993 99.800  8  1 
1.940 2.000  ? ? ? 0.060 ? ? 1.974 4.600 ? 2031 99.800  9  1 
2.000 2.070  ? ? ? 0.056 ? ? 2.138 4.600 ? 2017 99.900  10 1 
2.070 2.140  ? ? ? 0.053 ? ? 2.095 4.600 ? 2032 99.700  11 1 
2.140 2.230  ? ? ? 0.050 ? ? 2.122 4.700 ? 2016 99.800  12 1 
2.230 2.330  ? ? ? 0.047 ? ? 2.232 4.600 ? 2023 99.800  13 1 
2.330 2.450  ? ? ? 0.043 ? ? 2.081 4.700 ? 2018 99.900  14 1 
2.450 2.600  ? ? ? 0.041 ? ? 2.131 4.700 ? 2026 100.000 15 1 
2.600 2.800  ? ? ? 0.043 ? ? 2.547 4.600 ? 2029 100.000 16 1 
2.800 3.090  ? ? ? 0.041 ? ? 2.887 4.600 ? 2015 100.000 17 1 
3.090 3.530  ? ? ? 0.040 ? ? 3.066 4.600 ? 2019 99.800  18 1 
3.530 4.450  ? ? ? 0.032 ? ? 2.567 4.500 ? 2023 99.200  19 1 
4.450 50.000 ? ? ? 0.024 ? ? 1.472 4.600 ? 2008 98.500  20 1 
# 
_refine.entry_id                                 4HIK 
_refine.ls_d_res_high                            1.6360 
_refine.ls_d_res_low                             35.3480 
_refine.pdbx_ls_sigma_F                          0.050 
_refine.pdbx_data_cutoff_high_absF               ? 
_refine.pdbx_data_cutoff_low_absF                ? 
_refine.ls_percent_reflns_obs                    96.6200 
_refine.ls_number_reflns_obs                     21007 
_refine.ls_number_reflns_all                     21007 
_refine.pdbx_ls_cross_valid_method               ? 
_refine.pdbx_R_Free_selection_details            random 
_refine.details                                  ? 
_refine.ls_R_factor_all                          0.1947 
_refine.ls_R_factor_obs                          0.1947 
_refine.ls_R_factor_R_work                       0.1935 
_refine.ls_wR_factor_R_work                      ? 
_refine.ls_R_factor_R_free                       0.2157 
_refine.ls_wR_factor_R_free                      ? 
_refine.ls_percent_reflns_R_free                 5.0000 
_refine.ls_number_reflns_R_free                  1051 
_refine.ls_R_factor_R_free_error                 ? 
_refine.B_iso_mean                               18.4056 
_refine.solvent_model_param_bsol                 31.9040 
_refine.solvent_model_param_ksol                 0.3580 
_refine.pdbx_isotropic_thermal_model             ? 
_refine.aniso_B[1][1]                            4.0568 
_refine.aniso_B[2][2]                            -3.0854 
_refine.aniso_B[3][3]                            -2.9514 
_refine.aniso_B[1][2]                            -0.0000 
_refine.aniso_B[1][3]                            -0.0000 
_refine.aniso_B[2][3]                            0.0000 
_refine.correlation_coeff_Fo_to_Fc               ? 
_refine.correlation_coeff_Fo_to_Fc_free          ? 
_refine.overall_SU_R_Cruickshank_DPI             ? 
_refine.overall_SU_R_free                        ? 
_refine.pdbx_overall_ESU_R                       ? 
_refine.pdbx_overall_ESU_R_Free                  ? 
_refine.overall_SU_ML                            0.1900 
_refine.overall_SU_B                             ? 
_refine.solvent_model_details                    'FLAT BULK SOLVENT MODEL' 
_refine.pdbx_solvent_vdw_probe_radii             1.1100 
_refine.pdbx_solvent_ion_probe_radii             ? 
_refine.pdbx_solvent_shrinkage_radii             0.9000 
_refine.ls_number_parameters                     ? 
_refine.ls_number_restraints                     ? 
_refine.pdbx_starting_model                      ? 
_refine.pdbx_method_to_determine_struct          MAD 
_refine.pdbx_stereochemistry_target_values       'Engh & Huber' 
_refine.pdbx_stereochem_target_val_spec_case     ? 
_refine.overall_FOM_work_R_set                   ? 
_refine.B_iso_max                                70.030 
_refine.B_iso_min                                4.690 
_refine.pdbx_overall_phase_error                 19.5000 
_refine.occupancy_max                            1.000 
_refine.occupancy_min                            0.400 
_refine.pdbx_ls_sigma_I                          ? 
_refine.ls_redundancy_reflns_obs                 ? 
_refine.ls_R_factor_R_free_error_details         ? 
_refine.pdbx_data_cutoff_high_rms_absF           ? 
_refine.overall_FOM_free_R_set                   ? 
_refine.pdbx_diffrn_id                           1 
_refine.pdbx_refine_id                           'X-RAY DIFFRACTION' 
_refine.pdbx_TLS_residual_ADP_flag               ? 
_refine.pdbx_overall_SU_R_free_Cruickshank_DPI   ? 
_refine.pdbx_overall_SU_R_Blow_DPI               ? 
_refine.pdbx_overall_SU_R_free_Blow_DPI          ? 
# 
_refine_hist.pdbx_refine_id                   'X-RAY DIFFRACTION' 
_refine_hist.cycle_id                         LAST 
_refine_hist.pdbx_number_atoms_protein        1169 
_refine_hist.pdbx_number_atoms_nucleic_acid   185 
_refine_hist.pdbx_number_atoms_ligand         0 
_refine_hist.number_atoms_solvent             175 
_refine_hist.number_atoms_total               1529 
_refine_hist.d_res_high                       1.6360 
_refine_hist.d_res_low                        35.3480 
# 
loop_
_refine_ls_restr.type 
_refine_ls_restr.number 
_refine_ls_restr.dev_ideal 
_refine_ls_restr.dev_ideal_target 
_refine_ls_restr.weight 
_refine_ls_restr.pdbx_restraint_function 
_refine_ls_restr.pdbx_refine_id 
f_bond_d           1413 0.006  ? ? ? 'X-RAY DIFFRACTION' 
f_angle_d          1949 1.058  ? ? ? 'X-RAY DIFFRACTION' 
f_chiral_restr     202  0.075  ? ? ? 'X-RAY DIFFRACTION' 
f_plane_restr      215  0.004  ? ? ? 'X-RAY DIFFRACTION' 
f_dihedral_angle_d 536  15.952 ? ? ? 'X-RAY DIFFRACTION' 
# 
loop_
_refine_ls_shell.d_res_high 
_refine_ls_shell.d_res_low 
_refine_ls_shell.pdbx_total_number_of_bins_used 
_refine_ls_shell.percent_reflns_obs 
_refine_ls_shell.number_reflns_R_work 
_refine_ls_shell.R_factor_all 
_refine_ls_shell.R_factor_R_work 
_refine_ls_shell.R_factor_R_free 
_refine_ls_shell.percent_reflns_R_free 
_refine_ls_shell.number_reflns_R_free 
_refine_ls_shell.R_factor_R_free_error 
_refine_ls_shell.number_reflns_all 
_refine_ls_shell.number_reflns_obs 
_refine_ls_shell.redundancy_reflns_obs 
_refine_ls_shell.pdbx_refine_id 
1.6357 1.7101  8 84.0000  2121 . 0.2376 0.2890 . 111 . 2232 . . 'X-RAY DIFFRACTION' 
1.7101 1.8003  8 95.0000  2439 . 0.2070 0.2574 . 129 . 2568 . . 'X-RAY DIFFRACTION' 
1.8003 1.9131  8 98.0000  2482 . 0.1852 0.2213 . 131 . 2613 . . 'X-RAY DIFFRACTION' 
1.9131 2.0608  8 98.0000  2503 . 0.1752 0.1840 . 131 . 2634 . . 'X-RAY DIFFRACTION' 
2.0608 2.2681  8 99.0000  2533 . 0.1875 0.2147 . 134 . 2667 . . 'X-RAY DIFFRACTION' 
2.2681 2.5963  8 100.0000 2585 . 0.1986 0.2238 . 135 . 2720 . . 'X-RAY DIFFRACTION' 
2.5963 3.2706  8 100.0000 2591 . 0.2071 0.2261 . 137 . 2728 . . 'X-RAY DIFFRACTION' 
3.2706 35.3567 8 99.0000  2702 . 0.1847 0.1979 . 143 . 2845 . . 'X-RAY DIFFRACTION' 
# 
_struct.entry_id                  4HIK 
_struct.title                     'Crystal Structure of Schizosaccharomyces pombe Pot1pC bound to ssDNA (GGTTACGGT)' 
_struct.pdbx_model_details        ? 
_struct.pdbx_CASP_flag            ? 
_struct.pdbx_model_type_details   ? 
# 
_struct_keywords.entry_id        4HIK 
_struct_keywords.text            
'specificity, plasticity, promiscuity, OB-fold, ssDNA binding, single-stranded telomeric DNA, DNA BINDING PROTEIN' 
_struct_keywords.pdbx_keywords   'DNA BINDING PROTEIN' 
# 
loop_
_struct_asym.id 
_struct_asym.pdbx_blank_PDB_chainid_flag 
_struct_asym.pdbx_modified 
_struct_asym.entity_id 
_struct_asym.details 
A N N 1 ? 
B N N 2 ? 
C N N 3 ? 
D N N 3 ? 
# 
loop_
_struct_ref.id 
_struct_ref.db_name 
_struct_ref.db_code 
_struct_ref.pdbx_db_accession 
_struct_ref.entity_id 
_struct_ref.pdbx_seq_one_letter_code 
_struct_ref.pdbx_align_begin 
_struct_ref.pdbx_db_isoform 
1 UNP POT1_SCHPO O13988 1 
;SVSFSLLSQITPHQRCSFYAQVIKTWYSDKNFTLYVTDYTENELFFPMSPYTSSSRWRGPFGRFSIRCILWDEHDFYCRN
YIKEGDYVVMKNVRTKIDHLGYLECILHGDSAKRYNMSIEKVDSEEPELNEIKSRKRLYVQN
;
198 ? 
2 PDB 4HIK       4HIK   2 ? ?   ? 
# 
loop_
_struct_ref_seq.align_id 
_struct_ref_seq.ref_id 
_struct_ref_seq.pdbx_PDB_id_code 
_struct_ref_seq.pdbx_strand_id 
_struct_ref_seq.seq_align_beg 
_struct_ref_seq.pdbx_seq_align_beg_ins_code 
_struct_ref_seq.seq_align_end 
_struct_ref_seq.pdbx_seq_align_end_ins_code 
_struct_ref_seq.pdbx_db_accession 
_struct_ref_seq.db_align_beg 
_struct_ref_seq.pdbx_db_align_beg_ins_code 
_struct_ref_seq.db_align_end 
_struct_ref_seq.pdbx_db_align_end_ins_code 
_struct_ref_seq.pdbx_auth_seq_align_beg 
_struct_ref_seq.pdbx_auth_seq_align_end 
1 1 4HIK A 2 ? 143 ? O13988 198 ? 339 ? 2 143 
2 2 4HIK B 1 ? 9   ? 4HIK   1   ? 9   ? 1 9   
# 
loop_
_struct_ref_seq_dif.align_id 
_struct_ref_seq_dif.pdbx_pdb_id_code 
_struct_ref_seq_dif.mon_id 
_struct_ref_seq_dif.pdbx_pdb_strand_id 
_struct_ref_seq_dif.seq_num 
_struct_ref_seq_dif.pdbx_pdb_ins_code 
_struct_ref_seq_dif.pdbx_seq_db_name 
_struct_ref_seq_dif.pdbx_seq_db_accession_code 
_struct_ref_seq_dif.db_mon_id 
_struct_ref_seq_dif.pdbx_seq_db_seq_num 
_struct_ref_seq_dif.details 
_struct_ref_seq_dif.pdbx_auth_seq_num 
_struct_ref_seq_dif.pdbx_ordinal 
1 4HIK MSE A 1 ? UNP O13988 ?   ?   'expression tag'      1 1 
1 4HIK ASP A 3 ? UNP O13988 VAL 199 'engineered mutation' 3 2 
# 
_pdbx_struct_assembly.id                   1 
_pdbx_struct_assembly.details              author_and_software_defined_assembly 
_pdbx_struct_assembly.method_details       PISA 
_pdbx_struct_assembly.oligomeric_details   dimeric 
_pdbx_struct_assembly.oligomeric_count     2 
# 
loop_
_pdbx_struct_assembly_prop.biol_id 
_pdbx_struct_assembly_prop.type 
_pdbx_struct_assembly_prop.value 
_pdbx_struct_assembly_prop.details 
1 'ABSA (A^2)' 2070 ? 
1 MORE         -7   ? 
1 'SSA (A^2)'  8660 ? 
# 
_pdbx_struct_assembly_gen.assembly_id       1 
_pdbx_struct_assembly_gen.oper_expression   1 
_pdbx_struct_assembly_gen.asym_id_list      A,B,C,D 
# 
_pdbx_struct_oper_list.id                   1 
_pdbx_struct_oper_list.type                 'identity operation' 
_pdbx_struct_oper_list.name                 1_555 
_pdbx_struct_oper_list.symmetry_operation   x,y,z 
_pdbx_struct_oper_list.matrix[1][1]         1.0000000000 
_pdbx_struct_oper_list.matrix[1][2]         0.0000000000 
_pdbx_struct_oper_list.matrix[1][3]         0.0000000000 
_pdbx_struct_oper_list.vector[1]            0.0000000000 
_pdbx_struct_oper_list.matrix[2][1]         0.0000000000 
_pdbx_struct_oper_list.matrix[2][2]         1.0000000000 
_pdbx_struct_oper_list.matrix[2][3]         0.0000000000 
_pdbx_struct_oper_list.vector[2]            0.0000000000 
_pdbx_struct_oper_list.matrix[3][1]         0.0000000000 
_pdbx_struct_oper_list.matrix[3][2]         0.0000000000 
_pdbx_struct_oper_list.matrix[3][3]         1.0000000000 
_pdbx_struct_oper_list.vector[3]            0.0000000000 
# 
_struct_biol.id        1 
_struct_biol.details   ? 
# 
loop_
_struct_conf.conf_type_id 
_struct_conf.id 
_struct_conf.pdbx_PDB_helix_id 
_struct_conf.beg_label_comp_id 
_struct_conf.beg_label_asym_id 
_struct_conf.beg_label_seq_id 
_struct_conf.pdbx_beg_PDB_ins_code 
_struct_conf.end_label_comp_id 
_struct_conf.end_label_asym_id 
_struct_conf.end_label_seq_id 
_struct_conf.pdbx_end_PDB_ins_code 
_struct_conf.beg_auth_comp_id 
_struct_conf.beg_auth_asym_id 
_struct_conf.beg_auth_seq_id 
_struct_conf.end_auth_comp_id 
_struct_conf.end_auth_asym_id 
_struct_conf.end_auth_seq_id 
_struct_conf.pdbx_PDB_helix_class 
_struct_conf.details 
_struct_conf.pdbx_PDB_helix_length 
HELX_P HELX_P1 1 LEU A 7   ? ILE A 11  ? LEU A 7   ILE A 11  5 ? 5 
HELX_P HELX_P2 2 TRP A 72  ? ARG A 80  ? TRP A 72  ARG A 80  1 ? 9 
HELX_P HELX_P3 3 GLU A 127 ? GLU A 129 ? GLU A 127 GLU A 129 5 ? 3 
HELX_P HELX_P4 4 LEU A 130 ? ARG A 138 ? LEU A 130 ARG A 138 1 ? 9 
HELX_P HELX_P5 5 LEU A 139 ? VAL A 141 ? LEU A 139 VAL A 141 5 ? 3 
# 
_struct_conf_type.id          HELX_P 
_struct_conf_type.criteria    ? 
_struct_conf_type.reference   ? 
# 
loop_
_struct_conn.id 
_struct_conn.conn_type_id 
_struct_conn.pdbx_leaving_atom_flag 
_struct_conn.pdbx_PDB_id 
_struct_conn.ptnr1_label_asym_id 
_struct_conn.ptnr1_label_comp_id 
_struct_conn.ptnr1_label_seq_id 
_struct_conn.ptnr1_label_atom_id 
_struct_conn.pdbx_ptnr1_label_alt_id 
_struct_conn.pdbx_ptnr1_PDB_ins_code 
_struct_conn.pdbx_ptnr1_standard_comp_id 
_struct_conn.ptnr1_symmetry 
_struct_conn.ptnr2_label_asym_id 
_struct_conn.ptnr2_label_comp_id 
_struct_conn.ptnr2_label_seq_id 
_struct_conn.ptnr2_label_atom_id 
_struct_conn.pdbx_ptnr2_label_alt_id 
_struct_conn.pdbx_ptnr2_PDB_ins_code 
_struct_conn.ptnr1_auth_asym_id 
_struct_conn.ptnr1_auth_comp_id 
_struct_conn.ptnr1_auth_seq_id 
_struct_conn.ptnr2_auth_asym_id 
_struct_conn.ptnr2_auth_comp_id 
_struct_conn.ptnr2_auth_seq_id 
_struct_conn.ptnr2_symmetry 
_struct_conn.pdbx_ptnr3_label_atom_id 
_struct_conn.pdbx_ptnr3_label_seq_id 
_struct_conn.pdbx_ptnr3_label_comp_id 
_struct_conn.pdbx_ptnr3_label_asym_id 
_struct_conn.pdbx_ptnr3_label_alt_id 
_struct_conn.pdbx_ptnr3_PDB_ins_code 
_struct_conn.details 
_struct_conn.pdbx_dist_value 
_struct_conn.pdbx_value_order 
_struct_conn.pdbx_role 
covale1 covale both ? A PRO 48  C  ? ? ? 1_555 A MSE 49  N  ? ? A PRO 48  A MSE 49  1_555 ? ? ? ? ? ? ?            1.328 ? ? 
covale2 covale both ? A MSE 49  C  ? ? ? 1_555 A SER 50  N  ? ? A MSE 49  A SER 50  1_555 ? ? ? ? ? ? ?            1.330 ? ? 
covale3 covale both ? A VAL 90  C  ? ? ? 1_555 A MSE 91  N  ? ? A VAL 90  A MSE 91  1_555 ? ? ? ? ? ? ?            1.325 ? ? 
covale4 covale both ? A MSE 91  C  ? ? ? 1_555 A LYS 92  N  ? ? A MSE 91  A LYS 92  1_555 ? ? ? ? ? ? ?            1.328 ? ? 
covale5 covale both ? A ASN 117 C  ? ? ? 1_555 A MSE 118 N  ? ? A ASN 117 A MSE 118 1_555 ? ? ? ? ? ? ?            1.327 ? ? 
covale6 covale both ? A MSE 118 C  ? ? ? 1_555 A SER 119 N  ? ? A MSE 118 A SER 119 1_555 ? ? ? ? ? ? ?            1.322 ? ? 
hydrog1 hydrog ?    ? B DT  4   O2 ? ? ? 1_555 B DA  5   N6 ? ? B DT  4   B DA  5   1_555 ? ? ? ? ? ? 'DT-DA PAIR' ?     ? ? 
# 
loop_
_struct_conn_type.id 
_struct_conn_type.criteria 
_struct_conn_type.reference 
covale ? ? 
hydrog ? ? 
# 
loop_
_pdbx_modification_feature.ordinal 
_pdbx_modification_feature.label_comp_id 
_pdbx_modification_feature.label_asym_id 
_pdbx_modification_feature.label_seq_id 
_pdbx_modification_feature.label_alt_id 
_pdbx_modification_feature.modified_residue_label_comp_id 
_pdbx_modification_feature.modified_residue_label_asym_id 
_pdbx_modification_feature.modified_residue_label_seq_id 
_pdbx_modification_feature.modified_residue_label_alt_id 
_pdbx_modification_feature.auth_comp_id 
_pdbx_modification_feature.auth_asym_id 
_pdbx_modification_feature.auth_seq_id 
_pdbx_modification_feature.PDB_ins_code 
_pdbx_modification_feature.symmetry 
_pdbx_modification_feature.modified_residue_auth_comp_id 
_pdbx_modification_feature.modified_residue_auth_asym_id 
_pdbx_modification_feature.modified_residue_auth_seq_id 
_pdbx_modification_feature.modified_residue_PDB_ins_code 
_pdbx_modification_feature.modified_residue_symmetry 
_pdbx_modification_feature.comp_id_linking_atom 
_pdbx_modification_feature.modified_residue_id_linking_atom 
_pdbx_modification_feature.modified_residue_id 
_pdbx_modification_feature.ref_pcm_id 
_pdbx_modification_feature.ref_comp_id 
_pdbx_modification_feature.type 
_pdbx_modification_feature.category 
1 MSE A 49  ? . . . . MSE A 49  ? 1_555 . . . . . . . MET 1 MSE Selenomethionine 'Named protein modification' 
2 MSE A 91  ? . . . . MSE A 91  ? 1_555 . . . . . . . MET 1 MSE Selenomethionine 'Named protein modification' 
3 MSE A 118 ? . . . . MSE A 118 ? 1_555 . . . . . . . MET 1 MSE Selenomethionine 'Named protein modification' 
# 
_struct_mon_prot_cis.pdbx_id                1 
_struct_mon_prot_cis.label_comp_id          GLY 
_struct_mon_prot_cis.label_seq_id           60 
_struct_mon_prot_cis.label_asym_id          A 
_struct_mon_prot_cis.label_alt_id           . 
_struct_mon_prot_cis.pdbx_PDB_ins_code      ? 
_struct_mon_prot_cis.auth_comp_id           GLY 
_struct_mon_prot_cis.auth_seq_id            60 
_struct_mon_prot_cis.auth_asym_id           A 
_struct_mon_prot_cis.pdbx_label_comp_id_2   PRO 
_struct_mon_prot_cis.pdbx_label_seq_id_2    61 
_struct_mon_prot_cis.pdbx_label_asym_id_2   A 
_struct_mon_prot_cis.pdbx_PDB_ins_code_2    ? 
_struct_mon_prot_cis.pdbx_auth_comp_id_2    PRO 
_struct_mon_prot_cis.pdbx_auth_seq_id_2     61 
_struct_mon_prot_cis.pdbx_auth_asym_id_2    A 
_struct_mon_prot_cis.pdbx_PDB_model_num     1 
_struct_mon_prot_cis.pdbx_omega_angle       -0.75 
# 
_struct_sheet.id               A 
_struct_sheet.type             ? 
_struct_sheet.number_strands   7 
_struct_sheet.details          ? 
# 
loop_
_struct_sheet_order.sheet_id 
_struct_sheet_order.range_id_1 
_struct_sheet_order.range_id_2 
_struct_sheet_order.offset 
_struct_sheet_order.sense 
A 1 2 ? anti-parallel 
A 2 3 ? anti-parallel 
A 3 4 ? parallel      
A 4 5 ? anti-parallel 
A 5 6 ? anti-parallel 
A 6 7 ? anti-parallel 
# 
loop_
_struct_sheet_range.sheet_id 
_struct_sheet_range.id 
_struct_sheet_range.beg_label_comp_id 
_struct_sheet_range.beg_label_asym_id 
_struct_sheet_range.beg_label_seq_id 
_struct_sheet_range.pdbx_beg_PDB_ins_code 
_struct_sheet_range.end_label_comp_id 
_struct_sheet_range.end_label_asym_id 
_struct_sheet_range.end_label_seq_id 
_struct_sheet_range.pdbx_end_PDB_ins_code 
_struct_sheet_range.beg_auth_comp_id 
_struct_sheet_range.beg_auth_asym_id 
_struct_sheet_range.beg_auth_seq_id 
_struct_sheet_range.end_auth_comp_id 
_struct_sheet_range.end_auth_asym_id 
_struct_sheet_range.end_auth_seq_id 
A 1 SER A 119 ? VAL A 123 ? SER A 119 VAL A 123 
A 2 TYR A 88  ? ILE A 98  ? TYR A 88  ILE A 98  
A 3 LEU A 104 ? LEU A 108 ? LEU A 104 LEU A 108 
A 4 ILE A 67  ? LEU A 71  ? ILE A 67  LEU A 71  
A 5 PHE A 33  ? THR A 38  ? PHE A 33  THR A 38  
A 6 ARG A 16  ? TYR A 28  ? ARG A 16  TYR A 28  
A 7 TYR A 88  ? ILE A 98  ? TYR A 88  ILE A 98  
# 
loop_
_pdbx_struct_sheet_hbond.sheet_id 
_pdbx_struct_sheet_hbond.range_id_1 
_pdbx_struct_sheet_hbond.range_id_2 
_pdbx_struct_sheet_hbond.range_1_label_atom_id 
_pdbx_struct_sheet_hbond.range_1_label_comp_id 
_pdbx_struct_sheet_hbond.range_1_label_asym_id 
_pdbx_struct_sheet_hbond.range_1_label_seq_id 
_pdbx_struct_sheet_hbond.range_1_PDB_ins_code 
_pdbx_struct_sheet_hbond.range_1_auth_atom_id 
_pdbx_struct_sheet_hbond.range_1_auth_comp_id 
_pdbx_struct_sheet_hbond.range_1_auth_asym_id 
_pdbx_struct_sheet_hbond.range_1_auth_seq_id 
_pdbx_struct_sheet_hbond.range_2_label_atom_id 
_pdbx_struct_sheet_hbond.range_2_label_comp_id 
_pdbx_struct_sheet_hbond.range_2_label_asym_id 
_pdbx_struct_sheet_hbond.range_2_label_seq_id 
_pdbx_struct_sheet_hbond.range_2_PDB_ins_code 
_pdbx_struct_sheet_hbond.range_2_auth_atom_id 
_pdbx_struct_sheet_hbond.range_2_auth_comp_id 
_pdbx_struct_sheet_hbond.range_2_auth_asym_id 
_pdbx_struct_sheet_hbond.range_2_auth_seq_id 
A 1 2 O SER A 119 ? O SER A 119 N LYS A 92  ? N LYS A 92  
A 2 3 N ARG A 95  ? N ARG A 95  O ILE A 107 ? O ILE A 107 
A 3 4 O CYS A 106 ? O CYS A 106 N ILE A 70  ? N ILE A 70  
A 4 5 O CYS A 69  ? O CYS A 69  N LEU A 35  ? N LEU A 35  
A 5 6 O TYR A 36  ? O TYR A 36  N ILE A 24  ? N ILE A 24  
A 6 7 N ALA A 21  ? N ALA A 21  O VAL A 89  ? O VAL A 89  
# 
_pdbx_entry_details.entry_id                   4HIK 
_pdbx_entry_details.compound_details           ? 
_pdbx_entry_details.source_details             ? 
_pdbx_entry_details.nonpolymer_details         ? 
_pdbx_entry_details.sequence_details           ? 
_pdbx_entry_details.has_ligand_of_interest     ? 
_pdbx_entry_details.has_protein_modification   Y 
# 
loop_
_pdbx_validate_close_contact.id 
_pdbx_validate_close_contact.PDB_model_num 
_pdbx_validate_close_contact.auth_atom_id_1 
_pdbx_validate_close_contact.auth_asym_id_1 
_pdbx_validate_close_contact.auth_comp_id_1 
_pdbx_validate_close_contact.auth_seq_id_1 
_pdbx_validate_close_contact.PDB_ins_code_1 
_pdbx_validate_close_contact.label_alt_id_1 
_pdbx_validate_close_contact.auth_atom_id_2 
_pdbx_validate_close_contact.auth_asym_id_2 
_pdbx_validate_close_contact.auth_comp_id_2 
_pdbx_validate_close_contact.auth_seq_id_2 
_pdbx_validate_close_contact.PDB_ins_code_2 
_pdbx_validate_close_contact.label_alt_id_2 
_pdbx_validate_close_contact.dist 
1 1 O A HOH 338 ? ? O A HOH 340 ? ? 2.01 
2 1 O A HOH 210 ? ? O A HOH 333 ? ? 2.15 
# 
loop_
_pdbx_validate_torsion.id 
_pdbx_validate_torsion.PDB_model_num 
_pdbx_validate_torsion.auth_comp_id 
_pdbx_validate_torsion.auth_asym_id 
_pdbx_validate_torsion.auth_seq_id 
_pdbx_validate_torsion.PDB_ins_code 
_pdbx_validate_torsion.label_alt_id 
_pdbx_validate_torsion.phi 
_pdbx_validate_torsion.psi 
1 1 ASP A 73 ? ? 56.22   -131.53 
2 1 TYR A 82 ? ? -130.33 -56.05  
# 
loop_
_pdbx_struct_mod_residue.id 
_pdbx_struct_mod_residue.label_asym_id 
_pdbx_struct_mod_residue.label_comp_id 
_pdbx_struct_mod_residue.label_seq_id 
_pdbx_struct_mod_residue.auth_asym_id 
_pdbx_struct_mod_residue.auth_comp_id 
_pdbx_struct_mod_residue.auth_seq_id 
_pdbx_struct_mod_residue.PDB_ins_code 
_pdbx_struct_mod_residue.parent_comp_id 
_pdbx_struct_mod_residue.details 
1 A MSE 49  A MSE 49  ? MET SELENOMETHIONINE 
2 A MSE 91  A MSE 91  ? MET SELENOMETHIONINE 
3 A MSE 118 A MSE 118 ? MET SELENOMETHIONINE 
# 
_diffrn_reflns.diffrn_id                   1 
_diffrn_reflns.pdbx_d_res_high             1.640 
_diffrn_reflns.pdbx_d_res_low              50.000 
_diffrn_reflns.pdbx_number_obs             40149 
_diffrn_reflns.pdbx_Rmerge_I_obs           0.041 
_diffrn_reflns.pdbx_Rsym_value             ? 
_diffrn_reflns.pdbx_chi_squared            2.05 
_diffrn_reflns.av_sigmaI_over_netI         50.20 
_diffrn_reflns.pdbx_redundancy             4.50 
_diffrn_reflns.pdbx_percent_possible_obs   99.10 
_diffrn_reflns.number                      179702 
_diffrn_reflns.pdbx_observed_criterion     ? 
_diffrn_reflns.limit_h_max                 ? 
_diffrn_reflns.limit_h_min                 ? 
_diffrn_reflns.limit_k_max                 ? 
_diffrn_reflns.limit_k_min                 ? 
_diffrn_reflns.limit_l_max                 ? 
_diffrn_reflns.limit_l_min                 ? 
# 
loop_
_pdbx_diffrn_reflns_shell.diffrn_id 
_pdbx_diffrn_reflns_shell.d_res_high 
_pdbx_diffrn_reflns_shell.d_res_low 
_pdbx_diffrn_reflns_shell.number_obs 
_pdbx_diffrn_reflns_shell.rejects 
_pdbx_diffrn_reflns_shell.Rmerge_I_obs 
_pdbx_diffrn_reflns_shell.Rsym_value 
_pdbx_diffrn_reflns_shell.chi_squared 
_pdbx_diffrn_reflns_shell.redundancy 
_pdbx_diffrn_reflns_shell.percent_possible_obs 
1 4.45 50.00 ? ? 0.024 ? 1.472 4.60 98.50  
1 3.53 4.45  ? ? 0.032 ? 2.567 4.50 99.20  
1 3.09 3.53  ? ? 0.040 ? 3.066 4.60 99.80  
1 2.80 3.09  ? ? 0.041 ? 2.887 4.60 100.00 
1 2.60 2.80  ? ? 0.043 ? 2.547 4.60 100.00 
1 2.45 2.60  ? ? 0.041 ? 2.131 4.70 100.00 
1 2.33 2.45  ? ? 0.043 ? 2.081 4.70 99.90  
1 2.23 2.33  ? ? 0.047 ? 2.232 4.60 99.80  
1 2.14 2.23  ? ? 0.050 ? 2.122 4.70 99.80  
1 2.07 2.14  ? ? 0.053 ? 2.095 4.60 99.70  
1 2.00 2.07  ? ? 0.056 ? 2.138 4.60 99.90  
1 1.94 2.00  ? ? 0.060 ? 1.974 4.60 99.80  
1 1.89 1.94  ? ? 0.075 ? 2.057 4.60 99.80  
1 1.85 1.89  ? ? 0.078 ? 1.893 4.60 99.70  
1 1.81 1.85  ? ? 0.086 ? 1.612 4.70 99.70  
1 1.77 1.81  ? ? 0.096 ? 1.522 4.50 99.60  
1 1.73 1.77  ? ? 0.105 ? 1.577 4.20 99.30  
1 1.70 1.73  ? ? 0.118 ? 1.603 4.00 96.50  
1 1.67 1.70  ? ? 0.125 ? 1.558 3.80 97.40  
1 1.64 1.67  ? ? 0.134 ? 1.403 3.60 93.80  
# 
loop_
_pdbx_phasing_MAD_set.id 
_pdbx_phasing_MAD_set.d_res_low 
_pdbx_phasing_MAD_set.d_res_high 
_pdbx_phasing_MAD_set.fom_centric 
_pdbx_phasing_MAD_set.fom_acentric 
_pdbx_phasing_MAD_set.fom 
_pdbx_phasing_MAD_set.R_cullis_centric 
_pdbx_phasing_MAD_set.R_kraut_acentric 
_pdbx_phasing_MAD_set.power 
PK_iso 1.74 5.74 0.376 0.247 0.263 0.641 0.035 1.130 
IP_iso 1.74 5.74 0.512 0.359 0.377 0.530 0.023 1.760 
# 
_phasing.method   MAD 
# 
_phasing_MAD.entry_id          4HIK 
_phasing_MAD.pdbx_d_res_high   1.74 
_phasing_MAD.pdbx_d_res_low    5.74 
_phasing_MAD.pdbx_fom          0.704 
_phasing_MAD.pdbx_reflns       17982 
# 
loop_
_pdbx_unobs_or_zero_occ_residues.id 
_pdbx_unobs_or_zero_occ_residues.PDB_model_num 
_pdbx_unobs_or_zero_occ_residues.polymer_flag 
_pdbx_unobs_or_zero_occ_residues.occupancy_flag 
_pdbx_unobs_or_zero_occ_residues.auth_asym_id 
_pdbx_unobs_or_zero_occ_residues.auth_comp_id 
_pdbx_unobs_or_zero_occ_residues.auth_seq_id 
_pdbx_unobs_or_zero_occ_residues.PDB_ins_code 
_pdbx_unobs_or_zero_occ_residues.label_asym_id 
_pdbx_unobs_or_zero_occ_residues.label_comp_id 
_pdbx_unobs_or_zero_occ_residues.label_seq_id 
1 1 Y 1 A MSE 1   ? A MSE 1   
2 1 Y 1 A SER 2   ? A SER 2   
3 1 Y 1 A ASP 3   ? A ASP 3   
4 1 Y 1 A GLN 142 ? A GLN 142 
5 1 Y 1 A ASN 143 ? A ASN 143 
# 
loop_
_chem_comp_atom.comp_id 
_chem_comp_atom.atom_id 
_chem_comp_atom.type_symbol 
_chem_comp_atom.pdbx_aromatic_flag 
_chem_comp_atom.pdbx_stereo_config 
_chem_comp_atom.pdbx_ordinal 
ALA N      N  N N 1   
ALA CA     C  N S 2   
ALA C      C  N N 3   
ALA O      O  N N 4   
ALA CB     C  N N 5   
ALA OXT    O  N N 6   
ALA H      H  N N 7   
ALA H2     H  N N 8   
ALA HA     H  N N 9   
ALA HB1    H  N N 10  
ALA HB2    H  N N 11  
ALA HB3    H  N N 12  
ALA HXT    H  N N 13  
ARG N      N  N N 14  
ARG CA     C  N S 15  
ARG C      C  N N 16  
ARG O      O  N N 17  
ARG CB     C  N N 18  
ARG CG     C  N N 19  
ARG CD     C  N N 20  
ARG NE     N  N N 21  
ARG CZ     C  N N 22  
ARG NH1    N  N N 23  
ARG NH2    N  N N 24  
ARG OXT    O  N N 25  
ARG H      H  N N 26  
ARG H2     H  N N 27  
ARG HA     H  N N 28  
ARG HB2    H  N N 29  
ARG HB3    H  N N 30  
ARG HG2    H  N N 31  
ARG HG3    H  N N 32  
ARG HD2    H  N N 33  
ARG HD3    H  N N 34  
ARG HE     H  N N 35  
ARG HH11   H  N N 36  
ARG HH12   H  N N 37  
ARG HH21   H  N N 38  
ARG HH22   H  N N 39  
ARG HXT    H  N N 40  
ASN N      N  N N 41  
ASN CA     C  N S 42  
ASN C      C  N N 43  
ASN O      O  N N 44  
ASN CB     C  N N 45  
ASN CG     C  N N 46  
ASN OD1    O  N N 47  
ASN ND2    N  N N 48  
ASN OXT    O  N N 49  
ASN H      H  N N 50  
ASN H2     H  N N 51  
ASN HA     H  N N 52  
ASN HB2    H  N N 53  
ASN HB3    H  N N 54  
ASN HD21   H  N N 55  
ASN HD22   H  N N 56  
ASN HXT    H  N N 57  
ASP N      N  N N 58  
ASP CA     C  N S 59  
ASP C      C  N N 60  
ASP O      O  N N 61  
ASP CB     C  N N 62  
ASP CG     C  N N 63  
ASP OD1    O  N N 64  
ASP OD2    O  N N 65  
ASP OXT    O  N N 66  
ASP H      H  N N 67  
ASP H2     H  N N 68  
ASP HA     H  N N 69  
ASP HB2    H  N N 70  
ASP HB3    H  N N 71  
ASP HD2    H  N N 72  
ASP HXT    H  N N 73  
CYS N      N  N N 74  
CYS CA     C  N R 75  
CYS C      C  N N 76  
CYS O      O  N N 77  
CYS CB     C  N N 78  
CYS SG     S  N N 79  
CYS OXT    O  N N 80  
CYS H      H  N N 81  
CYS H2     H  N N 82  
CYS HA     H  N N 83  
CYS HB2    H  N N 84  
CYS HB3    H  N N 85  
CYS HG     H  N N 86  
CYS HXT    H  N N 87  
DA  OP3    O  N N 88  
DA  P      P  N N 89  
DA  OP1    O  N N 90  
DA  OP2    O  N N 91  
DA  "O5'"  O  N N 92  
DA  "C5'"  C  N N 93  
DA  "C4'"  C  N R 94  
DA  "O4'"  O  N N 95  
DA  "C3'"  C  N S 96  
DA  "O3'"  O  N N 97  
DA  "C2'"  C  N N 98  
DA  "C1'"  C  N R 99  
DA  N9     N  Y N 100 
DA  C8     C  Y N 101 
DA  N7     N  Y N 102 
DA  C5     C  Y N 103 
DA  C6     C  Y N 104 
DA  N6     N  N N 105 
DA  N1     N  Y N 106 
DA  C2     C  Y N 107 
DA  N3     N  Y N 108 
DA  C4     C  Y N 109 
DA  HOP3   H  N N 110 
DA  HOP2   H  N N 111 
DA  "H5'"  H  N N 112 
DA  "H5''" H  N N 113 
DA  "H4'"  H  N N 114 
DA  "H3'"  H  N N 115 
DA  "HO3'" H  N N 116 
DA  "H2'"  H  N N 117 
DA  "H2''" H  N N 118 
DA  "H1'"  H  N N 119 
DA  H8     H  N N 120 
DA  H61    H  N N 121 
DA  H62    H  N N 122 
DA  H2     H  N N 123 
DC  OP3    O  N N 124 
DC  P      P  N N 125 
DC  OP1    O  N N 126 
DC  OP2    O  N N 127 
DC  "O5'"  O  N N 128 
DC  "C5'"  C  N N 129 
DC  "C4'"  C  N R 130 
DC  "O4'"  O  N N 131 
DC  "C3'"  C  N S 132 
DC  "O3'"  O  N N 133 
DC  "C2'"  C  N N 134 
DC  "C1'"  C  N R 135 
DC  N1     N  N N 136 
DC  C2     C  N N 137 
DC  O2     O  N N 138 
DC  N3     N  N N 139 
DC  C4     C  N N 140 
DC  N4     N  N N 141 
DC  C5     C  N N 142 
DC  C6     C  N N 143 
DC  HOP3   H  N N 144 
DC  HOP2   H  N N 145 
DC  "H5'"  H  N N 146 
DC  "H5''" H  N N 147 
DC  "H4'"  H  N N 148 
DC  "H3'"  H  N N 149 
DC  "HO3'" H  N N 150 
DC  "H2'"  H  N N 151 
DC  "H2''" H  N N 152 
DC  "H1'"  H  N N 153 
DC  H41    H  N N 154 
DC  H42    H  N N 155 
DC  H5     H  N N 156 
DC  H6     H  N N 157 
DG  OP3    O  N N 158 
DG  P      P  N N 159 
DG  OP1    O  N N 160 
DG  OP2    O  N N 161 
DG  "O5'"  O  N N 162 
DG  "C5'"  C  N N 163 
DG  "C4'"  C  N R 164 
DG  "O4'"  O  N N 165 
DG  "C3'"  C  N S 166 
DG  "O3'"  O  N N 167 
DG  "C2'"  C  N N 168 
DG  "C1'"  C  N R 169 
DG  N9     N  Y N 170 
DG  C8     C  Y N 171 
DG  N7     N  Y N 172 
DG  C5     C  Y N 173 
DG  C6     C  N N 174 
DG  O6     O  N N 175 
DG  N1     N  N N 176 
DG  C2     C  N N 177 
DG  N2     N  N N 178 
DG  N3     N  N N 179 
DG  C4     C  Y N 180 
DG  HOP3   H  N N 181 
DG  HOP2   H  N N 182 
DG  "H5'"  H  N N 183 
DG  "H5''" H  N N 184 
DG  "H4'"  H  N N 185 
DG  "H3'"  H  N N 186 
DG  "HO3'" H  N N 187 
DG  "H2'"  H  N N 188 
DG  "H2''" H  N N 189 
DG  "H1'"  H  N N 190 
DG  H8     H  N N 191 
DG  H1     H  N N 192 
DG  H21    H  N N 193 
DG  H22    H  N N 194 
DT  OP3    O  N N 195 
DT  P      P  N N 196 
DT  OP1    O  N N 197 
DT  OP2    O  N N 198 
DT  "O5'"  O  N N 199 
DT  "C5'"  C  N N 200 
DT  "C4'"  C  N R 201 
DT  "O4'"  O  N N 202 
DT  "C3'"  C  N S 203 
DT  "O3'"  O  N N 204 
DT  "C2'"  C  N N 205 
DT  "C1'"  C  N R 206 
DT  N1     N  N N 207 
DT  C2     C  N N 208 
DT  O2     O  N N 209 
DT  N3     N  N N 210 
DT  C4     C  N N 211 
DT  O4     O  N N 212 
DT  C5     C  N N 213 
DT  C7     C  N N 214 
DT  C6     C  N N 215 
DT  HOP3   H  N N 216 
DT  HOP2   H  N N 217 
DT  "H5'"  H  N N 218 
DT  "H5''" H  N N 219 
DT  "H4'"  H  N N 220 
DT  "H3'"  H  N N 221 
DT  "HO3'" H  N N 222 
DT  "H2'"  H  N N 223 
DT  "H2''" H  N N 224 
DT  "H1'"  H  N N 225 
DT  H3     H  N N 226 
DT  H71    H  N N 227 
DT  H72    H  N N 228 
DT  H73    H  N N 229 
DT  H6     H  N N 230 
GLN N      N  N N 231 
GLN CA     C  N S 232 
GLN C      C  N N 233 
GLN O      O  N N 234 
GLN CB     C  N N 235 
GLN CG     C  N N 236 
GLN CD     C  N N 237 
GLN OE1    O  N N 238 
GLN NE2    N  N N 239 
GLN OXT    O  N N 240 
GLN H      H  N N 241 
GLN H2     H  N N 242 
GLN HA     H  N N 243 
GLN HB2    H  N N 244 
GLN HB3    H  N N 245 
GLN HG2    H  N N 246 
GLN HG3    H  N N 247 
GLN HE21   H  N N 248 
GLN HE22   H  N N 249 
GLN HXT    H  N N 250 
GLU N      N  N N 251 
GLU CA     C  N S 252 
GLU C      C  N N 253 
GLU O      O  N N 254 
GLU CB     C  N N 255 
GLU CG     C  N N 256 
GLU CD     C  N N 257 
GLU OE1    O  N N 258 
GLU OE2    O  N N 259 
GLU OXT    O  N N 260 
GLU H      H  N N 261 
GLU H2     H  N N 262 
GLU HA     H  N N 263 
GLU HB2    H  N N 264 
GLU HB3    H  N N 265 
GLU HG2    H  N N 266 
GLU HG3    H  N N 267 
GLU HE2    H  N N 268 
GLU HXT    H  N N 269 
GLY N      N  N N 270 
GLY CA     C  N N 271 
GLY C      C  N N 272 
GLY O      O  N N 273 
GLY OXT    O  N N 274 
GLY H      H  N N 275 
GLY H2     H  N N 276 
GLY HA2    H  N N 277 
GLY HA3    H  N N 278 
GLY HXT    H  N N 279 
HIS N      N  N N 280 
HIS CA     C  N S 281 
HIS C      C  N N 282 
HIS O      O  N N 283 
HIS CB     C  N N 284 
HIS CG     C  Y N 285 
HIS ND1    N  Y N 286 
HIS CD2    C  Y N 287 
HIS CE1    C  Y N 288 
HIS NE2    N  Y N 289 
HIS OXT    O  N N 290 
HIS H      H  N N 291 
HIS H2     H  N N 292 
HIS HA     H  N N 293 
HIS HB2    H  N N 294 
HIS HB3    H  N N 295 
HIS HD1    H  N N 296 
HIS HD2    H  N N 297 
HIS HE1    H  N N 298 
HIS HE2    H  N N 299 
HIS HXT    H  N N 300 
HOH O      O  N N 301 
HOH H1     H  N N 302 
HOH H2     H  N N 303 
ILE N      N  N N 304 
ILE CA     C  N S 305 
ILE C      C  N N 306 
ILE O      O  N N 307 
ILE CB     C  N S 308 
ILE CG1    C  N N 309 
ILE CG2    C  N N 310 
ILE CD1    C  N N 311 
ILE OXT    O  N N 312 
ILE H      H  N N 313 
ILE H2     H  N N 314 
ILE HA     H  N N 315 
ILE HB     H  N N 316 
ILE HG12   H  N N 317 
ILE HG13   H  N N 318 
ILE HG21   H  N N 319 
ILE HG22   H  N N 320 
ILE HG23   H  N N 321 
ILE HD11   H  N N 322 
ILE HD12   H  N N 323 
ILE HD13   H  N N 324 
ILE HXT    H  N N 325 
LEU N      N  N N 326 
LEU CA     C  N S 327 
LEU C      C  N N 328 
LEU O      O  N N 329 
LEU CB     C  N N 330 
LEU CG     C  N N 331 
LEU CD1    C  N N 332 
LEU CD2    C  N N 333 
LEU OXT    O  N N 334 
LEU H      H  N N 335 
LEU H2     H  N N 336 
LEU HA     H  N N 337 
LEU HB2    H  N N 338 
LEU HB3    H  N N 339 
LEU HG     H  N N 340 
LEU HD11   H  N N 341 
LEU HD12   H  N N 342 
LEU HD13   H  N N 343 
LEU HD21   H  N N 344 
LEU HD22   H  N N 345 
LEU HD23   H  N N 346 
LEU HXT    H  N N 347 
LYS N      N  N N 348 
LYS CA     C  N S 349 
LYS C      C  N N 350 
LYS O      O  N N 351 
LYS CB     C  N N 352 
LYS CG     C  N N 353 
LYS CD     C  N N 354 
LYS CE     C  N N 355 
LYS NZ     N  N N 356 
LYS OXT    O  N N 357 
LYS H      H  N N 358 
LYS H2     H  N N 359 
LYS HA     H  N N 360 
LYS HB2    H  N N 361 
LYS HB3    H  N N 362 
LYS HG2    H  N N 363 
LYS HG3    H  N N 364 
LYS HD2    H  N N 365 
LYS HD3    H  N N 366 
LYS HE2    H  N N 367 
LYS HE3    H  N N 368 
LYS HZ1    H  N N 369 
LYS HZ2    H  N N 370 
LYS HZ3    H  N N 371 
LYS HXT    H  N N 372 
MSE N      N  N N 373 
MSE CA     C  N S 374 
MSE C      C  N N 375 
MSE O      O  N N 376 
MSE OXT    O  N N 377 
MSE CB     C  N N 378 
MSE CG     C  N N 379 
MSE SE     SE N N 380 
MSE CE     C  N N 381 
MSE H      H  N N 382 
MSE H2     H  N N 383 
MSE HA     H  N N 384 
MSE HXT    H  N N 385 
MSE HB2    H  N N 386 
MSE HB3    H  N N 387 
MSE HG2    H  N N 388 
MSE HG3    H  N N 389 
MSE HE1    H  N N 390 
MSE HE2    H  N N 391 
MSE HE3    H  N N 392 
PHE N      N  N N 393 
PHE CA     C  N S 394 
PHE C      C  N N 395 
PHE O      O  N N 396 
PHE CB     C  N N 397 
PHE CG     C  Y N 398 
PHE CD1    C  Y N 399 
PHE CD2    C  Y N 400 
PHE CE1    C  Y N 401 
PHE CE2    C  Y N 402 
PHE CZ     C  Y N 403 
PHE OXT    O  N N 404 
PHE H      H  N N 405 
PHE H2     H  N N 406 
PHE HA     H  N N 407 
PHE HB2    H  N N 408 
PHE HB3    H  N N 409 
PHE HD1    H  N N 410 
PHE HD2    H  N N 411 
PHE HE1    H  N N 412 
PHE HE2    H  N N 413 
PHE HZ     H  N N 414 
PHE HXT    H  N N 415 
PRO N      N  N N 416 
PRO CA     C  N S 417 
PRO C      C  N N 418 
PRO O      O  N N 419 
PRO CB     C  N N 420 
PRO CG     C  N N 421 
PRO CD     C  N N 422 
PRO OXT    O  N N 423 
PRO H      H  N N 424 
PRO HA     H  N N 425 
PRO HB2    H  N N 426 
PRO HB3    H  N N 427 
PRO HG2    H  N N 428 
PRO HG3    H  N N 429 
PRO HD2    H  N N 430 
PRO HD3    H  N N 431 
PRO HXT    H  N N 432 
SER N      N  N N 433 
SER CA     C  N S 434 
SER C      C  N N 435 
SER O      O  N N 436 
SER CB     C  N N 437 
SER OG     O  N N 438 
SER OXT    O  N N 439 
SER H      H  N N 440 
SER H2     H  N N 441 
SER HA     H  N N 442 
SER HB2    H  N N 443 
SER HB3    H  N N 444 
SER HG     H  N N 445 
SER HXT    H  N N 446 
THR N      N  N N 447 
THR CA     C  N S 448 
THR C      C  N N 449 
THR O      O  N N 450 
THR CB     C  N R 451 
THR OG1    O  N N 452 
THR CG2    C  N N 453 
THR OXT    O  N N 454 
THR H      H  N N 455 
THR H2     H  N N 456 
THR HA     H  N N 457 
THR HB     H  N N 458 
THR HG1    H  N N 459 
THR HG21   H  N N 460 
THR HG22   H  N N 461 
THR HG23   H  N N 462 
THR HXT    H  N N 463 
TRP N      N  N N 464 
TRP CA     C  N S 465 
TRP C      C  N N 466 
TRP O      O  N N 467 
TRP CB     C  N N 468 
TRP CG     C  Y N 469 
TRP CD1    C  Y N 470 
TRP CD2    C  Y N 471 
TRP NE1    N  Y N 472 
TRP CE2    C  Y N 473 
TRP CE3    C  Y N 474 
TRP CZ2    C  Y N 475 
TRP CZ3    C  Y N 476 
TRP CH2    C  Y N 477 
TRP OXT    O  N N 478 
TRP H      H  N N 479 
TRP H2     H  N N 480 
TRP HA     H  N N 481 
TRP HB2    H  N N 482 
TRP HB3    H  N N 483 
TRP HD1    H  N N 484 
TRP HE1    H  N N 485 
TRP HE3    H  N N 486 
TRP HZ2    H  N N 487 
TRP HZ3    H  N N 488 
TRP HH2    H  N N 489 
TRP HXT    H  N N 490 
TYR N      N  N N 491 
TYR CA     C  N S 492 
TYR C      C  N N 493 
TYR O      O  N N 494 
TYR CB     C  N N 495 
TYR CG     C  Y N 496 
TYR CD1    C  Y N 497 
TYR CD2    C  Y N 498 
TYR CE1    C  Y N 499 
TYR CE2    C  Y N 500 
TYR CZ     C  Y N 501 
TYR OH     O  N N 502 
TYR OXT    O  N N 503 
TYR H      H  N N 504 
TYR H2     H  N N 505 
TYR HA     H  N N 506 
TYR HB2    H  N N 507 
TYR HB3    H  N N 508 
TYR HD1    H  N N 509 
TYR HD2    H  N N 510 
TYR HE1    H  N N 511 
TYR HE2    H  N N 512 
TYR HH     H  N N 513 
TYR HXT    H  N N 514 
VAL N      N  N N 515 
VAL CA     C  N S 516 
VAL C      C  N N 517 
VAL O      O  N N 518 
VAL CB     C  N N 519 
VAL CG1    C  N N 520 
VAL CG2    C  N N 521 
VAL OXT    O  N N 522 
VAL H      H  N N 523 
VAL H2     H  N N 524 
VAL HA     H  N N 525 
VAL HB     H  N N 526 
VAL HG11   H  N N 527 
VAL HG12   H  N N 528 
VAL HG13   H  N N 529 
VAL HG21   H  N N 530 
VAL HG22   H  N N 531 
VAL HG23   H  N N 532 
VAL HXT    H  N N 533 
# 
loop_
_chem_comp_bond.comp_id 
_chem_comp_bond.atom_id_1 
_chem_comp_bond.atom_id_2 
_chem_comp_bond.value_order 
_chem_comp_bond.pdbx_aromatic_flag 
_chem_comp_bond.pdbx_stereo_config 
_chem_comp_bond.pdbx_ordinal 
ALA N     CA     sing N N 1   
ALA N     H      sing N N 2   
ALA N     H2     sing N N 3   
ALA CA    C      sing N N 4   
ALA CA    CB     sing N N 5   
ALA CA    HA     sing N N 6   
ALA C     O      doub N N 7   
ALA C     OXT    sing N N 8   
ALA CB    HB1    sing N N 9   
ALA CB    HB2    sing N N 10  
ALA CB    HB3    sing N N 11  
ALA OXT   HXT    sing N N 12  
ARG N     CA     sing N N 13  
ARG N     H      sing N N 14  
ARG N     H2     sing N N 15  
ARG CA    C      sing N N 16  
ARG CA    CB     sing N N 17  
ARG CA    HA     sing N N 18  
ARG C     O      doub N N 19  
ARG C     OXT    sing N N 20  
ARG CB    CG     sing N N 21  
ARG CB    HB2    sing N N 22  
ARG CB    HB3    sing N N 23  
ARG CG    CD     sing N N 24  
ARG CG    HG2    sing N N 25  
ARG CG    HG3    sing N N 26  
ARG CD    NE     sing N N 27  
ARG CD    HD2    sing N N 28  
ARG CD    HD3    sing N N 29  
ARG NE    CZ     sing N N 30  
ARG NE    HE     sing N N 31  
ARG CZ    NH1    sing N N 32  
ARG CZ    NH2    doub N N 33  
ARG NH1   HH11   sing N N 34  
ARG NH1   HH12   sing N N 35  
ARG NH2   HH21   sing N N 36  
ARG NH2   HH22   sing N N 37  
ARG OXT   HXT    sing N N 38  
ASN N     CA     sing N N 39  
ASN N     H      sing N N 40  
ASN N     H2     sing N N 41  
ASN CA    C      sing N N 42  
ASN CA    CB     sing N N 43  
ASN CA    HA     sing N N 44  
ASN C     O      doub N N 45  
ASN C     OXT    sing N N 46  
ASN CB    CG     sing N N 47  
ASN CB    HB2    sing N N 48  
ASN CB    HB3    sing N N 49  
ASN CG    OD1    doub N N 50  
ASN CG    ND2    sing N N 51  
ASN ND2   HD21   sing N N 52  
ASN ND2   HD22   sing N N 53  
ASN OXT   HXT    sing N N 54  
ASP N     CA     sing N N 55  
ASP N     H      sing N N 56  
ASP N     H2     sing N N 57  
ASP CA    C      sing N N 58  
ASP CA    CB     sing N N 59  
ASP CA    HA     sing N N 60  
ASP C     O      doub N N 61  
ASP C     OXT    sing N N 62  
ASP CB    CG     sing N N 63  
ASP CB    HB2    sing N N 64  
ASP CB    HB3    sing N N 65  
ASP CG    OD1    doub N N 66  
ASP CG    OD2    sing N N 67  
ASP OD2   HD2    sing N N 68  
ASP OXT   HXT    sing N N 69  
CYS N     CA     sing N N 70  
CYS N     H      sing N N 71  
CYS N     H2     sing N N 72  
CYS CA    C      sing N N 73  
CYS CA    CB     sing N N 74  
CYS CA    HA     sing N N 75  
CYS C     O      doub N N 76  
CYS C     OXT    sing N N 77  
CYS CB    SG     sing N N 78  
CYS CB    HB2    sing N N 79  
CYS CB    HB3    sing N N 80  
CYS SG    HG     sing N N 81  
CYS OXT   HXT    sing N N 82  
DA  OP3   P      sing N N 83  
DA  OP3   HOP3   sing N N 84  
DA  P     OP1    doub N N 85  
DA  P     OP2    sing N N 86  
DA  P     "O5'"  sing N N 87  
DA  OP2   HOP2   sing N N 88  
DA  "O5'" "C5'"  sing N N 89  
DA  "C5'" "C4'"  sing N N 90  
DA  "C5'" "H5'"  sing N N 91  
DA  "C5'" "H5''" sing N N 92  
DA  "C4'" "O4'"  sing N N 93  
DA  "C4'" "C3'"  sing N N 94  
DA  "C4'" "H4'"  sing N N 95  
DA  "O4'" "C1'"  sing N N 96  
DA  "C3'" "O3'"  sing N N 97  
DA  "C3'" "C2'"  sing N N 98  
DA  "C3'" "H3'"  sing N N 99  
DA  "O3'" "HO3'" sing N N 100 
DA  "C2'" "C1'"  sing N N 101 
DA  "C2'" "H2'"  sing N N 102 
DA  "C2'" "H2''" sing N N 103 
DA  "C1'" N9     sing N N 104 
DA  "C1'" "H1'"  sing N N 105 
DA  N9    C8     sing Y N 106 
DA  N9    C4     sing Y N 107 
DA  C8    N7     doub Y N 108 
DA  C8    H8     sing N N 109 
DA  N7    C5     sing Y N 110 
DA  C5    C6     sing Y N 111 
DA  C5    C4     doub Y N 112 
DA  C6    N6     sing N N 113 
DA  C6    N1     doub Y N 114 
DA  N6    H61    sing N N 115 
DA  N6    H62    sing N N 116 
DA  N1    C2     sing Y N 117 
DA  C2    N3     doub Y N 118 
DA  C2    H2     sing N N 119 
DA  N3    C4     sing Y N 120 
DC  OP3   P      sing N N 121 
DC  OP3   HOP3   sing N N 122 
DC  P     OP1    doub N N 123 
DC  P     OP2    sing N N 124 
DC  P     "O5'"  sing N N 125 
DC  OP2   HOP2   sing N N 126 
DC  "O5'" "C5'"  sing N N 127 
DC  "C5'" "C4'"  sing N N 128 
DC  "C5'" "H5'"  sing N N 129 
DC  "C5'" "H5''" sing N N 130 
DC  "C4'" "O4'"  sing N N 131 
DC  "C4'" "C3'"  sing N N 132 
DC  "C4'" "H4'"  sing N N 133 
DC  "O4'" "C1'"  sing N N 134 
DC  "C3'" "O3'"  sing N N 135 
DC  "C3'" "C2'"  sing N N 136 
DC  "C3'" "H3'"  sing N N 137 
DC  "O3'" "HO3'" sing N N 138 
DC  "C2'" "C1'"  sing N N 139 
DC  "C2'" "H2'"  sing N N 140 
DC  "C2'" "H2''" sing N N 141 
DC  "C1'" N1     sing N N 142 
DC  "C1'" "H1'"  sing N N 143 
DC  N1    C2     sing N N 144 
DC  N1    C6     sing N N 145 
DC  C2    O2     doub N N 146 
DC  C2    N3     sing N N 147 
DC  N3    C4     doub N N 148 
DC  C4    N4     sing N N 149 
DC  C4    C5     sing N N 150 
DC  N4    H41    sing N N 151 
DC  N4    H42    sing N N 152 
DC  C5    C6     doub N N 153 
DC  C5    H5     sing N N 154 
DC  C6    H6     sing N N 155 
DG  OP3   P      sing N N 156 
DG  OP3   HOP3   sing N N 157 
DG  P     OP1    doub N N 158 
DG  P     OP2    sing N N 159 
DG  P     "O5'"  sing N N 160 
DG  OP2   HOP2   sing N N 161 
DG  "O5'" "C5'"  sing N N 162 
DG  "C5'" "C4'"  sing N N 163 
DG  "C5'" "H5'"  sing N N 164 
DG  "C5'" "H5''" sing N N 165 
DG  "C4'" "O4'"  sing N N 166 
DG  "C4'" "C3'"  sing N N 167 
DG  "C4'" "H4'"  sing N N 168 
DG  "O4'" "C1'"  sing N N 169 
DG  "C3'" "O3'"  sing N N 170 
DG  "C3'" "C2'"  sing N N 171 
DG  "C3'" "H3'"  sing N N 172 
DG  "O3'" "HO3'" sing N N 173 
DG  "C2'" "C1'"  sing N N 174 
DG  "C2'" "H2'"  sing N N 175 
DG  "C2'" "H2''" sing N N 176 
DG  "C1'" N9     sing N N 177 
DG  "C1'" "H1'"  sing N N 178 
DG  N9    C8     sing Y N 179 
DG  N9    C4     sing Y N 180 
DG  C8    N7     doub Y N 181 
DG  C8    H8     sing N N 182 
DG  N7    C5     sing Y N 183 
DG  C5    C6     sing N N 184 
DG  C5    C4     doub Y N 185 
DG  C6    O6     doub N N 186 
DG  C6    N1     sing N N 187 
DG  N1    C2     sing N N 188 
DG  N1    H1     sing N N 189 
DG  C2    N2     sing N N 190 
DG  C2    N3     doub N N 191 
DG  N2    H21    sing N N 192 
DG  N2    H22    sing N N 193 
DG  N3    C4     sing N N 194 
DT  OP3   P      sing N N 195 
DT  OP3   HOP3   sing N N 196 
DT  P     OP1    doub N N 197 
DT  P     OP2    sing N N 198 
DT  P     "O5'"  sing N N 199 
DT  OP2   HOP2   sing N N 200 
DT  "O5'" "C5'"  sing N N 201 
DT  "C5'" "C4'"  sing N N 202 
DT  "C5'" "H5'"  sing N N 203 
DT  "C5'" "H5''" sing N N 204 
DT  "C4'" "O4'"  sing N N 205 
DT  "C4'" "C3'"  sing N N 206 
DT  "C4'" "H4'"  sing N N 207 
DT  "O4'" "C1'"  sing N N 208 
DT  "C3'" "O3'"  sing N N 209 
DT  "C3'" "C2'"  sing N N 210 
DT  "C3'" "H3'"  sing N N 211 
DT  "O3'" "HO3'" sing N N 212 
DT  "C2'" "C1'"  sing N N 213 
DT  "C2'" "H2'"  sing N N 214 
DT  "C2'" "H2''" sing N N 215 
DT  "C1'" N1     sing N N 216 
DT  "C1'" "H1'"  sing N N 217 
DT  N1    C2     sing N N 218 
DT  N1    C6     sing N N 219 
DT  C2    O2     doub N N 220 
DT  C2    N3     sing N N 221 
DT  N3    C4     sing N N 222 
DT  N3    H3     sing N N 223 
DT  C4    O4     doub N N 224 
DT  C4    C5     sing N N 225 
DT  C5    C7     sing N N 226 
DT  C5    C6     doub N N 227 
DT  C7    H71    sing N N 228 
DT  C7    H72    sing N N 229 
DT  C7    H73    sing N N 230 
DT  C6    H6     sing N N 231 
GLN N     CA     sing N N 232 
GLN N     H      sing N N 233 
GLN N     H2     sing N N 234 
GLN CA    C      sing N N 235 
GLN CA    CB     sing N N 236 
GLN CA    HA     sing N N 237 
GLN C     O      doub N N 238 
GLN C     OXT    sing N N 239 
GLN CB    CG     sing N N 240 
GLN CB    HB2    sing N N 241 
GLN CB    HB3    sing N N 242 
GLN CG    CD     sing N N 243 
GLN CG    HG2    sing N N 244 
GLN CG    HG3    sing N N 245 
GLN CD    OE1    doub N N 246 
GLN CD    NE2    sing N N 247 
GLN NE2   HE21   sing N N 248 
GLN NE2   HE22   sing N N 249 
GLN OXT   HXT    sing N N 250 
GLU N     CA     sing N N 251 
GLU N     H      sing N N 252 
GLU N     H2     sing N N 253 
GLU CA    C      sing N N 254 
GLU CA    CB     sing N N 255 
GLU CA    HA     sing N N 256 
GLU C     O      doub N N 257 
GLU C     OXT    sing N N 258 
GLU CB    CG     sing N N 259 
GLU CB    HB2    sing N N 260 
GLU CB    HB3    sing N N 261 
GLU CG    CD     sing N N 262 
GLU CG    HG2    sing N N 263 
GLU CG    HG3    sing N N 264 
GLU CD    OE1    doub N N 265 
GLU CD    OE2    sing N N 266 
GLU OE2   HE2    sing N N 267 
GLU OXT   HXT    sing N N 268 
GLY N     CA     sing N N 269 
GLY N     H      sing N N 270 
GLY N     H2     sing N N 271 
GLY CA    C      sing N N 272 
GLY CA    HA2    sing N N 273 
GLY CA    HA3    sing N N 274 
GLY C     O      doub N N 275 
GLY C     OXT    sing N N 276 
GLY OXT   HXT    sing N N 277 
HIS N     CA     sing N N 278 
HIS N     H      sing N N 279 
HIS N     H2     sing N N 280 
HIS CA    C      sing N N 281 
HIS CA    CB     sing N N 282 
HIS CA    HA     sing N N 283 
HIS C     O      doub N N 284 
HIS C     OXT    sing N N 285 
HIS CB    CG     sing N N 286 
HIS CB    HB2    sing N N 287 
HIS CB    HB3    sing N N 288 
HIS CG    ND1    sing Y N 289 
HIS CG    CD2    doub Y N 290 
HIS ND1   CE1    doub Y N 291 
HIS ND1   HD1    sing N N 292 
HIS CD2   NE2    sing Y N 293 
HIS CD2   HD2    sing N N 294 
HIS CE1   NE2    sing Y N 295 
HIS CE1   HE1    sing N N 296 
HIS NE2   HE2    sing N N 297 
HIS OXT   HXT    sing N N 298 
HOH O     H1     sing N N 299 
HOH O     H2     sing N N 300 
ILE N     CA     sing N N 301 
ILE N     H      sing N N 302 
ILE N     H2     sing N N 303 
ILE CA    C      sing N N 304 
ILE CA    CB     sing N N 305 
ILE CA    HA     sing N N 306 
ILE C     O      doub N N 307 
ILE C     OXT    sing N N 308 
ILE CB    CG1    sing N N 309 
ILE CB    CG2    sing N N 310 
ILE CB    HB     sing N N 311 
ILE CG1   CD1    sing N N 312 
ILE CG1   HG12   sing N N 313 
ILE CG1   HG13   sing N N 314 
ILE CG2   HG21   sing N N 315 
ILE CG2   HG22   sing N N 316 
ILE CG2   HG23   sing N N 317 
ILE CD1   HD11   sing N N 318 
ILE CD1   HD12   sing N N 319 
ILE CD1   HD13   sing N N 320 
ILE OXT   HXT    sing N N 321 
LEU N     CA     sing N N 322 
LEU N     H      sing N N 323 
LEU N     H2     sing N N 324 
LEU CA    C      sing N N 325 
LEU CA    CB     sing N N 326 
LEU CA    HA     sing N N 327 
LEU C     O      doub N N 328 
LEU C     OXT    sing N N 329 
LEU CB    CG     sing N N 330 
LEU CB    HB2    sing N N 331 
LEU CB    HB3    sing N N 332 
LEU CG    CD1    sing N N 333 
LEU CG    CD2    sing N N 334 
LEU CG    HG     sing N N 335 
LEU CD1   HD11   sing N N 336 
LEU CD1   HD12   sing N N 337 
LEU CD1   HD13   sing N N 338 
LEU CD2   HD21   sing N N 339 
LEU CD2   HD22   sing N N 340 
LEU CD2   HD23   sing N N 341 
LEU OXT   HXT    sing N N 342 
LYS N     CA     sing N N 343 
LYS N     H      sing N N 344 
LYS N     H2     sing N N 345 
LYS CA    C      sing N N 346 
LYS CA    CB     sing N N 347 
LYS CA    HA     sing N N 348 
LYS C     O      doub N N 349 
LYS C     OXT    sing N N 350 
LYS CB    CG     sing N N 351 
LYS CB    HB2    sing N N 352 
LYS CB    HB3    sing N N 353 
LYS CG    CD     sing N N 354 
LYS CG    HG2    sing N N 355 
LYS CG    HG3    sing N N 356 
LYS CD    CE     sing N N 357 
LYS CD    HD2    sing N N 358 
LYS CD    HD3    sing N N 359 
LYS CE    NZ     sing N N 360 
LYS CE    HE2    sing N N 361 
LYS CE    HE3    sing N N 362 
LYS NZ    HZ1    sing N N 363 
LYS NZ    HZ2    sing N N 364 
LYS NZ    HZ3    sing N N 365 
LYS OXT   HXT    sing N N 366 
MSE N     CA     sing N N 367 
MSE N     H      sing N N 368 
MSE N     H2     sing N N 369 
MSE CA    C      sing N N 370 
MSE CA    CB     sing N N 371 
MSE CA    HA     sing N N 372 
MSE C     O      doub N N 373 
MSE C     OXT    sing N N 374 
MSE OXT   HXT    sing N N 375 
MSE CB    CG     sing N N 376 
MSE CB    HB2    sing N N 377 
MSE CB    HB3    sing N N 378 
MSE CG    SE     sing N N 379 
MSE CG    HG2    sing N N 380 
MSE CG    HG3    sing N N 381 
MSE SE    CE     sing N N 382 
MSE CE    HE1    sing N N 383 
MSE CE    HE2    sing N N 384 
MSE CE    HE3    sing N N 385 
PHE N     CA     sing N N 386 
PHE N     H      sing N N 387 
PHE N     H2     sing N N 388 
PHE CA    C      sing N N 389 
PHE CA    CB     sing N N 390 
PHE CA    HA     sing N N 391 
PHE C     O      doub N N 392 
PHE C     OXT    sing N N 393 
PHE CB    CG     sing N N 394 
PHE CB    HB2    sing N N 395 
PHE CB    HB3    sing N N 396 
PHE CG    CD1    doub Y N 397 
PHE CG    CD2    sing Y N 398 
PHE CD1   CE1    sing Y N 399 
PHE CD1   HD1    sing N N 400 
PHE CD2   CE2    doub Y N 401 
PHE CD2   HD2    sing N N 402 
PHE CE1   CZ     doub Y N 403 
PHE CE1   HE1    sing N N 404 
PHE CE2   CZ     sing Y N 405 
PHE CE2   HE2    sing N N 406 
PHE CZ    HZ     sing N N 407 
PHE OXT   HXT    sing N N 408 
PRO N     CA     sing N N 409 
PRO N     CD     sing N N 410 
PRO N     H      sing N N 411 
PRO CA    C      sing N N 412 
PRO CA    CB     sing N N 413 
PRO CA    HA     sing N N 414 
PRO C     O      doub N N 415 
PRO C     OXT    sing N N 416 
PRO CB    CG     sing N N 417 
PRO CB    HB2    sing N N 418 
PRO CB    HB3    sing N N 419 
PRO CG    CD     sing N N 420 
PRO CG    HG2    sing N N 421 
PRO CG    HG3    sing N N 422 
PRO CD    HD2    sing N N 423 
PRO CD    HD3    sing N N 424 
PRO OXT   HXT    sing N N 425 
SER N     CA     sing N N 426 
SER N     H      sing N N 427 
SER N     H2     sing N N 428 
SER CA    C      sing N N 429 
SER CA    CB     sing N N 430 
SER CA    HA     sing N N 431 
SER C     O      doub N N 432 
SER C     OXT    sing N N 433 
SER CB    OG     sing N N 434 
SER CB    HB2    sing N N 435 
SER CB    HB3    sing N N 436 
SER OG    HG     sing N N 437 
SER OXT   HXT    sing N N 438 
THR N     CA     sing N N 439 
THR N     H      sing N N 440 
THR N     H2     sing N N 441 
THR CA    C      sing N N 442 
THR CA    CB     sing N N 443 
THR CA    HA     sing N N 444 
THR C     O      doub N N 445 
THR C     OXT    sing N N 446 
THR CB    OG1    sing N N 447 
THR CB    CG2    sing N N 448 
THR CB    HB     sing N N 449 
THR OG1   HG1    sing N N 450 
THR CG2   HG21   sing N N 451 
THR CG2   HG22   sing N N 452 
THR CG2   HG23   sing N N 453 
THR OXT   HXT    sing N N 454 
TRP N     CA     sing N N 455 
TRP N     H      sing N N 456 
TRP N     H2     sing N N 457 
TRP CA    C      sing N N 458 
TRP CA    CB     sing N N 459 
TRP CA    HA     sing N N 460 
TRP C     O      doub N N 461 
TRP C     OXT    sing N N 462 
TRP CB    CG     sing N N 463 
TRP CB    HB2    sing N N 464 
TRP CB    HB3    sing N N 465 
TRP CG    CD1    doub Y N 466 
TRP CG    CD2    sing Y N 467 
TRP CD1   NE1    sing Y N 468 
TRP CD1   HD1    sing N N 469 
TRP CD2   CE2    doub Y N 470 
TRP CD2   CE3    sing Y N 471 
TRP NE1   CE2    sing Y N 472 
TRP NE1   HE1    sing N N 473 
TRP CE2   CZ2    sing Y N 474 
TRP CE3   CZ3    doub Y N 475 
TRP CE3   HE3    sing N N 476 
TRP CZ2   CH2    doub Y N 477 
TRP CZ2   HZ2    sing N N 478 
TRP CZ3   CH2    sing Y N 479 
TRP CZ3   HZ3    sing N N 480 
TRP CH2   HH2    sing N N 481 
TRP OXT   HXT    sing N N 482 
TYR N     CA     sing N N 483 
TYR N     H      sing N N 484 
TYR N     H2     sing N N 485 
TYR CA    C      sing N N 486 
TYR CA    CB     sing N N 487 
TYR CA    HA     sing N N 488 
TYR C     O      doub N N 489 
TYR C     OXT    sing N N 490 
TYR CB    CG     sing N N 491 
TYR CB    HB2    sing N N 492 
TYR CB    HB3    sing N N 493 
TYR CG    CD1    doub Y N 494 
TYR CG    CD2    sing Y N 495 
TYR CD1   CE1    sing Y N 496 
TYR CD1   HD1    sing N N 497 
TYR CD2   CE2    doub Y N 498 
TYR CD2   HD2    sing N N 499 
TYR CE1   CZ     doub Y N 500 
TYR CE1   HE1    sing N N 501 
TYR CE2   CZ     sing Y N 502 
TYR CE2   HE2    sing N N 503 
TYR CZ    OH     sing N N 504 
TYR OH    HH     sing N N 505 
TYR OXT   HXT    sing N N 506 
VAL N     CA     sing N N 507 
VAL N     H      sing N N 508 
VAL N     H2     sing N N 509 
VAL CA    C      sing N N 510 
VAL CA    CB     sing N N 511 
VAL CA    HA     sing N N 512 
VAL C     O      doub N N 513 
VAL C     OXT    sing N N 514 
VAL CB    CG1    sing N N 515 
VAL CB    CG2    sing N N 516 
VAL CB    HB     sing N N 517 
VAL CG1   HG11   sing N N 518 
VAL CG1   HG12   sing N N 519 
VAL CG1   HG13   sing N N 520 
VAL CG2   HG21   sing N N 521 
VAL CG2   HG22   sing N N 522 
VAL CG2   HG23   sing N N 523 
VAL OXT   HXT    sing N N 524 
# 
_ndb_struct_conf_na.entry_id   4HIK 
_ndb_struct_conf_na.feature    'double helix' 
# 
_ndb_struct_na_base_pair.model_number      1 
_ndb_struct_na_base_pair.i_label_asym_id   B 
_ndb_struct_na_base_pair.i_label_comp_id   DT 
_ndb_struct_na_base_pair.i_label_seq_id    4 
_ndb_struct_na_base_pair.i_symmetry        1_555 
_ndb_struct_na_base_pair.j_label_asym_id   B 
_ndb_struct_na_base_pair.j_label_comp_id   DA 
_ndb_struct_na_base_pair.j_label_seq_id    5 
_ndb_struct_na_base_pair.j_symmetry        1_555 
_ndb_struct_na_base_pair.shear             5.283 
_ndb_struct_na_base_pair.stretch           0.419 
_ndb_struct_na_base_pair.stagger           -0.524 
_ndb_struct_na_base_pair.buckle            -27.739 
_ndb_struct_na_base_pair.propeller         22.711 
_ndb_struct_na_base_pair.opening           -9.119 
_ndb_struct_na_base_pair.pair_number       1 
_ndb_struct_na_base_pair.pair_name         B_DT4:DA5_B 
_ndb_struct_na_base_pair.i_auth_asym_id    B 
_ndb_struct_na_base_pair.i_auth_seq_id     4 
_ndb_struct_na_base_pair.i_PDB_ins_code    ? 
_ndb_struct_na_base_pair.j_auth_asym_id    B 
_ndb_struct_na_base_pair.j_auth_seq_id     5 
_ndb_struct_na_base_pair.j_PDB_ins_code    ? 
_ndb_struct_na_base_pair.hbond_type_28     ? 
_ndb_struct_na_base_pair.hbond_type_12     ? 
# 
_atom_sites.entry_id                    4HIK 
_atom_sites.fract_transf_matrix[1][1]   -0.01331738 
_atom_sites.fract_transf_matrix[1][2]   -0.00774732 
_atom_sites.fract_transf_matrix[1][3]   -0.01610394 
_atom_sites.fract_transf_matrix[2][1]   0.00940540 
_atom_sites.fract_transf_matrix[2][2]   -0.01465047 
_atom_sites.fract_transf_matrix[2][3]   -0.00072984 
_atom_sites.fract_transf_matrix[3][1]   -0.00896138 
_atom_sites.fract_transf_matrix[3][2]   -0.00627259 
_atom_sites.fract_transf_matrix[3][3]   0.01042837 
_atom_sites.fract_transf_vector[1]      0.243369 
_atom_sites.fract_transf_vector[2]      0.418172 
_atom_sites.fract_transf_vector[3]      0.245135 
# 
loop_
_atom_type.symbol 
C  
N  
O  
P  
S  
SE 
# 
loop_
_atom_site.group_PDB 
_atom_site.id 
_atom_site.type_symbol 
_atom_site.label_atom_id 
_atom_site.label_alt_id 
_atom_site.label_comp_id 
_atom_site.label_asym_id 
_atom_site.label_entity_id 
_atom_site.label_seq_id 
_atom_site.pdbx_PDB_ins_code 
_atom_site.Cartn_x 
_atom_site.Cartn_y 
_atom_site.Cartn_z 
_atom_site.occupancy 
_atom_site.B_iso_or_equiv 
_atom_site.pdbx_formal_charge 
_atom_site.auth_seq_id 
_atom_site.auth_comp_id 
_atom_site.auth_asym_id 
_atom_site.auth_atom_id 
_atom_site.pdbx_PDB_model_num 
ATOM   1    N  N     . SER A 1 4   ? -5.431  16.027  1.374   1.00 28.42 ? 4   SER A N     1 
ATOM   2    C  CA    . SER A 1 4   ? -4.935  15.717  2.708   1.00 26.78 ? 4   SER A CA    1 
ATOM   3    C  C     . SER A 1 4   ? -4.547  14.246  2.787   1.00 21.58 ? 4   SER A C     1 
ATOM   4    O  O     . SER A 1 4   ? -4.895  13.462  1.903   1.00 20.57 ? 4   SER A O     1 
ATOM   5    C  CB    . SER A 1 4   ? -6.002  16.017  3.756   1.00 30.58 ? 4   SER A CB    1 
ATOM   6    O  OG    . SER A 1 4   ? -7.082  15.109  3.642   1.00 32.72 ? 4   SER A OG    1 
ATOM   7    N  N     . PHE A 1 5   ? -3.826  13.883  3.843   1.00 18.66 ? 5   PHE A N     1 
ATOM   8    C  CA    . PHE A 1 5   ? -3.457  12.490  4.071   1.00 16.96 ? 5   PHE A CA    1 
ATOM   9    C  C     . PHE A 1 5   ? -4.497  11.767  4.914   1.00 16.35 ? 5   PHE A C     1 
ATOM   10   O  O     . PHE A 1 5   ? -5.108  12.350  5.815   1.00 18.57 ? 5   PHE A O     1 
ATOM   11   C  CB    . PHE A 1 5   ? -2.085  12.388  4.738   1.00 17.48 ? 5   PHE A CB    1 
ATOM   12   C  CG    . PHE A 1 5   ? -0.942  12.768  3.838   1.00 19.02 ? 5   PHE A CG    1 
ATOM   13   C  CD1   . PHE A 1 5   ? -0.354  14.022  3.933   1.00 20.34 ? 5   PHE A CD1   1 
ATOM   14   C  CD2   . PHE A 1 5   ? -0.459  11.876  2.891   1.00 19.22 ? 5   PHE A CD2   1 
ATOM   15   C  CE1   . PHE A 1 5   ? 0.702   14.375  3.098   1.00 21.36 ? 5   PHE A CE1   1 
ATOM   16   C  CE2   . PHE A 1 5   ? 0.585   12.221  2.056   1.00 19.83 ? 5   PHE A CE2   1 
ATOM   17   C  CZ    . PHE A 1 5   ? 1.169   13.471  2.158   1.00 21.23 ? 5   PHE A CZ    1 
ATOM   18   N  N     . SER A 1 6   ? -4.696  10.491  4.609   1.00 12.97 ? 6   SER A N     1 
ATOM   19   C  CA    . SER A 1 6   ? -5.585  9.630   5.378   1.00 12.66 ? 6   SER A CA    1 
ATOM   20   C  C     . SER A 1 6   ? -4.779  8.505   6.019   1.00 14.16 ? 6   SER A C     1 
ATOM   21   O  O     . SER A 1 6   ? -3.735  8.103   5.498   1.00 15.05 ? 6   SER A O     1 
ATOM   22   C  CB    . SER A 1 6   ? -6.631  9.005   4.459   1.00 14.90 ? 6   SER A CB    1 
ATOM   23   O  OG    . SER A 1 6   ? -7.391  9.985   3.777   1.00 18.47 ? 6   SER A OG    1 
ATOM   24   N  N     . LEU A 1 7   ? -5.263  7.992   7.145   1.00 11.07 ? 7   LEU A N     1 
ATOM   25   C  CA    . LEU A 1 7   ? -4.765  6.720   7.647   1.00 11.98 ? 7   LEU A CA    1 
ATOM   26   C  C     . LEU A 1 7   ? -5.447  5.662   6.816   1.00 11.70 ? 7   LEU A C     1 
ATOM   27   O  O     . LEU A 1 7   ? -6.494  5.917   6.227   1.00 10.62 ? 7   LEU A O     1 
ATOM   28   C  CB    . LEU A 1 7   ? -5.147  6.524   9.108   1.00 12.90 ? 7   LEU A CB    1 
ATOM   29   C  CG    . LEU A 1 7   ? -4.561  7.517   10.106  1.00 14.90 ? 7   LEU A CG    1 
ATOM   30   C  CD1   . LEU A 1 7   ? -5.109  7.169   11.487  1.00 16.67 ? 7   LEU A CD1   1 
ATOM   31   C  CD2   . LEU A 1 7   ? -3.033  7.477   10.099  1.00 15.10 ? 7   LEU A CD2   1 
ATOM   32   N  N     . LEU A 1 8   ? -4.872  4.464   6.761   1.00 11.58 ? 8   LEU A N     1 
ATOM   33   C  CA    . LEU A 1 8   ? -5.455  3.433   5.923   1.00 11.39 ? 8   LEU A CA    1 
ATOM   34   C  C     . LEU A 1 8   ? -6.814  2.981   6.445   1.00 10.57 ? 8   LEU A C     1 
ATOM   35   O  O     . LEU A 1 8   ? -7.657  2.540   5.676   1.00 12.18 ? 8   LEU A O     1 
ATOM   36   C  CB    . LEU A 1 8   ? -4.489  2.258   5.744   1.00 12.25 ? 8   LEU A CB    1 
ATOM   37   C  CG    . LEU A 1 8   ? -3.376  2.524   4.722   1.00 14.54 ? 8   LEU A CG    1 
ATOM   38   C  CD1   . LEU A 1 8   ? -2.567  1.272   4.500   1.00 14.06 ? 8   LEU A CD1   1 
ATOM   39   C  CD2   . LEU A 1 8   ? -3.974  3.011   3.401   1.00 15.34 ? 8   LEU A CD2   1 
ATOM   40   N  N     . SER A 1 9   ? -7.031  3.133   7.747   1.00 11.58 ? 9   SER A N     1 
ATOM   41   C  CA    . SER A 1 9   ? -8.322  2.804   8.348   1.00 13.21 ? 9   SER A CA    1 
ATOM   42   C  C     . SER A 1 9   ? -9.425  3.746   7.874   1.00 12.61 ? 9   SER A C     1 
ATOM   43   O  O     . SER A 1 9   ? -10.615 3.453   8.027   1.00 13.46 ? 9   SER A O     1 
ATOM   44   C  CB    . SER A 1 9   ? -8.222  2.888   9.868   1.00 14.43 ? 9   SER A CB    1 
ATOM   45   O  OG    . SER A 1 9   ? -7.830  4.197   10.257  1.00 13.95 ? 9   SER A OG    1 
ATOM   46   N  N     . GLN A 1 10  ? -9.026  4.885   7.314   1.00 11.71 ? 10  GLN A N     1 
ATOM   47   C  CA    . GLN A 1 10  ? -9.978  5.921   6.935   1.00 13.38 ? 10  GLN A CA    1 
ATOM   48   C  C     . GLN A 1 10  ? -10.354 5.887   5.462   1.00 14.37 ? 10  GLN A C     1 
ATOM   49   O  O     . GLN A 1 10  ? -11.330 6.525   5.058   1.00 16.21 ? 10  GLN A O     1 
ATOM   50   C  CB    . GLN A 1 10  ? -9.423  7.306   7.289   1.00 16.35 ? 10  GLN A CB    1 
ATOM   51   C  CG    . GLN A 1 10  ? -9.160  7.507   8.778   1.00 19.72 ? 10  GLN A CG    1 
ATOM   52   C  CD    . GLN A 1 10  ? -8.422  8.801   9.085   1.00 23.13 ? 10  GLN A CD    1 
ATOM   53   O  OE1   . GLN A 1 10  ? -7.584  9.259   8.307   1.00 20.40 ? 10  GLN A OE1   1 
ATOM   54   N  NE2   . GLN A 1 10  ? -8.730  9.398   10.238  1.00 26.20 ? 10  GLN A NE2   1 
ATOM   55   N  N     . ILE A 1 11  ? -9.587  5.163   4.651   1.00 13.86 ? 11  ILE A N     1 
ATOM   56   C  CA    . ILE A 1 11  ? -9.870  5.175   3.224   1.00 14.65 ? 11  ILE A CA    1 
ATOM   57   C  C     . ILE A 1 11  ? -11.106 4.352   2.861   1.00 14.27 ? 11  ILE A C     1 
ATOM   58   O  O     . ILE A 1 11  ? -11.426 3.343   3.503   1.00 14.16 ? 11  ILE A O     1 
ATOM   59   C  CB    . ILE A 1 11  ? -8.645  4.789   2.351   1.00 16.82 ? 11  ILE A CB    1 
ATOM   60   C  CG1   . ILE A 1 11  ? -8.323  3.307   2.473   1.00 17.69 ? 11  ILE A CG1   1 
ATOM   61   C  CG2   . ILE A 1 11  ? -7.432  5.654   2.701   1.00 16.91 ? 11  ILE A CG2   1 
ATOM   62   C  CD1   . ILE A 1 11  ? -7.328  2.832   1.417   1.00 18.32 ? 11  ILE A CD1   1 
ATOM   63   N  N     . THR A 1 12  ? -11.803 4.808   1.827   1.00 14.16 ? 12  THR A N     1 
ATOM   64   C  CA    . THR A 1 12  ? -12.999 4.150   1.350   1.00 15.05 ? 12  THR A CA    1 
ATOM   65   C  C     . THR A 1 12  ? -12.881 3.957   -0.156  1.00 14.82 ? 12  THR A C     1 
ATOM   66   O  O     . THR A 1 12  ? -12.031 4.573   -0.803  1.00 14.63 ? 12  THR A O     1 
ATOM   67   C  CB    . THR A 1 12  ? -14.245 4.993   1.673   1.00 20.36 ? 12  THR A CB    1 
ATOM   68   O  OG1   . THR A 1 12  ? -14.075 6.299   1.125   1.00 22.21 ? 12  THR A OG1   1 
ATOM   69   C  CG2   . THR A 1 12  ? -14.431 5.110   3.182   1.00 21.68 ? 12  THR A CG2   1 
ATOM   70   N  N     . PRO A 1 13  ? -13.729 3.100   -0.728  1.00 14.81 ? 13  PRO A N     1 
ATOM   71   C  CA    . PRO A 1 13  ? -13.615 2.798   -2.155  1.00 15.39 ? 13  PRO A CA    1 
ATOM   72   C  C     . PRO A 1 13  ? -13.990 3.985   -3.044  1.00 14.45 ? 13  PRO A C     1 
ATOM   73   O  O     . PRO A 1 13  ? -14.814 4.836   -2.680  1.00 14.03 ? 13  PRO A O     1 
ATOM   74   C  CB    . PRO A 1 13  ? -14.635 1.678   -2.359  1.00 17.53 ? 13  PRO A CB    1 
ATOM   75   C  CG    . PRO A 1 13  ? -14.929 1.156   -0.988  1.00 17.64 ? 13  PRO A CG    1 
ATOM   76   C  CD    . PRO A 1 13  ? -14.787 2.308   -0.076  1.00 16.66 ? 13  PRO A CD    1 
ATOM   77   N  N     . HIS A 1 14  ? -13.371 4.017   -4.214  1.00 11.41 ? 14  HIS A N     1 
ATOM   78   C  CA    . HIS A 1 14  ? -13.724 4.958   -5.276  1.00 12.16 ? 14  HIS A CA    1 
ATOM   79   C  C     . HIS A 1 14  ? -13.501 6.407   -4.889  1.00 13.49 ? 14  HIS A C     1 
ATOM   80   O  O     . HIS A 1 14  ? -14.316 7.292   -5.171  1.00 15.23 ? 14  HIS A O     1 
ATOM   81   C  CB    . HIS A 1 14  ? -15.132 4.678   -5.771  1.00 13.81 ? 14  HIS A CB    1 
ATOM   82   C  CG    . HIS A 1 14  ? -15.310 3.260   -6.204  1.00 14.68 ? 14  HIS A CG    1 
ATOM   83   N  ND1   . HIS A 1 14  ? -16.207 2.402   -5.613  1.00 16.67 ? 14  HIS A ND1   1 
ATOM   84   C  CD2   . HIS A 1 14  ? -14.654 2.536   -7.144  1.00 15.67 ? 14  HIS A CD2   1 
ATOM   85   C  CE1   . HIS A 1 14  ? -16.120 1.214   -6.189  1.00 16.12 ? 14  HIS A CE1   1 
ATOM   86   N  NE2   . HIS A 1 14  ? -15.185 1.274   -7.124  1.00 16.00 ? 14  HIS A NE2   1 
ATOM   87   N  N     . GLN A 1 15  ? -12.356 6.634   -4.260  1.00 13.45 ? 15  GLN A N     1 
ATOM   88   C  CA    . GLN A 1 15  ? -11.913 7.972   -3.954  1.00 14.84 ? 15  GLN A CA    1 
ATOM   89   C  C     . GLN A 1 15  ? -10.448 8.125   -4.327  1.00 15.39 ? 15  GLN A C     1 
ATOM   90   O  O     . GLN A 1 15  ? -9.753  7.140   -4.632  1.00 14.11 ? 15  GLN A O     1 
ATOM   91   C  CB    . GLN A 1 15  ? -12.118 8.288   -2.472  1.00 17.58 ? 15  GLN A CB    1 
ATOM   92   C  CG    . GLN A 1 15  ? -11.196 7.536   -1.542  1.00 19.67 ? 15  GLN A CG    1 
ATOM   93   C  CD    . GLN A 1 15  ? -11.307 8.008   -0.102  1.00 23.16 ? 15  GLN A CD    1 
ATOM   94   O  OE1   . GLN A 1 15  ? -10.719 7.414   0.805   1.00 23.13 ? 15  GLN A OE1   1 
ATOM   95   N  NE2   . GLN A 1 15  ? -12.067 9.085   0.116   1.00 24.60 ? 15  GLN A NE2   1 
ATOM   96   N  N     . ARG A 1 16  ? -10.004 9.374   -4.332  1.00 13.46 ? 16  ARG A N     1 
ATOM   97   C  CA    . ARG A 1 16  ? -8.598  9.713   -4.438  1.00 15.58 ? 16  ARG A CA    1 
ATOM   98   C  C     . ARG A 1 16  ? -8.092  9.920   -3.013  1.00 15.82 ? 16  ARG A C     1 
ATOM   99   O  O     . ARG A 1 16  ? -8.755  10.577  -2.202  1.00 16.62 ? 16  ARG A O     1 
ATOM   100  C  CB    . ARG A 1 16  ? -8.457  11.004  -5.257  1.00 19.82 ? 16  ARG A CB    1 
ATOM   101  C  CG    . ARG A 1 16  ? -7.131  11.739  -5.111  1.00 22.82 ? 16  ARG A CG    1 
ATOM   102  C  CD    . ARG A 1 16  ? -7.059  12.941  -6.067  1.00 23.44 ? 16  ARG A CD    1 
ATOM   103  N  NE    . ARG A 1 16  ? -8.002  14.012  -5.729  1.00 25.35 ? 16  ARG A NE    1 
ATOM   104  C  CZ    . ARG A 1 16  ? -7.704  15.064  -4.968  1.00 26.23 ? 16  ARG A CZ    1 
ATOM   105  N  NH1   . ARG A 1 16  ? -6.487  15.193  -4.457  1.00 25.65 ? 16  ARG A NH1   1 
ATOM   106  N  NH2   . ARG A 1 16  ? -8.621  15.990  -4.718  1.00 24.56 ? 16  ARG A NH2   1 
ATOM   107  N  N     . CYS A 1 17  ? -6.942  9.343   -2.685  1.00 13.92 ? 17  CYS A N     1 
ATOM   108  C  CA    . CYS A 1 17  ? -6.394  9.512   -1.343  1.00 13.29 ? 17  CYS A CA    1 
ATOM   109  C  C     . CYS A 1 17  ? -4.879  9.540   -1.344  1.00 12.43 ? 17  CYS A C     1 
ATOM   110  O  O     . CYS A 1 17  ? -4.239  9.250   -2.362  1.00 13.48 ? 17  CYS A O     1 
ATOM   111  C  CB    . CYS A 1 17  ? -6.900  8.428   -0.388  1.00 14.73 ? 17  CYS A CB    1 
ATOM   112  S  SG    . CYS A 1 17  ? -6.364  6.774   -0.838  1.00 20.67 ? 17  CYS A SG    1 
ATOM   113  N  N     . SER A 1 18  ? -4.319  9.930   -0.202  1.00 12.02 ? 18  SER A N     1 
ATOM   114  C  CA    . SER A 1 18  ? -2.875  9.990   -0.015  1.00 10.82 ? 18  SER A CA    1 
ATOM   115  C  C     . SER A 1 18  ? -2.570  9.443   1.366   1.00 10.54 ? 18  SER A C     1 
ATOM   116  O  O     . SER A 1 18  ? -3.354  9.633   2.303   1.00 11.08 ? 18  SER A O     1 
ATOM   117  C  CB    . SER A 1 18  ? -2.376  11.432  -0.126  1.00 10.51 ? 18  SER A CB    1 
ATOM   118  O  OG    . SER A 1 18  ? -2.764  12.017  -1.356  1.00 10.95 ? 18  SER A OG    1 
ATOM   119  N  N     . PHE A 1 19  ? -1.442  8.753   1.498   1.00 10.38 ? 19  PHE A N     1 
ATOM   120  C  CA    . PHE A 1 19  ? -1.088  8.152   2.782   1.00 9.25  ? 19  PHE A CA    1 
ATOM   121  C  C     . PHE A 1 19  ? 0.377   7.762   2.859   1.00 11.10 ? 19  PHE A C     1 
ATOM   122  O  O     . PHE A 1 19  ? 1.045   7.585   1.836   1.00 12.10 ? 19  PHE A O     1 
ATOM   123  C  CB    . PHE A 1 19  ? -1.973  6.923   3.079   1.00 10.94 ? 19  PHE A CB    1 
ATOM   124  C  CG    . PHE A 1 19  ? -1.974  5.891   1.985   1.00 11.38 ? 19  PHE A CG    1 
ATOM   125  C  CD1   . PHE A 1 19  ? -0.935  4.982   1.876   1.00 9.74  ? 19  PHE A CD1   1 
ATOM   126  C  CD2   . PHE A 1 19  ? -3.007  5.839   1.063   1.00 11.23 ? 19  PHE A CD2   1 
ATOM   127  C  CE1   . PHE A 1 19  ? -0.930  4.032   0.859   1.00 11.63 ? 19  PHE A CE1   1 
ATOM   128  C  CE2   . PHE A 1 19  ? -3.011  4.895   0.049   1.00 12.09 ? 19  PHE A CE2   1 
ATOM   129  C  CZ    . PHE A 1 19  ? -1.969  3.988   -0.047  1.00 12.32 ? 19  PHE A CZ    1 
ATOM   130  N  N     . TYR A 1 20  ? 0.861   7.635   4.090   1.00 10.83 ? 20  TYR A N     1 
ATOM   131  C  CA    . TYR A 1 20  ? 2.169   7.069   4.365   1.00 11.00 ? 20  TYR A CA    1 
ATOM   132  C  C     . TYR A 1 20  ? 1.964   5.612   4.723   1.00 10.45 ? 20  TYR A C     1 
ATOM   133  O  O     . TYR A 1 20  ? 0.955   5.264   5.334   1.00 10.17 ? 20  TYR A O     1 
ATOM   134  C  CB    . TYR A 1 20  ? 2.809   7.777   5.556   1.00 11.01 ? 20  TYR A CB    1 
ATOM   135  C  CG    . TYR A 1 20  ? 3.264   9.175   5.230   1.00 12.92 ? 20  TYR A CG    1 
ATOM   136  C  CD1   . TYR A 1 20  ? 4.536   9.404   4.747   1.00 13.35 ? 20  TYR A CD1   1 
ATOM   137  C  CD2   . TYR A 1 20  ? 2.414   10.261  5.407   1.00 17.54 ? 20  TYR A CD2   1 
ATOM   138  C  CE1   . TYR A 1 20  ? 4.962   10.677  4.440   1.00 17.14 ? 20  TYR A CE1   1 
ATOM   139  C  CE2   . TYR A 1 20  ? 2.833   11.545  5.096   1.00 19.62 ? 20  TYR A CE2   1 
ATOM   140  C  CZ    . TYR A 1 20  ? 4.110   11.741  4.617   1.00 20.92 ? 20  TYR A CZ    1 
ATOM   141  O  OH    . TYR A 1 20  ? 4.554   13.009  4.303   1.00 23.44 ? 20  TYR A OH    1 
ATOM   142  N  N     . ALA A 1 21  ? 2.903   4.755   4.330   1.00 9.30  ? 21  ALA A N     1 
ATOM   143  C  CA    . ALA A 1 21  ? 2.777   3.333   4.646   1.00 9.28  ? 21  ALA A CA    1 
ATOM   144  C  C     . ALA A 1 21  ? 4.116   2.626   4.577   1.00 10.66 ? 21  ALA A C     1 
ATOM   145  O  O     . ALA A 1 21  ? 5.073   3.151   4.022   1.00 11.10 ? 21  ALA A O     1 
ATOM   146  C  CB    . ALA A 1 21  ? 1.794   2.664   3.696   1.00 9.85  ? 21  ALA A CB    1 
ATOM   147  N  N     . GLN A 1 22  ? 4.176   1.426   5.143   1.00 8.67  ? 22  GLN A N     1 
ATOM   148  C  CA    . GLN A 1 22  ? 5.347   0.583   4.964   1.00 9.75  ? 22  GLN A CA    1 
ATOM   149  C  C     . GLN A 1 22  ? 5.016   -0.544  3.993   1.00 9.03  ? 22  GLN A C     1 
ATOM   150  O  O     . GLN A 1 22  ? 3.933   -1.136  4.066   1.00 9.82  ? 22  GLN A O     1 
ATOM   151  C  CB    . GLN A 1 22  ? 5.806   -0.004  6.304   1.00 9.66  ? 22  GLN A CB    1 
ATOM   152  C  CG    . GLN A 1 22  ? 7.151   -0.705  6.192   1.00 12.26 ? 22  GLN A CG    1 
ATOM   153  C  CD    . GLN A 1 22  ? 7.724   -1.133  7.525   1.00 15.06 ? 22  GLN A CD    1 
ATOM   154  O  OE1   . GLN A 1 22  ? 6.993   -1.372  8.488   1.00 16.11 ? 22  GLN A OE1   1 
ATOM   155  N  NE2   . GLN A 1 22  ? 9.050   -1.233  7.589   1.00 17.05 ? 22  GLN A NE2   1 
ATOM   156  N  N     . VAL A 1 23  ? 5.945   -0.826  3.081   1.00 7.67  ? 23  VAL A N     1 
ATOM   157  C  CA    . VAL A 1 23  ? 5.800   -1.909  2.117   1.00 7.13  ? 23  VAL A CA    1 
ATOM   158  C  C     . VAL A 1 23  ? 6.100   -3.254  2.773   1.00 8.29  ? 23  VAL A C     1 
ATOM   159  O  O     . VAL A 1 23  ? 7.192   -3.456  3.323   1.00 10.67 ? 23  VAL A O     1 
ATOM   160  C  CB    . VAL A 1 23  ? 6.763   -1.702  0.924   1.00 7.11  ? 23  VAL A CB    1 
ATOM   161  C  CG1   . VAL A 1 23  ? 6.629   -2.846  -0.060  1.00 6.93  ? 23  VAL A CG1   1 
ATOM   162  C  CG2   . VAL A 1 23  ? 6.470   -0.382  0.265   1.00 9.63  ? 23  VAL A CG2   1 
ATOM   163  N  N     . ILE A 1 24  ? 5.146   -4.176  2.705   1.00 8.01  ? 24  ILE A N     1 
ATOM   164  C  CA    . ILE A 1 24  ? 5.295   -5.489  3.338   1.00 8.63  ? 24  ILE A CA    1 
ATOM   165  C  C     . ILE A 1 24  ? 5.729   -6.527  2.306   1.00 9.74  ? 24  ILE A C     1 
ATOM   166  O  O     . ILE A 1 24  ? 6.571   -7.380  2.581   1.00 11.36 ? 24  ILE A O     1 
ATOM   167  C  CB    . ILE A 1 24  ? 3.984   -5.956  3.984   1.00 9.68  ? 24  ILE A CB    1 
ATOM   168  C  CG1   . ILE A 1 24  ? 3.574   -4.996  5.106   1.00 13.39 ? 24  ILE A CG1   1 
ATOM   169  C  CG2   . ILE A 1 24  ? 4.110   -7.368  4.542   1.00 11.91 ? 24  ILE A CG2   1 
ATOM   170  C  CD1   . ILE A 1 24  ? 4.592   -4.922  6.241   1.00 16.22 ? 24  ILE A CD1   1 
ATOM   171  N  N     . LYS A 1 25  ? 5.159   -6.431  1.110   1.00 8.75  ? 25  LYS A N     1 
ATOM   172  C  CA    . LYS A 1 25  ? 5.391   -7.427  0.069   1.00 8.04  ? 25  LYS A CA    1 
ATOM   173  C  C     . LYS A 1 25  ? 5.358   -6.747  -1.287  1.00 10.03 ? 25  LYS A C     1 
ATOM   174  O  O     . LYS A 1 25  ? 4.572   -5.834  -1.503  1.00 10.27 ? 25  LYS A O     1 
ATOM   175  C  CB    . LYS A 1 25  ? 4.301   -8.506  0.131   1.00 9.52  ? 25  LYS A CB    1 
ATOM   176  C  CG    . LYS A 1 25  ? 4.278   -9.489  -1.057  1.00 9.19  ? 25  LYS A CG    1 
ATOM   177  C  CD    . LYS A 1 25  ? 3.138   -10.505 -0.869  1.00 11.08 ? 25  LYS A CD    1 
ATOM   178  C  CE    . LYS A 1 25  ? 2.925   -11.427 -2.072  1.00 13.31 ? 25  LYS A CE    1 
ATOM   179  N  NZ    . LYS A 1 25  ? 3.934   -12.512 -2.108  1.00 13.23 ? 25  LYS A NZ    1 
ATOM   180  N  N     . THR A 1 26  ? 6.220   -7.196  -2.197  1.00 7.86  ? 26  THR A N     1 
ATOM   181  C  CA    . THR A 1 26  ? 6.181   -6.728  -3.569  1.00 9.79  ? 26  THR A CA    1 
ATOM   182  C  C     . THR A 1 26  ? 6.059   -7.940  -4.474  1.00 9.82  ? 26  THR A C     1 
ATOM   183  O  O     . THR A 1 26  ? 6.521   -9.034  -4.139  1.00 9.79  ? 26  THR A O     1 
ATOM   184  C  CB    . THR A 1 26  ? 7.470   -5.978  -3.959  1.00 10.12 ? 26  THR A CB    1 
ATOM   185  O  OG1   . THR A 1 26  ? 8.596   -6.849  -3.807  1.00 11.41 ? 26  THR A OG1   1 
ATOM   186  C  CG2   . THR A 1 26  ? 7.684   -4.771  -3.070  1.00 11.38 ? 26  THR A CG2   1 
ATOM   187  N  N     . TRP A 1 27  ? 5.428   -7.754  -5.621  1.00 8.53  ? 27  TRP A N     1 
ATOM   188  C  CA    . TRP A 1 27  ? 5.398   -8.810  -6.618  1.00 9.40  ? 27  TRP A CA    1 
ATOM   189  C  C     . TRP A 1 27  ? 5.443   -8.178  -7.996  1.00 10.05 ? 27  TRP A C     1 
ATOM   190  O  O     . TRP A 1 27  ? 4.575   -7.369  -8.343  1.00 9.58  ? 27  TRP A O     1 
ATOM   191  C  CB    . TRP A 1 27  ? 4.134   -9.673  -6.486  1.00 9.28  ? 27  TRP A CB    1 
ATOM   192  C  CG    . TRP A 1 27  ? 4.119   -10.788 -7.500  1.00 9.02  ? 27  TRP A CG    1 
ATOM   193  C  CD1   . TRP A 1 27  ? 3.430   -10.825 -8.678  1.00 11.63 ? 27  TRP A CD1   1 
ATOM   194  C  CD2   . TRP A 1 27  ? 4.866   -12.007 -7.433  1.00 11.06 ? 27  TRP A CD2   1 
ATOM   195  N  NE1   . TRP A 1 27  ? 3.687   -12.003 -9.343  1.00 11.05 ? 27  TRP A NE1   1 
ATOM   196  C  CE2   . TRP A 1 27  ? 4.575   -12.746 -8.600  1.00 10.05 ? 27  TRP A CE2   1 
ATOM   197  C  CE3   . TRP A 1 27  ? 5.751   -12.553 -6.499  1.00 12.93 ? 27  TRP A CE3   1 
ATOM   198  C  CZ2   . TRP A 1 27  ? 5.131   -13.993 -8.861  1.00 10.44 ? 27  TRP A CZ2   1 
ATOM   199  C  CZ3   . TRP A 1 27  ? 6.307   -13.803 -6.754  1.00 14.35 ? 27  TRP A CZ3   1 
ATOM   200  C  CH2   . TRP A 1 27  ? 5.995   -14.505 -7.926  1.00 12.33 ? 27  TRP A CH2   1 
ATOM   201  N  N     . TYR A 1 28  ? 6.456   -8.528  -8.783  1.00 9.60  ? 28  TYR A N     1 
ATOM   202  C  CA    . TYR A 1 28  ? 6.513   -8.014  -10.148 1.00 10.54 ? 28  TYR A CA    1 
ATOM   203  C  C     . TYR A 1 28  ? 5.986   -9.040  -11.146 1.00 10.20 ? 28  TYR A C     1 
ATOM   204  O  O     . TYR A 1 28  ? 6.114   -10.255 -10.946 1.00 10.70 ? 28  TYR A O     1 
ATOM   205  C  CB    . TYR A 1 28  ? 7.928   -7.549  -10.535 1.00 9.93  ? 28  TYR A CB    1 
ATOM   206  C  CG    . TYR A 1 28  ? 8.986   -8.631  -10.495 1.00 11.72 ? 28  TYR A CG    1 
ATOM   207  C  CD1   . TYR A 1 28  ? 9.184   -9.484  -11.579 1.00 12.98 ? 28  TYR A CD1   1 
ATOM   208  C  CD2   . TYR A 1 28  ? 9.814   -8.775  -9.389  1.00 13.82 ? 28  TYR A CD2   1 
ATOM   209  C  CE1   . TYR A 1 28  ? 10.168  -10.465 -11.549 1.00 14.14 ? 28  TYR A CE1   1 
ATOM   210  C  CE2   . TYR A 1 28  ? 10.792  -9.756  -9.348  1.00 15.65 ? 28  TYR A CE2   1 
ATOM   211  C  CZ    . TYR A 1 28  ? 10.960  -10.598 -10.430 1.00 17.06 ? 28  TYR A CZ    1 
ATOM   212  O  OH    . TYR A 1 28  ? 11.936  -11.572 -10.381 1.00 20.34 ? 28  TYR A OH    1 
ATOM   213  N  N     . SER A 1 29  ? 5.370   -8.538  -12.211 1.00 11.60 ? 29  SER A N     1 
ATOM   214  C  CA    . SER A 1 29  ? 4.959   -9.387  -13.322 1.00 14.37 ? 29  SER A CA    1 
ATOM   215  C  C     . SER A 1 29  ? 5.239   -8.648  -14.622 1.00 14.10 ? 29  SER A C     1 
ATOM   216  O  O     . SER A 1 29  ? 5.692   -7.495  -14.611 1.00 12.59 ? 29  SER A O     1 
ATOM   217  C  CB    . SER A 1 29  ? 3.474   -9.727  -13.223 1.00 14.88 ? 29  SER A CB    1 
ATOM   218  O  OG    . SER A 1 29  ? 2.691   -8.645  -13.692 1.00 16.09 ? 29  SER A OG    1 
ATOM   219  N  N     . ASP A 1 30  ? 4.970   -9.300  -15.749 1.00 16.81 ? 30  ASP A N     1 
ATOM   220  C  CA    . ASP A 1 30  ? 5.160   -8.642  -17.040 1.00 20.23 ? 30  ASP A CA    1 
ATOM   221  C  C     . ASP A 1 30  ? 4.041   -7.652  -17.379 1.00 20.61 ? 30  ASP A C     1 
ATOM   222  O  O     . ASP A 1 30  ? 4.088   -6.984  -18.412 1.00 20.52 ? 30  ASP A O     1 
ATOM   223  C  CB    . ASP A 1 30  ? 5.356   -9.662  -18.173 1.00 26.96 ? 30  ASP A CB    1 
ATOM   224  C  CG    . ASP A 1 30  ? 4.233   -10.685 -18.259 1.00 34.44 ? 30  ASP A CG    1 
ATOM   225  O  OD1   . ASP A 1 30  ? 3.143   -10.454 -17.691 1.00 36.45 ? 30  ASP A OD1   1 
ATOM   226  O  OD2   . ASP A 1 30  ? 4.444   -11.730 -18.916 1.00 38.38 ? 30  ASP A OD2   1 
ATOM   227  N  N     . LYS A 1 31  ? 3.052   -7.540  -16.498 1.00 17.80 ? 31  LYS A N     1 
ATOM   228  C  CA    . LYS A 1 31  ? 1.908   -6.662  -16.735 1.00 20.71 ? 31  LYS A CA    1 
ATOM   229  C  C     . LYS A 1 31  ? 1.860   -5.453  -15.798 1.00 17.09 ? 31  LYS A C     1 
ATOM   230  O  O     . LYS A 1 31  ? 1.343   -4.392  -16.161 1.00 14.33 ? 31  LYS A O     1 
ATOM   231  C  CB    . LYS A 1 31  ? 0.604   -7.456  -16.627 1.00 27.38 ? 31  LYS A CB    1 
ATOM   232  C  CG    . LYS A 1 31  ? 0.470   -8.551  -17.676 1.00 32.84 ? 31  LYS A CG    1 
ATOM   233  C  CD    . LYS A 1 31  ? 0.584   -7.978  -19.087 1.00 36.81 ? 31  LYS A CD    1 
ATOM   234  C  CE    . LYS A 1 31  ? 0.404   -9.061  -20.147 1.00 39.73 ? 31  LYS A CE    1 
ATOM   235  N  NZ    . LYS A 1 31  ? 1.505   -10.068 -20.119 1.00 41.42 ? 31  LYS A NZ    1 
ATOM   236  N  N     . ASN A 1 32  ? 2.394   -5.620  -14.594 1.00 13.71 ? 32  ASN A N     1 
ATOM   237  C  CA    . ASN A 1 32  ? 2.306   -4.586  -13.572 1.00 11.60 ? 32  ASN A CA    1 
ATOM   238  C  C     . ASN A 1 32  ? 3.251   -4.855  -12.400 1.00 10.90 ? 32  ASN A C     1 
ATOM   239  O  O     . ASN A 1 32  ? 4.002   -5.836  -12.411 1.00 10.99 ? 32  ASN A O     1 
ATOM   240  C  CB    . ASN A 1 32  ? 0.857   -4.432  -13.090 1.00 12.20 ? 32  ASN A CB    1 
ATOM   241  C  CG    . ASN A 1 32  ? 0.266   -5.735  -12.588 1.00 14.99 ? 32  ASN A CG    1 
ATOM   242  O  OD1   . ASN A 1 32  ? 0.965   -6.566  -12.019 1.00 16.81 ? 32  ASN A OD1   1 
ATOM   243  N  ND2   . ASN A 1 32  ? -1.029  -5.919  -12.801 1.00 17.50 ? 32  ASN A ND2   1 
ATOM   244  N  N     . PHE A 1 33  ? 3.228   -3.957  -11.414 1.00 8.70  ? 33  PHE A N     1 
ATOM   245  C  CA    . PHE A 1 33  ? 3.991   -4.129  -10.180 1.00 8.34  ? 33  PHE A CA    1 
ATOM   246  C  C     . PHE A 1 33  ? 3.017   -4.003  -9.025  1.00 9.16  ? 33  PHE A C     1 
ATOM   247  O  O     . PHE A 1 33  ? 2.209   -3.082  -8.991  1.00 10.25 ? 33  PHE A O     1 
ATOM   248  C  CB    . PHE A 1 33  ? 5.101   -3.075  -10.067 1.00 7.81  ? 33  PHE A CB    1 
ATOM   249  C  CG    . PHE A 1 33  ? 6.069   -3.326  -8.940  1.00 9.61  ? 33  PHE A CG    1 
ATOM   250  C  CD1   . PHE A 1 33  ? 6.749   -4.529  -8.844  1.00 10.14 ? 33  PHE A CD1   1 
ATOM   251  C  CD2   . PHE A 1 33  ? 6.300   -2.350  -7.973  1.00 10.00 ? 33  PHE A CD2   1 
ATOM   252  C  CE1   . PHE A 1 33  ? 7.646   -4.763  -7.802  1.00 11.32 ? 33  PHE A CE1   1 
ATOM   253  C  CE2   . PHE A 1 33  ? 7.195   -2.582  -6.935  1.00 10.07 ? 33  PHE A CE2   1 
ATOM   254  C  CZ    . PHE A 1 33  ? 7.866   -3.787  -6.849  1.00 10.53 ? 33  PHE A CZ    1 
ATOM   255  N  N     . THR A 1 34  ? 3.086   -4.941  -8.088  1.00 6.84  ? 34  THR A N     1 
ATOM   256  C  CA    . THR A 1 34  ? 2.167   -4.950  -6.948  1.00 7.64  ? 34  THR A CA    1 
ATOM   257  C  C     . THR A 1 34  ? 2.896   -4.683  -5.643  1.00 6.57  ? 34  THR A C     1 
ATOM   258  O  O     . THR A 1 34  ? 3.961   -5.245  -5.382  1.00 7.36  ? 34  THR A O     1 
ATOM   259  C  CB    . THR A 1 34  ? 1.466   -6.306  -6.832  1.00 10.97 ? 34  THR A CB    1 
ATOM   260  O  OG1   . THR A 1 34  ? 0.760   -6.573  -8.047  1.00 13.75 ? 34  THR A OG1   1 
ATOM   261  C  CG2   . THR A 1 34  ? 0.471   -6.309  -5.639  1.00 10.71 ? 34  THR A CG2   1 
ATOM   262  N  N     . LEU A 1 35  ? 2.318   -3.817  -4.815  1.00 7.80  ? 35  LEU A N     1 
ATOM   263  C  CA    . LEU A 1 35  ? 2.813   -3.590  -3.467  1.00 8.25  ? 35  LEU A CA    1 
ATOM   264  C  C     . LEU A 1 35  ? 1.714   -3.992  -2.505  1.00 9.03  ? 35  LEU A C     1 
ATOM   265  O  O     . LEU A 1 35  ? 0.534   -3.834  -2.810  1.00 12.22 ? 35  LEU A O     1 
ATOM   266  C  CB    . LEU A 1 35  ? 3.098   -2.103  -3.232  1.00 9.57  ? 35  LEU A CB    1 
ATOM   267  C  CG    . LEU A 1 35  ? 4.017   -1.359  -4.190  1.00 11.76 ? 35  LEU A CG    1 
ATOM   268  C  CD1   . LEU A 1 35  ? 4.084   0.109   -3.779  1.00 15.05 ? 35  LEU A CD1   1 
ATOM   269  C  CD2   . LEU A 1 35  ? 5.399   -1.985  -4.182  1.00 11.68 ? 35  LEU A CD2   1 
ATOM   270  N  N     . TYR A 1 36  ? 2.101   -4.530  -1.357  1.00 6.98  ? 36  TYR A N     1 
ATOM   271  C  CA    . TYR A 1 36  ? 1.178   -4.688  -0.240  1.00 8.66  ? 36  TYR A CA    1 
ATOM   272  C  C     . TYR A 1 36  ? 1.717   -3.796  0.850   1.00 7.45  ? 36  TYR A C     1 
ATOM   273  O  O     . TYR A 1 36  ? 2.879   -3.934  1.248   1.00 9.29  ? 36  TYR A O     1 
ATOM   274  C  CB    . TYR A 1 36  ? 1.145   -6.135  0.258   1.00 9.05  ? 36  TYR A CB    1 
ATOM   275  C  CG    . TYR A 1 36  ? 0.557   -7.100  -0.735  1.00 11.66 ? 36  TYR A CG    1 
ATOM   276  C  CD1   . TYR A 1 36  ? 1.267   -7.469  -1.864  1.00 9.70  ? 36  TYR A CD1   1 
ATOM   277  C  CD2   . TYR A 1 36  ? -0.706  -7.653  -0.539  1.00 16.44 ? 36  TYR A CD2   1 
ATOM   278  C  CE1   . TYR A 1 36  ? 0.739   -8.352  -2.781  1.00 12.43 ? 36  TYR A CE1   1 
ATOM   279  C  CE2   . TYR A 1 36  ? -1.240  -8.541  -1.457  1.00 17.50 ? 36  TYR A CE2   1 
ATOM   280  C  CZ    . TYR A 1 36  ? -0.512  -8.876  -2.579  1.00 17.80 ? 36  TYR A CZ    1 
ATOM   281  O  OH    . TYR A 1 36  ? -1.021  -9.756  -3.508  1.00 21.57 ? 36  TYR A OH    1 
ATOM   282  N  N     . VAL A 1 37  ? 0.893   -2.856  1.307   1.00 8.33  ? 37  VAL A N     1 
ATOM   283  C  CA    . VAL A 1 37  ? 1.347   -1.841  2.244   1.00 8.14  ? 37  VAL A CA    1 
ATOM   284  C  C     . VAL A 1 37  ? 0.447   -1.751  3.480   1.00 9.21  ? 37  VAL A C     1 
ATOM   285  O  O     . VAL A 1 37  ? -0.731  -2.107  3.436   1.00 10.28 ? 37  VAL A O     1 
ATOM   286  C  CB    . VAL A 1 37  ? 1.485   -0.454  1.574   1.00 7.30  ? 37  VAL A CB    1 
ATOM   287  C  CG1   . VAL A 1 37  ? 2.336   -0.568  0.308   1.00 9.69  ? 37  VAL A CG1   1 
ATOM   288  C  CG2   . VAL A 1 37  ? 0.109   0.165   1.257   1.00 8.67  ? 37  VAL A CG2   1 
ATOM   289  N  N     . THR A 1 38  ? 1.027   -1.280  4.579   1.00 8.70  ? 38  THR A N     1 
ATOM   290  C  CA    . THR A 1 38  ? 0.299   -1.171  5.838   1.00 8.22  ? 38  THR A CA    1 
ATOM   291  C  C     . THR A 1 38  ? 0.732   0.094   6.549   1.00 8.73  ? 38  THR A C     1 
ATOM   292  O  O     . THR A 1 38  ? 1.851   0.559   6.367   1.00 10.14 ? 38  THR A O     1 
ATOM   293  C  CB    . THR A 1 38  ? 0.597   -2.372  6.766   1.00 8.25  ? 38  THR A CB    1 
ATOM   294  O  OG1   . THR A 1 38  ? -0.210  -2.283  7.945   1.00 9.56  ? 38  THR A OG1   1 
ATOM   295  C  CG2   . THR A 1 38  ? 2.052   -2.388  7.190   1.00 9.84  ? 38  THR A CG2   1 
ATOM   296  N  N     . ASP A 1 39  ? -0.152  0.649   7.368   1.00 8.13  ? 39  ASP A N     1 
ATOM   297  C  CA    . ASP A 1 39  ? 0.267   1.680   8.312   1.00 10.09 ? 39  ASP A CA    1 
ATOM   298  C  C     . ASP A 1 39  ? -0.141  1.246   9.722   1.00 10.49 ? 39  ASP A C     1 
ATOM   299  O  O     . ASP A 1 39  ? -0.193  2.051   10.662  1.00 11.33 ? 39  ASP A O     1 
ATOM   300  C  CB    . ASP A 1 39  ? -0.274  3.068   7.925   1.00 10.88 ? 39  ASP A CB    1 
ATOM   301  C  CG    . ASP A 1 39  ? -1.774  3.213   8.146   1.00 12.39 ? 39  ASP A CG    1 
ATOM   302  O  OD1   . ASP A 1 39  ? -2.443  2.221   8.505   1.00 12.35 ? 39  ASP A OD1   1 
ATOM   303  O  OD2   . ASP A 1 39  ? -2.289  4.346   7.954   1.00 14.07 ? 39  ASP A OD2   1 
ATOM   304  N  N     . TYR A 1 40  ? -0.415  -0.048  9.844   1.00 11.24 ? 40  TYR A N     1 
ATOM   305  C  CA    . TYR A 1 40  ? -0.813  -0.670  11.111  1.00 12.65 ? 40  TYR A CA    1 
ATOM   306  C  C     . TYR A 1 40  ? -2.098  -0.082  11.697  1.00 13.19 ? 40  TYR A C     1 
ATOM   307  O  O     . TYR A 1 40  ? -2.268  -0.001  12.917  1.00 13.39 ? 40  TYR A O     1 
ATOM   308  C  CB    . TYR A 1 40  ? 0.348   -0.678  12.107  1.00 12.37 ? 40  TYR A CB    1 
ATOM   309  C  CG    . TYR A 1 40  ? 1.522   -1.457  11.561  1.00 15.62 ? 40  TYR A CG    1 
ATOM   310  C  CD1   . TYR A 1 40  ? 1.577   -2.840  11.683  1.00 20.74 ? 40  TYR A CD1   1 
ATOM   311  C  CD2   . TYR A 1 40  ? 2.543   -0.815  10.874  1.00 18.79 ? 40  TYR A CD2   1 
ATOM   312  C  CE1   . TYR A 1 40  ? 2.635   -3.557  11.157  1.00 22.67 ? 40  TYR A CE1   1 
ATOM   313  C  CE2   . TYR A 1 40  ? 3.598   -1.523  10.349  1.00 22.54 ? 40  TYR A CE2   1 
ATOM   314  C  CZ    . TYR A 1 40  ? 3.637   -2.890  10.493  1.00 24.57 ? 40  TYR A CZ    1 
ATOM   315  O  OH    . TYR A 1 40  ? 4.692   -3.597  9.972   1.00 30.28 ? 40  TYR A OH    1 
ATOM   316  N  N     . THR A 1 41  ? -3.002  0.307   10.806  1.00 11.49 ? 41  THR A N     1 
ATOM   317  C  CA    . THR A 1 41  ? -4.378  0.610   11.172  1.00 12.73 ? 41  THR A CA    1 
ATOM   318  C  C     . THR A 1 41  ? -5.309  -0.321  10.407  1.00 13.49 ? 41  THR A C     1 
ATOM   319  O  O     . THR A 1 41  ? -5.038  -0.698  9.269   1.00 14.51 ? 41  THR A O     1 
ATOM   320  C  CB    . THR A 1 41  ? -4.761  2.092   10.928  1.00 13.86 ? 41  THR A CB    1 
ATOM   321  O  OG1   . THR A 1 41  ? -4.838  2.364   9.522   1.00 11.46 ? 41  THR A OG1   1 
ATOM   322  C  CG2   . THR A 1 41  ? -3.744  3.008   11.583  1.00 15.64 ? 41  THR A CG2   1 
ATOM   323  N  N     . GLU A 1 42  ? -6.404  -0.704  11.050  1.00 11.79 ? 42  GLU A N     1 
ATOM   324  C  CA    . GLU A 1 42  ? -7.304  -1.701  10.495  1.00 10.64 ? 42  GLU A CA    1 
ATOM   325  C  C     . GLU A 1 42  ? -8.371  -1.082  9.593   1.00 11.52 ? 42  GLU A C     1 
ATOM   326  O  O     . GLU A 1 42  ? -8.849  0.031   9.832   1.00 13.37 ? 42  GLU A O     1 
ATOM   327  C  CB    . GLU A 1 42  ? -7.983  -2.459  11.647  1.00 12.22 ? 42  GLU A CB    1 
ATOM   328  C  CG    . GLU A 1 42  ? -8.749  -3.704  11.220  1.00 13.03 ? 42  GLU A CG    1 
ATOM   329  C  CD    . GLU A 1 42  ? -10.224 -3.452  10.984  1.00 15.51 ? 42  GLU A CD    1 
ATOM   330  O  OE1   . GLU A 1 42  ? -10.726 -2.365  11.348  1.00 19.41 ? 42  GLU A OE1   1 
ATOM   331  O  OE2   . GLU A 1 42  ? -10.889 -4.357  10.443  1.00 13.82 ? 42  GLU A OE2   1 
ATOM   332  N  N     . ASN A 1 43  ? -8.745  -1.810  8.555   1.00 10.46 ? 43  ASN A N     1 
ATOM   333  C  CA    . ASN A 1 43  ? -9.845  -1.396  7.691   1.00 10.13 ? 43  ASN A CA    1 
ATOM   334  C  C     . ASN A 1 43  ? -10.716 -2.609  7.404   1.00 11.99 ? 43  ASN A C     1 
ATOM   335  O  O     . ASN A 1 43  ? -10.222 -3.647  6.978   1.00 11.19 ? 43  ASN A O     1 
ATOM   336  C  CB    . ASN A 1 43  ? -9.301  -0.782  6.396   1.00 8.95  ? 43  ASN A CB    1 
ATOM   337  C  CG    . ASN A 1 43  ? -10.383 -0.119  5.540   1.00 9.56  ? 43  ASN A CG    1 
ATOM   338  O  OD1   . ASN A 1 43  ? -11.405 -0.725  5.213   1.00 10.89 ? 43  ASN A OD1   1 
ATOM   339  N  ND2   . ASN A 1 43  ? -10.134 1.129   5.142   1.00 9.48  ? 43  ASN A ND2   1 
ATOM   340  N  N     . GLU A 1 44  ? -12.018 -2.488  7.652   1.00 13.17 ? 44  GLU A N     1 
ATOM   341  C  CA    . GLU A 1 44  ? -12.916 -3.634  7.498   1.00 13.49 ? 44  GLU A CA    1 
ATOM   342  C  C     . GLU A 1 44  ? -12.937 -4.212  6.088   1.00 12.02 ? 44  GLU A C     1 
ATOM   343  O  O     . GLU A 1 44  ? -13.371 -5.346  5.889   1.00 13.26 ? 44  GLU A O     1 
ATOM   344  C  CB    . GLU A 1 44  ? -14.335 -3.254  7.917   1.00 17.71 ? 44  GLU A CB    1 
ATOM   345  C  CG    . GLU A 1 44  ? -14.471 -2.931  9.384   1.00 23.00 ? 44  GLU A CG    1 
ATOM   346  C  CD    . GLU A 1 44  ? -14.453 -4.178  10.244  1.00 27.38 ? 44  GLU A CD    1 
ATOM   347  O  OE1   . GLU A 1 44  ? -15.545 -4.710  10.544  1.00 31.06 ? 44  GLU A OE1   1 
ATOM   348  O  OE2   . GLU A 1 44  ? -13.352 -4.631  10.611  1.00 25.65 ? 44  GLU A OE2   1 
ATOM   349  N  N     . LEU A 1 45  ? -12.478 -3.429  5.109   1.00 11.20 ? 45  LEU A N     1 
ATOM   350  C  CA    . LEU A 1 45  ? -12.478 -3.862  3.722   1.00 10.11 ? 45  LEU A CA    1 
ATOM   351  C  C     . LEU A 1 45  ? -11.152 -4.490  3.282   1.00 9.91  ? 45  LEU A C     1 
ATOM   352  O  O     . LEU A 1 45  ? -11.015 -4.905  2.135   1.00 10.88 ? 45  LEU A O     1 
ATOM   353  C  CB    . LEU A 1 45  ? -12.832 -2.698  2.793   1.00 11.49 ? 45  LEU A CB    1 
ATOM   354  C  CG    . LEU A 1 45  ? -14.241 -2.148  3.036   1.00 14.66 ? 45  LEU A CG    1 
ATOM   355  C  CD1   . LEU A 1 45  ? -14.524 -0.994  2.086   1.00 16.39 ? 45  LEU A CD1   1 
ATOM   356  C  CD2   . LEU A 1 45  ? -15.247 -3.267  2.857   1.00 16.39 ? 45  LEU A CD2   1 
ATOM   357  N  N     . PHE A 1 46  ? -10.202 -4.597  4.204   1.00 9.47  ? 46  PHE A N     1 
ATOM   358  C  CA    . PHE A 1 46  ? -8.947  -5.269  3.901   1.00 9.35  ? 46  PHE A CA    1 
ATOM   359  C  C     . PHE A 1 46  ? -9.098  -6.782  4.072   1.00 10.82 ? 46  PHE A C     1 
ATOM   360  O  O     . PHE A 1 46  ? -9.948  -7.265  4.830   1.00 10.94 ? 46  PHE A O     1 
ATOM   361  C  CB    . PHE A 1 46  ? -7.818  -4.767  4.806   1.00 10.13 ? 46  PHE A CB    1 
ATOM   362  C  CG    . PHE A 1 46  ? -7.413  -3.332  4.545   1.00 9.12  ? 46  PHE A CG    1 
ATOM   363  C  CD1   . PHE A 1 46  ? -7.932  -2.630  3.465   1.00 9.47  ? 46  PHE A CD1   1 
ATOM   364  C  CD2   . PHE A 1 46  ? -6.522  -2.695  5.391   1.00 10.35 ? 46  PHE A CD2   1 
ATOM   365  C  CE1   . PHE A 1 46  ? -7.560  -1.308  3.227   1.00 9.04  ? 46  PHE A CE1   1 
ATOM   366  C  CE2   . PHE A 1 46  ? -6.135  -1.374  5.161   1.00 9.92  ? 46  PHE A CE2   1 
ATOM   367  C  CZ    . PHE A 1 46  ? -6.662  -0.678  4.074   1.00 9.22  ? 46  PHE A CZ    1 
ATOM   368  N  N     . PHE A 1 47  ? -8.268  -7.526  3.362   1.00 9.18  ? 47  PHE A N     1 
ATOM   369  C  CA    . PHE A 1 47  ? -8.295  -8.974  3.461   1.00 9.11  ? 47  PHE A CA    1 
ATOM   370  C  C     . PHE A 1 47  ? -7.755  -9.398  4.826   1.00 7.31  ? 47  PHE A C     1 
ATOM   371  O  O     . PHE A 1 47  ? -6.752  -8.860  5.292   1.00 9.87  ? 47  PHE A O     1 
ATOM   372  C  CB    . PHE A 1 47  ? -7.461  -9.595  2.338   1.00 10.49 ? 47  PHE A CB    1 
ATOM   373  C  CG    . PHE A 1 47  ? -7.552  -11.090 2.299   1.00 10.62 ? 47  PHE A CG    1 
ATOM   374  C  CD1   . PHE A 1 47  ? -6.671  -11.871 3.035   1.00 10.26 ? 47  PHE A CD1   1 
ATOM   375  C  CD2   . PHE A 1 47  ? -8.543  -11.712 1.568   1.00 11.83 ? 47  PHE A CD2   1 
ATOM   376  C  CE1   . PHE A 1 47  ? -6.764  -13.265 3.024   1.00 11.93 ? 47  PHE A CE1   1 
ATOM   377  C  CE2   . PHE A 1 47  ? -8.647  -13.107 1.554   1.00 13.34 ? 47  PHE A CE2   1 
ATOM   378  C  CZ    . PHE A 1 47  ? -7.749  -13.876 2.281   1.00 14.26 ? 47  PHE A CZ    1 
ATOM   379  N  N     . PRO A 1 48  ? -8.426  -10.358 5.486   1.00 8.88  ? 48  PRO A N     1 
ATOM   380  C  CA    . PRO A 1 48  ? -7.918  -10.842 6.772   1.00 10.11 ? 48  PRO A CA    1 
ATOM   381  C  C     . PRO A 1 48  ? -6.770  -11.830 6.567   1.00 10.29 ? 48  PRO A C     1 
ATOM   382  O  O     . PRO A 1 48  ? -6.990  -13.018 6.315   1.00 10.88 ? 48  PRO A O     1 
ATOM   383  C  CB    . PRO A 1 48  ? -9.141  -11.535 7.391   1.00 8.20  ? 48  PRO A CB    1 
ATOM   384  C  CG    . PRO A 1 48  ? -9.921  -12.016 6.235   1.00 10.34 ? 48  PRO A CG    1 
ATOM   385  C  CD    . PRO A 1 48  ? -9.667  -11.040 5.085   1.00 11.72 ? 48  PRO A CD    1 
HETATM 386  N  N     . MSE A 1 49  ? -5.546  -11.322 6.662   1.00 9.22  ? 49  MSE A N     1 
HETATM 387  C  CA    . MSE A 1 49  ? -4.349  -12.134 6.462   1.00 10.68 ? 49  MSE A CA    1 
HETATM 388  C  C     . MSE A 1 49  ? -4.166  -13.185 7.564   1.00 9.45  ? 49  MSE A C     1 
HETATM 389  O  O     . MSE A 1 49  ? -4.093  -12.847 8.740   1.00 10.02 ? 49  MSE A O     1 
HETATM 390  C  CB    . MSE A 1 49  ? -3.115  -11.230 6.387   1.00 12.13 ? 49  MSE A CB    1 
HETATM 391  C  CG    . MSE A 1 49  ? -3.104  -10.284 5.193   1.00 15.57 ? 49  MSE A CG    1 
HETATM 392  SE SE    . MSE A 1 49  ? -3.032  -11.259 3.492   1.00 22.01 ? 49  MSE A SE    1 
HETATM 393  C  CE    . MSE A 1 49  ? -1.445  -12.321 3.859   1.00 26.18 ? 49  MSE A CE    1 
ATOM   394  N  N     . SER A 1 50  ? -4.080  -14.452 7.172   1.00 9.34  ? 50  SER A N     1 
ATOM   395  C  CA    . SER A 1 50  ? -4.019  -15.551 8.143   1.00 9.12  ? 50  SER A CA    1 
ATOM   396  C  C     . SER A 1 50  ? -2.600  -15.948 8.531   1.00 9.16  ? 50  SER A C     1 
ATOM   397  O  O     . SER A 1 50  ? -1.753  -16.167 7.674   1.00 12.74 ? 50  SER A O     1 
ATOM   398  C  CB    . SER A 1 50  ? -4.719  -16.794 7.593   1.00 10.33 ? 50  SER A CB    1 
ATOM   399  O  OG    . SER A 1 50  ? -4.630  -17.857 8.536   1.00 10.67 ? 50  SER A OG    1 
ATOM   400  N  N     . PRO A 1 51  ? -2.353  -16.097 9.836   1.00 9.28  ? 51  PRO A N     1 
ATOM   401  C  CA    . PRO A 1 51  ? -1.058  -16.613 10.293  1.00 9.56  ? 51  PRO A CA    1 
ATOM   402  C  C     . PRO A 1 51  ? -0.937  -18.141 10.163  1.00 12.37 ? 51  PRO A C     1 
ATOM   403  O  O     . PRO A 1 51  ? 0.124   -18.708 10.447  1.00 13.33 ? 51  PRO A O     1 
ATOM   404  C  CB    . PRO A 1 51  ? -1.034  -16.207 11.766  1.00 8.58  ? 51  PRO A CB    1 
ATOM   405  C  CG    . PRO A 1 51  ? -2.497  -16.180 12.165  1.00 8.96  ? 51  PRO A CG    1 
ATOM   406  C  CD    . PRO A 1 51  ? -3.233  -15.699 10.952  1.00 9.12  ? 51  PRO A CD    1 
ATOM   407  N  N     . TYR A 1 52  ? -2.003  -18.792 9.718   1.00 10.18 ? 52  TYR A N     1 
ATOM   408  C  CA    . TYR A 1 52  ? -2.056  -20.255 9.702   1.00 10.20 ? 52  TYR A CA    1 
ATOM   409  C  C     . TYR A 1 52  ? -1.727  -20.862 8.348   1.00 13.59 ? 52  TYR A C     1 
ATOM   410  O  O     . TYR A 1 52  ? -1.616  -22.085 8.213   1.00 17.01 ? 52  TYR A O     1 
ATOM   411  C  CB    . TYR A 1 52  ? -3.438  -20.724 10.164  1.00 12.52 ? 52  TYR A CB    1 
ATOM   412  C  CG    . TYR A 1 52  ? -3.878  -20.072 11.457  1.00 11.30 ? 52  TYR A CG    1 
ATOM   413  C  CD1   . TYR A 1 52  ? -3.025  -20.011 12.556  1.00 12.00 ? 52  TYR A CD1   1 
ATOM   414  C  CD2   . TYR A 1 52  ? -5.139  -19.502 11.572  1.00 10.92 ? 52  TYR A CD2   1 
ATOM   415  C  CE1   . TYR A 1 52  ? -3.423  -19.411 13.745  1.00 10.93 ? 52  TYR A CE1   1 
ATOM   416  C  CE2   . TYR A 1 52  ? -5.548  -18.899 12.756  1.00 11.15 ? 52  TYR A CE2   1 
ATOM   417  C  CZ    . TYR A 1 52  ? -4.689  -18.854 13.834  1.00 11.67 ? 52  TYR A CZ    1 
ATOM   418  O  OH    . TYR A 1 52  ? -5.096  -18.254 14.996  1.00 12.53 ? 52  TYR A OH    1 
ATOM   419  N  N     . THR A 1 53  ? -1.556  -20.015 7.339   1.00 16.83 ? 53  THR A N     1 
ATOM   420  C  CA    . THR A 1 53  ? -1.232  -20.499 6.003   1.00 17.75 ? 53  THR A CA    1 
ATOM   421  C  C     . THR A 1 53  ? 0.060   -21.313 6.002   1.00 21.77 ? 53  THR A C     1 
ATOM   422  O  O     . THR A 1 53  ? 1.073   -20.900 6.564   1.00 21.87 ? 53  THR A O     1 
ATOM   423  C  CB    . THR A 1 53  ? -1.091  -19.333 5.013   1.00 16.22 ? 53  THR A CB    1 
ATOM   424  O  OG1   . THR A 1 53  ? -2.291  -18.553 5.040   1.00 17.22 ? 53  THR A OG1   1 
ATOM   425  C  CG2   . THR A 1 53  ? -0.846  -19.858 3.601   1.00 14.85 ? 53  THR A CG2   1 
ATOM   426  N  N     . SER A 1 54  ? 0.017   -22.481 5.371   1.00 23.92 ? 54  SER A N     1 
ATOM   427  C  CA    . SER A 1 54  ? 1.215   -23.294 5.232   1.00 28.40 ? 54  SER A CA    1 
ATOM   428  C  C     . SER A 1 54  ? 2.161   -22.666 4.214   1.00 29.17 ? 54  SER A C     1 
ATOM   429  O  O     . SER A 1 54  ? 1.788   -22.463 3.062   1.00 31.19 ? 54  SER A O     1 
ATOM   430  C  CB    . SER A 1 54  ? 0.851   -24.713 4.792   1.00 31.97 ? 54  SER A CB    1 
ATOM   431  O  OG    . SER A 1 54  ? -0.013  -25.332 5.731   1.00 36.00 ? 54  SER A OG    1 
ATOM   432  N  N     . SER A 1 55  ? 3.372   -22.331 4.649   1.00 28.12 ? 55  SER A N     1 
ATOM   433  C  CA    . SER A 1 55  ? 4.457   -21.982 3.722   1.00 28.33 ? 55  SER A CA    1 
ATOM   434  C  C     . SER A 1 55  ? 4.397   -20.596 3.074   1.00 25.25 ? 55  SER A C     1 
ATOM   435  O  O     . SER A 1 55  ? 5.022   -20.376 2.039   1.00 27.69 ? 55  SER A O     1 
ATOM   436  C  CB    . SER A 1 55  ? 4.575   -23.035 2.613   1.00 32.92 ? 55  SER A CB    1 
ATOM   437  O  OG    . SER A 1 55  ? 3.687   -22.751 1.539   1.00 35.17 ? 55  SER A OG    1 
ATOM   438  N  N     . SER A 1 56  ? 3.659   -19.664 3.663   1.00 19.04 ? 56  SER A N     1 
ATOM   439  C  CA    . SER A 1 56  ? 3.647   -18.298 3.143   1.00 16.55 ? 56  SER A CA    1 
ATOM   440  C  C     . SER A 1 56  ? 4.882   -17.536 3.605   1.00 17.71 ? 56  SER A C     1 
ATOM   441  O  O     . SER A 1 56  ? 5.405   -17.801 4.691   1.00 20.81 ? 56  SER A O     1 
ATOM   442  C  CB    . SER A 1 56  ? 2.388   -17.564 3.598   1.00 15.78 ? 56  SER A CB    1 
ATOM   443  O  OG    . SER A 1 56  ? 2.476   -16.186 3.263   1.00 15.09 ? 56  SER A OG    1 
ATOM   444  N  N     . ARG A 1 57  ? 5.346   -16.594 2.780   1.00 14.27 ? 57  ARG A N     1 
ATOM   445  C  CA    . ARG A 1 57  ? 6.466   -15.733 3.152   1.00 15.00 ? 57  ARG A CA    1 
ATOM   446  C  C     . ARG A 1 57  ? 6.006   -14.495 3.926   1.00 15.56 ? 57  ARG A C     1 
ATOM   447  O  O     . ARG A 1 57  ? 6.824   -13.692 4.366   1.00 17.27 ? 57  ARG A O     1 
ATOM   448  C  CB    . ARG A 1 57  ? 7.255   -15.307 1.910   1.00 16.09 ? 57  ARG A CB    1 
ATOM   449  C  CG    . ARG A 1 57  ? 7.885   -16.458 1.149   1.00 20.46 ? 57  ARG A CG    1 
ATOM   450  C  CD    . ARG A 1 57  ? 9.058   -17.008 1.916   1.00 25.49 ? 57  ARG A CD    1 
ATOM   451  N  NE    . ARG A 1 57  ? 10.091  -15.993 2.100   1.00 30.84 ? 57  ARG A NE    1 
ATOM   452  C  CZ    . ARG A 1 57  ? 11.063  -15.743 1.227   1.00 33.45 ? 57  ARG A CZ    1 
ATOM   453  N  NH1   . ARG A 1 57  ? 11.142  -16.431 0.092   1.00 32.50 ? 57  ARG A NH1   1 
ATOM   454  N  NH2   . ARG A 1 57  ? 11.961  -14.799 1.489   1.00 35.82 ? 57  ARG A NH2   1 
ATOM   455  N  N     . TRP A 1 58  ? 4.694   -14.330 4.072   1.00 14.17 ? 58  TRP A N     1 
ATOM   456  C  CA    . TRP A 1 58  ? 4.153   -13.213 4.853   1.00 15.04 ? 58  TRP A CA    1 
ATOM   457  C  C     . TRP A 1 58  ? 4.443   -13.458 6.337   1.00 17.68 ? 58  TRP A C     1 
ATOM   458  O  O     . TRP A 1 58  ? 4.199   -14.552 6.846   1.00 23.65 ? 58  TRP A O     1 
ATOM   459  C  CB    . TRP A 1 58  ? 2.639   -13.151 4.627   1.00 12.66 ? 58  TRP A CB    1 
ATOM   460  C  CG    . TRP A 1 58  ? 1.945   -11.928 5.158   1.00 12.67 ? 58  TRP A CG    1 
ATOM   461  C  CD1   . TRP A 1 58  ? 1.438   -11.746 6.411   1.00 13.30 ? 58  TRP A CD1   1 
ATOM   462  C  CD2   . TRP A 1 58  ? 1.655   -10.732 4.432   1.00 9.99  ? 58  TRP A CD2   1 
ATOM   463  N  NE1   . TRP A 1 58  ? 0.863   -10.505 6.518   1.00 11.78 ? 58  TRP A NE1   1 
ATOM   464  C  CE2   . TRP A 1 58  ? 0.976   -9.861  5.312   1.00 11.20 ? 58  TRP A CE2   1 
ATOM   465  C  CE3   . TRP A 1 58  ? 1.905   -10.313 3.120   1.00 10.34 ? 58  TRP A CE3   1 
ATOM   466  C  CZ2   . TRP A 1 58  ? 0.541   -8.598  4.929   1.00 10.09 ? 58  TRP A CZ2   1 
ATOM   467  C  CZ3   . TRP A 1 58  ? 1.470   -9.046  2.736   1.00 11.39 ? 58  TRP A CZ3   1 
ATOM   468  C  CH2   . TRP A 1 58  ? 0.798   -8.211  3.637   1.00 11.24 ? 58  TRP A CH2   1 
ATOM   469  N  N     . ARG A 1 59  ? 4.954   -12.448 7.031   1.00 20.98 ? 59  ARG A N     1 
ATOM   470  C  CA    . ARG A 1 59  ? 5.174   -12.556 8.474   1.00 22.46 ? 59  ARG A CA    1 
ATOM   471  C  C     . ARG A 1 59  ? 4.341   -11.577 9.311   1.00 20.92 ? 59  ARG A C     1 
ATOM   472  O  O     . ARG A 1 59  ? 4.603   -11.400 10.499  1.00 23.17 ? 59  ARG A O     1 
ATOM   473  C  CB    . ARG A 1 59  ? 6.658   -12.386 8.807   1.00 23.48 ? 59  ARG A CB    1 
ATOM   474  C  CG    . ARG A 1 59  ? 7.557   -13.451 8.200   1.00 23.91 ? 59  ARG A CG    1 
ATOM   475  C  CD    . ARG A 1 59  ? 7.380   -14.798 8.884   1.00 25.45 ? 59  ARG A CD    1 
ATOM   476  N  NE    . ARG A 1 59  ? 8.163   -15.834 8.213   1.00 26.78 ? 59  ARG A NE    1 
ATOM   477  C  CZ    . ARG A 1 59  ? 7.699   -16.590 7.223   1.00 28.31 ? 59  ARG A CZ    1 
ATOM   478  N  NH1   . ARG A 1 59  ? 6.451   -16.434 6.795   1.00 26.75 ? 59  ARG A NH1   1 
ATOM   479  N  NH2   . ARG A 1 59  ? 8.479   -17.508 6.665   1.00 29.91 ? 59  ARG A NH2   1 
ATOM   480  N  N     . GLY A 1 60  ? 3.333   -10.955 8.699   1.00 19.31 ? 60  GLY A N     1 
ATOM   481  C  CA    . GLY A 1 60  ? 2.513   -9.955  9.373   1.00 9.79  ? 60  GLY A CA    1 
ATOM   482  C  C     . GLY A 1 60  ? 2.537   -8.632  8.629   1.00 12.49 ? 60  GLY A C     1 
ATOM   483  O  O     . GLY A 1 60  ? 3.358   -8.448  7.707   1.00 16.35 ? 60  GLY A O     1 
ATOM   484  N  N     . PRO A 1 61  ? 1.648   -7.703  9.007   1.00 11.19 ? 61  PRO A N     1 
ATOM   485  C  CA    . PRO A 1 61  ? 0.656   -7.893  10.073  1.00 10.55 ? 61  PRO A CA    1 
ATOM   486  C  C     . PRO A 1 61  ? -0.454  -8.853  9.663   1.00 10.32 ? 61  PRO A C     1 
ATOM   487  O  O     . PRO A 1 61  ? -0.719  -9.032  8.474   1.00 8.96  ? 61  PRO A O     1 
ATOM   488  C  CB    . PRO A 1 61  ? 0.084   -6.490  10.267  1.00 11.61 ? 61  PRO A CB    1 
ATOM   489  C  CG    . PRO A 1 61  ? 0.222   -5.846  8.907   1.00 10.70 ? 61  PRO A CG    1 
ATOM   490  C  CD    . PRO A 1 61  ? 1.541   -6.367  8.385   1.00 11.28 ? 61  PRO A CD    1 
ATOM   491  N  N     . PHE A 1 62  ? -1.112  -9.456  10.650  1.00 9.93  ? 62  PHE A N     1 
ATOM   492  C  CA    . PHE A 1 62  ? -2.198  -10.380 10.363  1.00 9.22  ? 62  PHE A CA    1 
ATOM   493  C  C     . PHE A 1 62  ? -3.539  -9.701  10.573  1.00 8.74  ? 62  PHE A C     1 
ATOM   494  O  O     . PHE A 1 62  ? -3.612  -8.615  11.153  1.00 11.55 ? 62  PHE A O     1 
ATOM   495  C  CB    . PHE A 1 62  ? -2.049  -11.656 11.194  1.00 9.18  ? 62  PHE A CB    1 
ATOM   496  C  CG    . PHE A 1 62  ? -0.782  -12.398 10.889  1.00 9.80  ? 62  PHE A CG    1 
ATOM   497  C  CD1   . PHE A 1 62  ? -0.630  -13.066 9.681   1.00 8.44  ? 62  PHE A CD1   1 
ATOM   498  C  CD2   . PHE A 1 62  ? 0.285   -12.369 11.774  1.00 12.71 ? 62  PHE A CD2   1 
ATOM   499  C  CE1   . PHE A 1 62  ? 0.556   -13.722 9.373   1.00 8.59  ? 62  PHE A CE1   1 
ATOM   500  C  CE2   . PHE A 1 62  ? 1.469   -13.024 11.467  1.00 12.64 ? 62  PHE A CE2   1 
ATOM   501  C  CZ    . PHE A 1 62  ? 1.603   -13.694 10.271  1.00 10.09 ? 62  PHE A CZ    1 
ATOM   502  N  N     . GLY A 1 63  ? -4.589  -10.320 10.061  1.00 8.47  ? 63  GLY A N     1 
ATOM   503  C  CA    . GLY A 1 63  ? -5.900  -9.696  10.070  1.00 8.76  ? 63  GLY A CA    1 
ATOM   504  C  C     . GLY A 1 63  ? -5.995  -8.626  8.999   1.00 11.11 ? 63  GLY A C     1 
ATOM   505  O  O     . GLY A 1 63  ? -5.259  -8.654  8.011   1.00 11.32 ? 63  GLY A O     1 
ATOM   506  N  N     . ARG A 1 64  ? -6.884  -7.662  9.205   1.00 9.36  ? 64  ARG A N     1 
ATOM   507  C  CA    . ARG A 1 64  ? -7.255  -6.737  8.137   1.00 7.83  ? 64  ARG A CA    1 
ATOM   508  C  C     . ARG A 1 64  ? -6.424  -5.452  8.182   1.00 9.35  ? 64  ARG A C     1 
ATOM   509  O  O     . ARG A 1 64  ? -6.953  -4.370  8.422   1.00 8.97  ? 64  ARG A O     1 
ATOM   510  C  CB    . ARG A 1 64  ? -8.740  -6.412  8.264   1.00 9.28  ? 64  ARG A CB    1 
ATOM   511  C  CG    . ARG A 1 64  ? -9.650  -7.630  8.160   1.00 8.98  ? 64  ARG A CG    1 
ATOM   512  C  CD    . ARG A 1 64  ? -11.102 -7.172  8.026   1.00 8.79  ? 64  ARG A CD    1 
ATOM   513  N  NE    . ARG A 1 64  ? -12.053 -8.276  8.161   1.00 9.80  ? 64  ARG A NE    1 
ATOM   514  C  CZ    . ARG A 1 64  ? -12.563 -8.965  7.145   1.00 13.05 ? 64  ARG A CZ    1 
ATOM   515  N  NH1   . ARG A 1 64  ? -12.217 -8.688  5.893   1.00 12.35 ? 64  ARG A NH1   1 
ATOM   516  N  NH2   . ARG A 1 64  ? -13.427 -9.941  7.381   1.00 14.48 ? 64  ARG A NH2   1 
ATOM   517  N  N     . PHE A 1 65  ? -5.121  -5.571  7.929   1.00 8.50  ? 65  PHE A N     1 
ATOM   518  C  CA    . PHE A 1 65  ? -4.200  -4.467  8.195   1.00 10.01 ? 65  PHE A CA    1 
ATOM   519  C  C     . PHE A 1 65  ? -3.380  -4.016  6.986   1.00 9.83  ? 65  PHE A C     1 
ATOM   520  O  O     . PHE A 1 65  ? -2.605  -3.065  7.080   1.00 11.14 ? 65  PHE A O     1 
ATOM   521  C  CB    . PHE A 1 65  ? -3.245  -4.828  9.341   1.00 9.48  ? 65  PHE A CB    1 
ATOM   522  C  CG    . PHE A 1 65  ? -3.834  -4.618  10.695  1.00 12.39 ? 65  PHE A CG    1 
ATOM   523  C  CD1   . PHE A 1 65  ? -4.610  -5.602  11.286  1.00 16.68 ? 65  PHE A CD1   1 
ATOM   524  C  CD2   . PHE A 1 65  ? -3.636  -3.426  11.369  1.00 16.22 ? 65  PHE A CD2   1 
ATOM   525  C  CE1   . PHE A 1 65  ? -5.169  -5.400  12.531  1.00 17.91 ? 65  PHE A CE1   1 
ATOM   526  C  CE2   . PHE A 1 65  ? -4.200  -3.218  12.618  1.00 16.57 ? 65  PHE A CE2   1 
ATOM   527  C  CZ    . PHE A 1 65  ? -4.964  -4.210  13.198  1.00 17.16 ? 65  PHE A CZ    1 
ATOM   528  N  N     . SER A 1 66  ? -3.547  -4.688  5.855   1.00 8.47  ? 66  SER A N     1 
ATOM   529  C  CA    . SER A 1 66  ? -2.769  -4.324  4.674   1.00 8.86  ? 66  SER A CA    1 
ATOM   530  C  C     . SER A 1 66  ? -3.634  -4.172  3.437   1.00 9.07  ? 66  SER A C     1 
ATOM   531  O  O     . SER A 1 66  ? -4.709  -4.760  3.343   1.00 10.79 ? 66  SER A O     1 
ATOM   532  C  CB    . SER A 1 66  ? -1.694  -5.386  4.422   1.00 9.19  ? 66  SER A CB    1 
ATOM   533  O  OG    . SER A 1 66  ? -0.835  -5.478  5.541   1.00 12.63 ? 66  SER A OG    1 
ATOM   534  N  N     . ILE A 1 67  ? -3.154  -3.384  2.483   1.00 8.27  ? 67  ILE A N     1 
ATOM   535  C  CA    . ILE A 1 67  ? -3.881  -3.195  1.239   1.00 9.75  ? 67  ILE A CA    1 
ATOM   536  C  C     . ILE A 1 67  ? -2.962  -3.455  0.065   1.00 9.26  ? 67  ILE A C     1 
ATOM   537  O  O     . ILE A 1 67  ? -1.779  -3.087  0.083   1.00 9.09  ? 67  ILE A O     1 
ATOM   538  C  CB    . ILE A 1 67  ? -4.489  -1.774  1.134   1.00 9.80  ? 67  ILE A CB    1 
ATOM   539  C  CG1   . ILE A 1 67  ? -5.403  -1.678  -0.089  1.00 11.29 ? 67  ILE A CG1   1 
ATOM   540  C  CG2   . ILE A 1 67  ? -3.389  -0.721  1.083   1.00 10.61 ? 67  ILE A CG2   1 
ATOM   541  C  CD1   . ILE A 1 67  ? -6.224  -0.390  -0.150  1.00 12.18 ? 67  ILE A CD1   1 
ATOM   542  N  N     . ARG A 1 68  ? -3.511  -4.117  -0.944  1.00 8.19  ? 68  ARG A N     1 
ATOM   543  C  CA    . ARG A 1 68  ? -2.799  -4.341  -2.188  1.00 9.91  ? 68  ARG A CA    1 
ATOM   544  C  C     . ARG A 1 68  ? -2.862  -3.112  -3.089  1.00 9.73  ? 68  ARG A C     1 
ATOM   545  O  O     . ARG A 1 68  ? -3.915  -2.489  -3.248  1.00 10.51 ? 68  ARG A O     1 
ATOM   546  C  CB    . ARG A 1 68  ? -3.372  -5.560  -2.907  1.00 11.94 ? 68  ARG A CB    1 
ATOM   547  C  CG    . ARG A 1 68  ? -2.635  -5.883  -4.208  1.00 14.37 ? 68  ARG A CG    1 
ATOM   548  C  CD    . ARG A 1 68  ? -2.865  -7.332  -4.616  1.00 17.58 ? 68  ARG A CD    1 
ATOM   549  N  NE    . ARG A 1 68  ? -4.276  -7.609  -4.839  1.00 19.72 ? 68  ARG A NE    1 
ATOM   550  C  CZ    . ARG A 1 68  ? -4.864  -8.771  -4.578  1.00 23.09 ? 68  ARG A CZ    1 
ATOM   551  N  NH1   . ARG A 1 68  ? -4.171  -9.781  -4.068  1.00 24.22 ? 68  ARG A NH1   1 
ATOM   552  N  NH2   . ARG A 1 68  ? -6.153  -8.917  -4.818  1.00 24.79 ? 68  ARG A NH2   1 
ATOM   553  N  N     . CYS A 1 69  ? -1.716  -2.761  -3.664  1.00 8.57  ? 69  CYS A N     1 
ATOM   554  C  CA    . CYS A 1 69  ? -1.648  -1.657  -4.616  1.00 8.96  ? 69  CYS A CA    1 
ATOM   555  C  C     . CYS A 1 69  ? -1.178  -2.201  -5.945  1.00 8.20  ? 69  CYS A C     1 
ATOM   556  O  O     . CYS A 1 69  ? -0.145  -2.877  -6.015  1.00 10.81 ? 69  CYS A O     1 
ATOM   557  C  CB    . CYS A 1 69  ? -0.668  -0.590  -4.134  1.00 10.20 ? 69  CYS A CB    1 
ATOM   558  S  SG    . CYS A 1 69  ? -0.960  0.003   -2.458  1.00 14.36 ? 69  CYS A SG    1 
ATOM   559  N  N     . ILE A 1 70  ? -1.924  -1.902  -7.002  1.00 7.10  ? 70  ILE A N     1 
ATOM   560  C  CA    . ILE A 1 70  ? -1.543  -2.323  -8.338  1.00 9.94  ? 70  ILE A CA    1 
ATOM   561  C  C     . ILE A 1 70  ? -1.002  -1.105  -9.079  1.00 8.56  ? 70  ILE A C     1 
ATOM   562  O  O     . ILE A 1 70  ? -1.690  -0.096  -9.199  1.00 9.53  ? 70  ILE A O     1 
ATOM   563  C  CB    . ILE A 1 70  ? -2.749  -2.885  -9.114  1.00 12.49 ? 70  ILE A CB    1 
ATOM   564  C  CG1   . ILE A 1 70  ? -3.402  -4.026  -8.333  1.00 16.05 ? 70  ILE A CG1   1 
ATOM   565  C  CG2   . ILE A 1 70  ? -2.314  -3.340  -10.505 1.00 12.92 ? 70  ILE A CG2   1 
ATOM   566  C  CD1   . ILE A 1 70  ? -2.495  -5.245  -8.178  1.00 17.08 ? 70  ILE A CD1   1 
ATOM   567  N  N     . LEU A 1 71  ? 0.235   -1.204  -9.555  1.00 6.70  ? 71  LEU A N     1 
ATOM   568  C  CA    . LEU A 1 71  ? 0.899   -0.101  -10.244 1.00 8.17  ? 71  LEU A CA    1 
ATOM   569  C  C     . LEU A 1 71  ? 1.057   -0.461  -11.709 1.00 9.52  ? 71  LEU A C     1 
ATOM   570  O  O     . LEU A 1 71  ? 1.629   -1.504  -12.048 1.00 10.08 ? 71  LEU A O     1 
ATOM   571  C  CB    . LEU A 1 71  ? 2.281   0.156   -9.636  1.00 8.98  ? 71  LEU A CB    1 
ATOM   572  C  CG    . LEU A 1 71  ? 2.318   0.980   -8.346  1.00 11.05 ? 71  LEU A CG    1 
ATOM   573  C  CD1   . LEU A 1 71  ? 1.498   0.324   -7.252  1.00 12.23 ? 71  LEU A CD1   1 
ATOM   574  C  CD2   . LEU A 1 71  ? 3.757   1.163   -7.886  1.00 12.13 ? 71  LEU A CD2   1 
ATOM   575  N  N     . TRP A 1 72  ? 0.548   0.416   -12.572 1.00 10.77 ? 72  TRP A N     1 
ATOM   576  C  CA    . TRP A 1 72  ? 0.573   0.217   -14.013 1.00 11.73 ? 72  TRP A CA    1 
ATOM   577  C  C     . TRP A 1 72  ? 1.524   1.215   -14.673 1.00 9.99  ? 72  TRP A C     1 
ATOM   578  O  O     . TRP A 1 72  ? 1.805   2.275   -14.116 1.00 10.36 ? 72  TRP A O     1 
ATOM   579  C  CB    . TRP A 1 72  ? -0.820  0.456   -14.603 1.00 12.73 ? 72  TRP A CB    1 
ATOM   580  C  CG    . TRP A 1 72  ? -1.908  -0.477  -14.138 1.00 12.99 ? 72  TRP A CG    1 
ATOM   581  C  CD1   . TRP A 1 72  ? -2.889  -0.204  -13.220 1.00 11.64 ? 72  TRP A CD1   1 
ATOM   582  C  CD2   . TRP A 1 72  ? -2.163  -1.811  -14.603 1.00 13.28 ? 72  TRP A CD2   1 
ATOM   583  N  NE1   . TRP A 1 72  ? -3.719  -1.290  -13.073 1.00 13.26 ? 72  TRP A NE1   1 
ATOM   584  C  CE2   . TRP A 1 72  ? -3.295  -2.287  -13.913 1.00 12.85 ? 72  TRP A CE2   1 
ATOM   585  C  CE3   . TRP A 1 72  ? -1.537  -2.645  -15.536 1.00 11.96 ? 72  TRP A CE3   1 
ATOM   586  C  CZ2   . TRP A 1 72  ? -3.819  -3.560  -14.120 1.00 12.89 ? 72  TRP A CZ2   1 
ATOM   587  C  CZ3   . TRP A 1 72  ? -2.057  -3.911  -15.740 1.00 13.94 ? 72  TRP A CZ3   1 
ATOM   588  C  CH2   . TRP A 1 72  ? -3.187  -4.355  -15.036 1.00 12.93 ? 72  TRP A CH2   1 
ATOM   589  N  N     . ASP A 1 73  ? 2.003   0.872   -15.864 1.00 9.82  ? 73  ASP A N     1 
ATOM   590  C  CA    . ASP A 1 73  ? 2.678   1.853   -16.716 1.00 11.99 ? 73  ASP A CA    1 
ATOM   591  C  C     . ASP A 1 73  ? 3.860   2.518   -16.015 1.00 12.16 ? 73  ASP A C     1 
ATOM   592  O  O     . ASP A 1 73  ? 4.691   1.832   -15.424 1.00 12.60 ? 73  ASP A O     1 
ATOM   593  C  CB    . ASP A 1 73  ? 1.663   2.884   -17.220 1.00 14.34 ? 73  ASP A CB    1 
ATOM   594  C  CG    . ASP A 1 73  ? 0.501   2.234   -17.956 1.00 17.83 ? 73  ASP A CG    1 
ATOM   595  O  OD1   . ASP A 1 73  ? 0.761   1.366   -18.815 1.00 18.09 ? 73  ASP A OD1   1 
ATOM   596  O  OD2   . ASP A 1 73  ? -0.664  2.571   -17.659 1.00 18.99 ? 73  ASP A OD2   1 
ATOM   597  N  N     . GLU A 1 74  ? 3.945   3.844   -16.067 1.00 12.26 ? 74  GLU A N     1 
ATOM   598  C  CA    . GLU A 1 74  ? 5.128   4.525   -15.545 1.00 12.17 ? 74  GLU A CA    1 
ATOM   599  C  C     . GLU A 1 74  ? 5.349   4.238   -14.059 1.00 11.65 ? 74  GLU A C     1 
ATOM   600  O  O     . GLU A 1 74  ? 6.482   4.213   -13.586 1.00 11.19 ? 74  GLU A O     1 
ATOM   601  C  CB    . GLU A 1 74  ? 5.076   6.034   -15.818 1.00 13.64 ? 74  GLU A CB    1 
ATOM   602  C  CG    . GLU A 1 74  ? 4.007   6.806   -15.033 1.00 12.94 ? 74  GLU A CG    1 
ATOM   603  C  CD    . GLU A 1 74  ? 2.665   6.901   -15.750 1.00 15.18 ? 74  GLU A CD    1 
ATOM   604  O  OE1   . GLU A 1 74  ? 2.420   6.098   -16.667 1.00 15.49 ? 74  GLU A OE1   1 
ATOM   605  O  OE2   . GLU A 1 74  ? 1.854   7.792   -15.393 1.00 15.95 ? 74  GLU A OE2   1 
ATOM   606  N  N     . HIS A 1 75  ? 4.263   4.007   -13.331 1.00 10.48 ? 75  HIS A N     1 
ATOM   607  C  CA    . HIS A 1 75  ? 4.362   3.682   -11.911 1.00 9.34  ? 75  HIS A CA    1 
ATOM   608  C  C     . HIS A 1 75  ? 5.032   2.327   -11.705 1.00 8.82  ? 75  HIS A C     1 
ATOM   609  O  O     . HIS A 1 75  ? 5.845   2.168   -10.806 1.00 9.50  ? 75  HIS A O     1 
ATOM   610  C  CB    . HIS A 1 75  ? 2.970   3.676   -11.276 1.00 9.13  ? 75  HIS A CB    1 
ATOM   611  C  CG    . HIS A 1 75  ? 2.129   4.845   -11.682 1.00 10.49 ? 75  HIS A CG    1 
ATOM   612  N  ND1   . HIS A 1 75  ? 2.349   6.124   -11.211 1.00 12.11 ? 75  HIS A ND1   1 
ATOM   613  C  CD2   . HIS A 1 75  ? 1.065   4.934   -12.518 1.00 12.20 ? 75  HIS A CD2   1 
ATOM   614  C  CE1   . HIS A 1 75  ? 1.460   6.945   -11.733 1.00 13.81 ? 75  HIS A CE1   1 
ATOM   615  N  NE2   . HIS A 1 75  ? 0.669   6.249   -12.537 1.00 14.03 ? 75  HIS A NE2   1 
ATOM   616  N  N     . ASP A 1 76  ? 4.672   1.366   -12.552 1.00 8.78  ? 76  ASP A N     1 
ATOM   617  C  CA    . ASP A 1 76  ? 5.265   0.032   -12.578 1.00 10.25 ? 76  ASP A CA    1 
ATOM   618  C  C     . ASP A 1 76  ? 6.746   0.145   -12.940 1.00 11.23 ? 76  ASP A C     1 
ATOM   619  O  O     . ASP A 1 76  ? 7.620   -0.300  -12.193 1.00 10.19 ? 76  ASP A O     1 
ATOM   620  C  CB    . ASP A 1 76  ? 4.482   -0.805  -13.606 1.00 12.11 ? 76  ASP A CB    1 
ATOM   621  C  CG    . ASP A 1 76  ? 5.129   -2.146  -13.940 1.00 13.25 ? 76  ASP A CG    1 
ATOM   622  O  OD1   . ASP A 1 76  ? 6.085   -2.579  -13.275 1.00 13.01 ? 76  ASP A OD1   1 
ATOM   623  O  OD2   . ASP A 1 76  ? 4.631   -2.792  -14.889 1.00 14.56 ? 76  ASP A OD2   1 
ATOM   624  N  N     . PHE A 1 77  ? 7.032   0.766   -14.080 1.00 10.49 ? 77  PHE A N     1 
ATOM   625  C  CA    . PHE A 1 77  ? 8.403   0.824   -14.578 1.00 11.19 ? 77  PHE A CA    1 
ATOM   626  C  C     . PHE A 1 77  ? 9.336   1.531   -13.588 1.00 10.47 ? 77  PHE A C     1 
ATOM   627  O  O     . PHE A 1 77  ? 10.494  1.140   -13.413 1.00 10.56 ? 77  PHE A O     1 
ATOM   628  C  CB    . PHE A 1 77  ? 8.433   1.536   -15.933 1.00 13.77 ? 77  PHE A CB    1 
ATOM   629  C  CG    . PHE A 1 77  ? 7.452   0.975   -16.941 1.00 15.11 ? 77  PHE A CG    1 
ATOM   630  C  CD1   . PHE A 1 77  ? 7.223   -0.379  -17.029 1.00 17.87 ? 77  PHE A CD1   1 
ATOM   631  C  CD2   . PHE A 1 77  ? 6.755   1.825   -17.788 1.00 17.25 ? 77  PHE A CD2   1 
ATOM   632  C  CE1   . PHE A 1 77  ? 6.322   -0.892  -17.954 1.00 20.69 ? 77  PHE A CE1   1 
ATOM   633  C  CE2   . PHE A 1 77  ? 5.850   1.327   -18.711 1.00 19.24 ? 77  PHE A CE2   1 
ATOM   634  C  CZ    . PHE A 1 77  ? 5.632   -0.035  -18.794 1.00 19.27 ? 77  PHE A CZ    1 
ATOM   635  N  N     . TYR A 1 78  ? 8.823   2.553   -12.909 1.00 9.56  ? 78  TYR A N     1 
ATOM   636  C  CA    . TYR A 1 78  ? 9.624   3.263   -11.919 1.00 9.87  ? 78  TYR A CA    1 
ATOM   637  C  C     . TYR A 1 78  ? 9.873   2.466   -10.648 1.00 9.59  ? 78  TYR A C     1 
ATOM   638  O  O     . TYR A 1 78  ? 10.996  2.428   -10.142 1.00 11.68 ? 78  TYR A O     1 
ATOM   639  C  CB    . TYR A 1 78  ? 8.953   4.573   -11.533 1.00 9.06  ? 78  TYR A CB    1 
ATOM   640  C  CG    . TYR A 1 78  ? 9.702   5.383   -10.503 1.00 10.14 ? 78  TYR A CG    1 
ATOM   641  C  CD1   . TYR A 1 78  ? 11.037  5.723   -10.689 1.00 10.18 ? 78  TYR A CD1   1 
ATOM   642  C  CD2   . TYR A 1 78  ? 9.061   5.848   -9.358  1.00 9.63  ? 78  TYR A CD2   1 
ATOM   643  C  CE1   . TYR A 1 78  ? 11.725  6.489   -9.753  1.00 10.41 ? 78  TYR A CE1   1 
ATOM   644  C  CE2   . TYR A 1 78  ? 9.734   6.615   -8.421  1.00 12.09 ? 78  TYR A CE2   1 
ATOM   645  C  CZ    . TYR A 1 78  ? 11.060  6.931   -8.621  1.00 10.81 ? 78  TYR A CZ    1 
ATOM   646  O  OH    . TYR A 1 78  ? 11.715  7.695   -7.692  1.00 11.96 ? 78  TYR A OH    1 
ATOM   647  N  N     . CYS A 1 79  ? 8.818   1.858   -10.116 1.00 9.62  ? 79  CYS A N     1 
ATOM   648  C  CA    . CYS A 1 79  ? 8.904   1.210   -8.810  1.00 8.27  ? 79  CYS A CA    1 
ATOM   649  C  C     . CYS A 1 79  ? 9.465   -0.211  -8.804  1.00 8.60  ? 79  CYS A C     1 
ATOM   650  O  O     . CYS A 1 79  ? 9.999   -0.661  -7.785  1.00 9.83  ? 79  CYS A O     1 
ATOM   651  C  CB    . CYS A 1 79  ? 7.529   1.225   -8.111  1.00 8.58  ? 79  CYS A CB    1 
ATOM   652  S  SG    . CYS A 1 79  ? 6.989   2.875   -7.628  1.00 12.06 ? 79  CYS A SG    1 
ATOM   653  N  N     . ARG A 1 80  ? 9.351   -0.922  -9.923  1.00 8.56  ? 80  ARG A N     1 
ATOM   654  C  CA    . ARG A 1 80  ? 9.578   -2.365  -9.901  1.00 9.91  ? 80  ARG A CA    1 
ATOM   655  C  C     . ARG A 1 80  ? 11.002  -2.771  -9.525  1.00 9.86  ? 80  ARG A C     1 
ATOM   656  O  O     . ARG A 1 80  ? 11.208  -3.831  -8.954  1.00 10.52 ? 80  ARG A O     1 
ATOM   657  C  CB    . ARG A 1 80  ? 9.143   -3.016  -11.212 1.00 12.68 ? 80  ARG A CB    1 
ATOM   658  C  CG    . ARG A 1 80  ? 9.927   -2.574  -12.421 1.00 13.65 ? 80  ARG A CG    1 
ATOM   659  C  CD    . ARG A 1 80  ? 9.268   -3.093  -13.694 1.00 15.64 ? 80  ARG A CD    1 
ATOM   660  N  NE    . ARG A 1 80  ? 9.426   -4.537  -13.879 1.00 17.31 ? 80  ARG A NE    1 
ATOM   661  C  CZ    . ARG A 1 80  ? 8.428   -5.421  -13.885 1.00 18.37 ? 80  ARG A CZ    1 
ATOM   662  N  NH1   . ARG A 1 80  ? 7.175   -5.027  -13.692 1.00 20.65 ? 80  ARG A NH1   1 
ATOM   663  N  NH2   . ARG A 1 80  ? 8.685   -6.711  -14.087 1.00 17.37 ? 80  ARG A NH2   1 
ATOM   664  N  N     . ASN A 1 81  ? 11.979  -1.924  -9.825  1.00 10.42 ? 81  ASN A N     1 
ATOM   665  C  CA    . ASN A 1 81  ? 13.357  -2.201  -9.415  1.00 10.13 ? 81  ASN A CA    1 
ATOM   666  C  C     . ASN A 1 81  ? 13.849  -1.183  -8.397  1.00 11.63 ? 81  ASN A C     1 
ATOM   667  O  O     . ASN A 1 81  ? 15.051  -0.983  -8.242  1.00 13.79 ? 81  ASN A O     1 
ATOM   668  C  CB    . ASN A 1 81  ? 14.292  -2.190  -10.627 1.00 9.63  ? 81  ASN A CB    1 
ATOM   669  C  CG    . ASN A 1 81  ? 13.873  -3.174  -11.691 1.00 10.98 ? 81  ASN A CG    1 
ATOM   670  O  OD1   . ASN A 1 81  ? 13.414  -2.782  -12.761 1.00 11.39 ? 81  ASN A OD1   1 
ATOM   671  N  ND2   . ASN A 1 81  ? 14.021  -4.465  -11.399 1.00 13.59 ? 81  ASN A ND2   1 
ATOM   672  N  N     . TYR A 1 82  ? 12.918  -0.541  -7.701  1.00 11.44 ? 82  TYR A N     1 
ATOM   673  C  CA    . TYR A 1 82  ? 13.259  0.561   -6.815  1.00 10.64 ? 82  TYR A CA    1 
ATOM   674  C  C     . TYR A 1 82  ? 12.633  0.387   -5.423  1.00 11.61 ? 82  TYR A C     1 
ATOM   675  O  O     . TYR A 1 82  ? 13.337  0.397   -4.413  1.00 13.18 ? 82  TYR A O     1 
ATOM   676  C  CB    . TYR A 1 82  ? 12.837  1.883   -7.476  1.00 11.09 ? 82  TYR A CB    1 
ATOM   677  C  CG    . TYR A 1 82  ? 13.062  3.142   -6.660  1.00 11.47 ? 82  TYR A CG    1 
ATOM   678  C  CD1   . TYR A 1 82  ? 14.333  3.491   -6.216  1.00 13.65 ? 82  TYR A CD1   1 
ATOM   679  C  CD2   . TYR A 1 82  ? 12.008  3.997   -6.373  1.00 11.73 ? 82  TYR A CD2   1 
ATOM   680  C  CE1   . TYR A 1 82  ? 14.543  4.660   -5.485  1.00 14.34 ? 82  TYR A CE1   1 
ATOM   681  C  CE2   . TYR A 1 82  ? 12.205  5.164   -5.641  1.00 13.08 ? 82  TYR A CE2   1 
ATOM   682  C  CZ    . TYR A 1 82  ? 13.475  5.486   -5.207  1.00 15.13 ? 82  TYR A CZ    1 
ATOM   683  O  OH    . TYR A 1 82  ? 13.667  6.640   -4.481  1.00 17.37 ? 82  TYR A OH    1 
ATOM   684  N  N     . ILE A 1 83  ? 11.315  0.236   -5.370  1.00 10.74 ? 83  ILE A N     1 
ATOM   685  C  CA    . ILE A 1 83  ? 10.620  0.048   -4.098  1.00 11.36 ? 83  ILE A CA    1 
ATOM   686  C  C     . ILE A 1 83  ? 10.806  -1.392  -3.624  1.00 11.92 ? 83  ILE A C     1 
ATOM   687  O  O     . ILE A 1 83  ? 10.520  -2.331  -4.365  1.00 11.66 ? 83  ILE A O     1 
ATOM   688  C  CB    . ILE A 1 83  ? 9.112   0.357   -4.256  1.00 10.91 ? 83  ILE A CB    1 
ATOM   689  C  CG1   . ILE A 1 83  ? 8.893   1.797   -4.748  1.00 13.94 ? 83  ILE A CG1   1 
ATOM   690  C  CG2   . ILE A 1 83  ? 8.339   0.030   -2.967  1.00 12.33 ? 83  ILE A CG2   1 
ATOM   691  C  CD1   . ILE A 1 83  ? 9.540   2.866   -3.891  1.00 15.63 ? 83  ILE A CD1   1 
ATOM   692  N  N     . LYS A 1 84  ? 11.279  -1.561  -2.389  1.00 12.32 ? 84  LYS A N     1 
ATOM   693  C  CA    . LYS A 1 84  ? 11.570  -2.882  -1.846  1.00 12.04 ? 84  LYS A CA    1 
ATOM   694  C  C     . LYS A 1 84  ? 10.729  -3.181  -0.625  1.00 10.26 ? 84  LYS A C     1 
ATOM   695  O  O     . LYS A 1 84  ? 10.272  -2.266  0.063   1.00 10.14 ? 84  LYS A O     1 
ATOM   696  C  CB    . LYS A 1 84  ? 13.030  -2.973  -1.413  1.00 13.70 ? 84  LYS A CB    1 
ATOM   697  C  CG    . LYS A 1 84  ? 14.037  -2.643  -2.505  1.00 18.93 ? 84  LYS A CG    1 
ATOM   698  C  CD    . LYS A 1 84  ? 13.929  -3.584  -3.696  1.00 23.78 ? 84  LYS A CD    1 
ATOM   699  C  CE    . LYS A 1 84  ? 14.890  -3.158  -4.812  1.00 28.08 ? 84  LYS A CE    1 
ATOM   700  N  NZ    . LYS A 1 84  ? 14.688  -3.955  -6.056  1.00 29.95 ? 84  LYS A NZ    1 
ATOM   701  N  N     . GLU A 1 85  ? 10.571  -4.466  -0.323  1.00 10.80 ? 85  GLU A N     1 
ATOM   702  C  CA    . GLU A 1 85  ? 9.920   -4.843  0.926   1.00 11.71 ? 85  GLU A CA    1 
ATOM   703  C  C     . GLU A 1 85  ? 10.662  -4.220  2.110   1.00 12.08 ? 85  GLU A C     1 
ATOM   704  O  O     . GLU A 1 85  ? 11.899  -4.251  2.179   1.00 13.52 ? 85  GLU A O     1 
ATOM   705  C  CB    . GLU A 1 85  ? 9.823   -6.371  1.057   1.00 13.82 ? 85  GLU A CB    1 
ATOM   706  C  CG    . GLU A 1 85  ? 8.925   -6.988  -0.019  1.00 14.65 ? 85  GLU A CG    1 
ATOM   707  C  CD    . GLU A 1 85  ? 8.898   -8.499  -0.004  1.00 15.15 ? 85  GLU A CD    1 
ATOM   708  O  OE1   . GLU A 1 85  ? 9.630   -9.097  0.811   1.00 16.28 ? 85  GLU A OE1   1 
ATOM   709  O  OE2   . GLU A 1 85  ? 8.139   -9.086  -0.812  1.00 12.30 ? 85  GLU A OE2   1 
ATOM   710  N  N     . GLY A 1 86  ? 9.903   -3.618  3.016   1.00 12.60 ? 86  GLY A N     1 
ATOM   711  C  CA    . GLY A 1 86  ? 10.468  -2.952  4.172   1.00 12.27 ? 86  GLY A CA    1 
ATOM   712  C  C     . GLY A 1 86  ? 10.571  -1.446  4.013   1.00 12.55 ? 86  GLY A C     1 
ATOM   713  O  O     . GLY A 1 86  ? 10.617  -0.724  5.014   1.00 13.75 ? 86  GLY A O     1 
ATOM   714  N  N     . ASP A 1 87  ? 10.601  -0.961  2.770   1.00 11.30 ? 87  ASP A N     1 
ATOM   715  C  CA    . ASP A 1 87  ? 10.671  0.486   2.536   1.00 11.88 ? 87  ASP A CA    1 
ATOM   716  C  C     . ASP A 1 87  ? 9.424   1.192   3.079   1.00 12.70 ? 87  ASP A C     1 
ATOM   717  O  O     . ASP A 1 87  ? 8.338   0.607   3.146   1.00 12.64 ? 87  ASP A O     1 
ATOM   718  C  CB    . ASP A 1 87  ? 10.793  0.818   1.037   1.00 13.67 ? 87  ASP A CB    1 
ATOM   719  C  CG    . ASP A 1 87  ? 12.155  0.471   0.455   1.00 17.11 ? 87  ASP A CG    1 
ATOM   720  O  OD1   . ASP A 1 87  ? 13.107  0.232   1.223   1.00 18.43 ? 87  ASP A OD1   1 
ATOM   721  O  OD2   . ASP A 1 87  ? 12.277  0.459   -0.789  1.00 17.93 ? 87  ASP A OD2   1 
ATOM   722  N  N     . TYR A 1 88  ? 9.589   2.445   3.479   1.00 11.00 ? 88  TYR A N     1 
ATOM   723  C  CA    . TYR A 1 88  ? 8.443   3.294   3.748   1.00 12.06 ? 88  TYR A CA    1 
ATOM   724  C  C     . TYR A 1 88  ? 8.179   4.126   2.513   1.00 12.13 ? 88  TYR A C     1 
ATOM   725  O  O     . TYR A 1 88  ? 9.110   4.551   1.821   1.00 13.16 ? 88  TYR A O     1 
ATOM   726  C  CB    . TYR A 1 88  ? 8.713   4.210   4.935   1.00 12.67 ? 88  TYR A CB    1 
ATOM   727  C  CG    . TYR A 1 88  ? 8.937   3.471   6.227   1.00 15.18 ? 88  TYR A CG    1 
ATOM   728  C  CD1   . TYR A 1 88  ? 10.218  3.114   6.626   1.00 17.97 ? 88  TYR A CD1   1 
ATOM   729  C  CD2   . TYR A 1 88  ? 7.869   3.130   7.044   1.00 15.60 ? 88  TYR A CD2   1 
ATOM   730  C  CE1   . TYR A 1 88  ? 10.428  2.444   7.807   1.00 19.84 ? 88  TYR A CE1   1 
ATOM   731  C  CE2   . TYR A 1 88  ? 8.068   2.457   8.227   1.00 18.34 ? 88  TYR A CE2   1 
ATOM   732  C  CZ    . TYR A 1 88  ? 9.353   2.119   8.602   1.00 20.26 ? 88  TYR A CZ    1 
ATOM   733  O  OH    . TYR A 1 88  ? 9.571   1.452   9.780   1.00 22.51 ? 88  TYR A OH    1 
ATOM   734  N  N     . VAL A 1 89  ? 6.905   4.363   2.231   1.00 11.72 ? 89  VAL A N     1 
ATOM   735  C  CA    . VAL A 1 89  ? 6.537   5.141   1.062   1.00 12.46 ? 89  VAL A CA    1 
ATOM   736  C  C     . VAL A 1 89  ? 5.483   6.180   1.406   1.00 11.45 ? 89  VAL A C     1 
ATOM   737  O  O     . VAL A 1 89  ? 4.714   6.030   2.355   1.00 10.58 ? 89  VAL A O     1 
ATOM   738  C  CB    . VAL A 1 89  ? 5.989   4.239   -0.067  1.00 11.97 ? 89  VAL A CB    1 
ATOM   739  C  CG1   . VAL A 1 89  ? 7.104   3.347   -0.646  1.00 13.90 ? 89  VAL A CG1   1 
ATOM   740  C  CG2   . VAL A 1 89  ? 4.827   3.394   0.450   1.00 12.11 ? 89  VAL A CG2   1 
ATOM   741  N  N     . VAL A 1 90  ? 5.458   7.242   0.616   1.00 11.00 ? 90  VAL A N     1 
ATOM   742  C  CA    . VAL A 1 90  ? 4.318   8.134   0.627   1.00 12.14 ? 90  VAL A CA    1 
ATOM   743  C  C     . VAL A 1 90  ? 3.661   8.060   -0.746  1.00 11.41 ? 90  VAL A C     1 
ATOM   744  O  O     . VAL A 1 90  ? 4.320   8.181   -1.786  1.00 11.09 ? 90  VAL A O     1 
ATOM   745  C  CB    . VAL A 1 90  ? 4.697   9.574   1.035   1.00 13.33 ? 90  VAL A CB    1 
ATOM   746  C  CG1   . VAL A 1 90  ? 5.784   10.133  0.129   1.00 12.96 ? 90  VAL A CG1   1 
ATOM   747  C  CG2   . VAL A 1 90  ? 3.456   10.471  1.042   1.00 13.87 ? 90  VAL A CG2   1 
HETATM 748  N  N     . MSE A 1 91  ? 2.366   7.779   -0.737  1.00 10.99 ? 91  MSE A N     1 
HETATM 749  C  CA    . MSE A 1 91  ? 1.613   7.634   -1.964  1.00 12.42 ? 91  MSE A CA    1 
HETATM 750  C  C     . MSE A 1 91  ? 0.585   8.757   -2.014  1.00 11.22 ? 91  MSE A C     1 
HETATM 751  O  O     . MSE A 1 91  ? -0.202  8.931   -1.088  1.00 14.91 ? 91  MSE A O     1 
HETATM 752  C  CB    . MSE A 1 91  ? 0.981   6.236   -2.036  1.00 14.04 ? 91  MSE A CB    1 
HETATM 753  C  CG    . MSE A 1 91  ? 2.042   5.128   -1.863  1.00 11.57 ? 91  MSE A CG    1 
HETATM 754  SE SE    . MSE A 1 91  ? 1.461   3.281   -1.941  1.00 24.45 ? 91  MSE A SE    1 
HETATM 755  C  CE    . MSE A 1 91  ? 0.360   3.353   -3.527  1.00 14.73 ? 91  MSE A CE    1 
ATOM   756  N  N     . LYS A 1 92  ? 0.624   9.531   -3.092  1.00 8.64  ? 92  LYS A N     1 
ATOM   757  C  CA    . LYS A 1 92  ? -0.204  10.723  -3.208  1.00 9.99  ? 92  LYS A CA    1 
ATOM   758  C  C     . LYS A 1 92  ? -1.184  10.632  -4.366  1.00 10.27 ? 92  LYS A C     1 
ATOM   759  O  O     . LYS A 1 92  ? -0.816  10.282  -5.492  1.00 11.55 ? 92  LYS A O     1 
ATOM   760  C  CB    . LYS A 1 92  ? 0.674   11.969  -3.363  1.00 11.51 ? 92  LYS A CB    1 
ATOM   761  C  CG    . LYS A 1 92  ? 1.588   12.215  -2.186  1.00 14.30 ? 92  LYS A CG    1 
ATOM   762  C  CD    . LYS A 1 92  ? 2.419   13.479  -2.383  1.00 18.49 ? 92  LYS A CD    1 
ATOM   763  C  CE    . LYS A 1 92  ? 3.503   13.590  -1.321  1.00 23.22 ? 92  LYS A CE    1 
ATOM   764  N  NZ    . LYS A 1 92  ? 4.427   14.738  -1.570  1.00 25.75 ? 92  LYS A NZ    1 
ATOM   765  N  N     . ASN A 1 93  ? -2.442  10.941  -4.061  1.00 10.11 ? 93  ASN A N     1 
ATOM   766  C  CA    . ASN A 1 93  ? -3.497  11.025  -5.054  1.00 10.99 ? 93  ASN A CA    1 
ATOM   767  C  C     . ASN A 1 93  ? -3.747  9.725   -5.805  1.00 13.96 ? 93  ASN A C     1 
ATOM   768  O  O     . ASN A 1 93  ? -4.107  9.738   -6.982  1.00 15.81 ? 93  ASN A O     1 
ATOM   769  C  CB    . ASN A 1 93  ? -3.213  12.180  -6.019  1.00 12.24 ? 93  ASN A CB    1 
ATOM   770  C  CG    . ASN A 1 93  ? -3.162  13.512  -5.307  1.00 14.42 ? 93  ASN A CG    1 
ATOM   771  O  OD1   . ASN A 1 93  ? -4.015  13.803  -4.466  1.00 14.63 ? 93  ASN A OD1   1 
ATOM   772  N  ND2   . ASN A 1 93  ? -2.150  14.318  -5.615  1.00 15.81 ? 93  ASN A ND2   1 
ATOM   773  N  N     . VAL A 1 94  ? -3.573  8.603   -5.115  1.00 12.24 ? 94  VAL A N     1 
ATOM   774  C  CA    . VAL A 1 94  ? -3.844  7.303   -5.714  1.00 12.40 ? 94  VAL A CA    1 
ATOM   775  C  C     . VAL A 1 94  ? -5.348  7.022   -5.636  1.00 13.60 ? 94  VAL A C     1 
ATOM   776  O  O     . VAL A 1 94  ? -6.073  7.684   -4.888  1.00 15.77 ? 94  VAL A O     1 
ATOM   777  C  CB    . VAL A 1 94  ? -3.016  6.184   -5.036  1.00 14.59 ? 94  VAL A CB    1 
ATOM   778  C  CG1   . VAL A 1 94  ? -1.516  6.470   -5.181  1.00 16.13 ? 94  VAL A CG1   1 
ATOM   779  C  CG2   . VAL A 1 94  ? -3.395  6.042   -3.563  1.00 15.76 ? 94  VAL A CG2   1 
ATOM   780  N  N     . ARG A 1 95  ? -5.825  6.072   -6.432  1.00 11.96 ? 95  ARG A N     1 
ATOM   781  C  CA    . ARG A 1 95  ? -7.253  5.769   -6.470  1.00 12.07 ? 95  ARG A CA    1 
ATOM   782  C  C     . ARG A 1 95  ? -7.544  4.476   -5.728  1.00 12.67 ? 95  ARG A C     1 
ATOM   783  O  O     . ARG A 1 95  ? -6.705  3.576   -5.679  1.00 14.37 ? 95  ARG A O     1 
ATOM   784  C  CB    . ARG A 1 95  ? -7.750  5.667   -7.917  1.00 16.83 ? 95  ARG A CB    1 
ATOM   785  C  CG    . ARG A 1 95  ? -7.976  7.016   -8.617  1.00 23.03 ? 95  ARG A CG    1 
ATOM   786  C  CD    . ARG A 1 95  ? -9.268  7.717   -8.148  1.00 27.80 ? 95  ARG A CD    1 
ATOM   787  N  NE    . ARG A 1 95  ? -10.484 6.944   -8.424  1.00 31.01 ? 95  ARG A NE    1 
ATOM   788  C  CZ    . ARG A 1 95  ? -11.722 7.359   -8.144  1.00 31.49 ? 95  ARG A CZ    1 
ATOM   789  N  NH1   . ARG A 1 95  ? -11.914 8.546   -7.585  1.00 30.21 ? 95  ARG A NH1   1 
ATOM   790  N  NH2   . ARG A 1 95  ? -12.775 6.589   -8.422  1.00 30.16 ? 95  ARG A NH2   1 
ATOM   791  N  N     . THR A 1 96  ? -8.726  4.386   -5.131  1.00 10.34 ? 96  THR A N     1 
ATOM   792  C  CA    . THR A 1 96  ? -9.140  3.130   -4.510  1.00 11.50 ? 96  THR A CA    1 
ATOM   793  C  C     . THR A 1 96  ? -10.332 2.512   -5.243  1.00 12.85 ? 96  THR A C     1 
ATOM   794  O  O     . THR A 1 96  ? -11.112 3.212   -5.908  1.00 12.01 ? 96  THR A O     1 
ATOM   795  C  CB    . THR A 1 96  ? -9.529  3.349   -3.048  1.00 13.81 ? 96  THR A CB    1 
ATOM   796  O  OG1   . THR A 1 96  ? -10.663 4.213   -3.012  1.00 13.04 ? 96  THR A OG1   1 
ATOM   797  C  CG2   . THR A 1 96  ? -8.384  4.001   -2.268  1.00 13.80 ? 96  THR A CG2   1 
ATOM   798  N  N     . LYS A 1 97  ? -10.478 1.196   -5.115  1.00 11.05 ? 97  LYS A N     1 
ATOM   799  C  CA    . LYS A 1 97  ? -11.605 0.485   -5.713  1.00 12.07 ? 97  LYS A CA    1 
ATOM   800  C  C     . LYS A 1 97  ? -11.945 -0.706  -4.840  1.00 14.08 ? 97  LYS A C     1 
ATOM   801  O  O     . LYS A 1 97  ? -11.225 -1.008  -3.891  1.00 13.65 ? 97  LYS A O     1 
ATOM   802  C  CB    . LYS A 1 97  ? -11.280 0.017   -7.137  1.00 14.91 ? 97  LYS A CB    1 
ATOM   803  C  CG    . LYS A 1 97  ? -10.117 -0.966  -7.204  1.00 18.13 ? 97  LYS A CG    1 
ATOM   804  C  CD    . LYS A 1 97  ? -9.907  -1.502  -8.616  1.00 21.48 ? 97  LYS A CD    1 
ATOM   805  C  CE    . LYS A 1 97  ? -11.090 -2.346  -9.069  1.00 23.83 ? 97  LYS A CE    1 
ATOM   806  N  NZ    . LYS A 1 97  ? -10.803 -3.021  -10.366 1.00 25.28 ? 97  LYS A NZ    1 
ATOM   807  N  N     . ILE A 1 98  ? -13.056 -1.363  -5.149  1.00 15.72 ? 98  ILE A N     1 
ATOM   808  C  CA    . ILE A 1 98  ? -13.400 -2.620  -4.501  1.00 16.58 ? 98  ILE A CA    1 
ATOM   809  C  C     . ILE A 1 98  ? -13.265 -3.704  -5.552  1.00 18.75 ? 98  ILE A C     1 
ATOM   810  O  O     . ILE A 1 98  ? -13.740 -3.543  -6.678  1.00 21.21 ? 98  ILE A O     1 
ATOM   811  C  CB    . ILE A 1 98  ? -14.836 -2.613  -3.957  1.00 20.29 ? 98  ILE A CB    1 
ATOM   812  C  CG1   . ILE A 1 98  ? -14.940 -1.679  -2.755  1.00 23.22 ? 98  ILE A CG1   1 
ATOM   813  C  CG2   . ILE A 1 98  ? -15.241 -4.014  -3.543  1.00 21.82 ? 98  ILE A CG2   1 
ATOM   814  C  CD1   . ILE A 1 98  ? -14.016 -2.059  -1.627  1.00 25.49 ? 98  ILE A CD1   1 
ATOM   815  N  N     . ASP A 1 99  ? -12.598 -4.800  -5.212  1.00 15.52 ? 99  ASP A N     1 
ATOM   816  C  CA    . ASP A 1 99  ? -12.422 -5.853  -6.197  1.00 16.97 ? 99  ASP A CA    1 
ATOM   817  C  C     . ASP A 1 99  ? -13.626 -6.793  -6.236  1.00 17.92 ? 99  ASP A C     1 
ATOM   818  O  O     . ASP A 1 99  ? -14.599 -6.596  -5.512  1.00 17.63 ? 99  ASP A O     1 
ATOM   819  C  CB    . ASP A 1 99  ? -11.085 -6.596  -6.010  1.00 16.15 ? 99  ASP A CB    1 
ATOM   820  C  CG    . ASP A 1 99  ? -11.049 -7.475  -4.763  1.00 17.29 ? 99  ASP A CG    1 
ATOM   821  O  OD1   . ASP A 1 99  ? -12.109 -7.802  -4.190  1.00 15.63 ? 99  ASP A OD1   1 
ATOM   822  O  OD2   . ASP A 1 99  ? -9.929  -7.867  -4.367  1.00 17.99 ? 99  ASP A OD2   1 
ATOM   823  N  N     . HIS A 1 100 ? -13.560 -7.796  -7.103  1.00 20.90 ? 100 HIS A N     1 
ATOM   824  C  CA    . HIS A 1 100 ? -14.702 -8.664  -7.350  1.00 25.06 ? 100 HIS A CA    1 
ATOM   825  C  C     . HIS A 1 100 ? -15.120 -9.437  -6.100  1.00 21.79 ? 100 HIS A C     1 
ATOM   826  O  O     . HIS A 1 100 ? -16.266 -9.857  -5.977  1.00 23.61 ? 100 HIS A O     1 
ATOM   827  C  CB    . HIS A 1 100 ? -14.397 -9.632  -8.498  1.00 30.95 ? 100 HIS A CB    1 
ATOM   828  C  CG    . HIS A 1 100 ? -14.034 -8.953  -9.782  1.00 38.49 ? 100 HIS A CG    1 
ATOM   829  N  ND1   . HIS A 1 100 ? -12.801 -8.377  -10.000 1.00 41.80 ? 100 HIS A ND1   1 
ATOM   830  C  CD2   . HIS A 1 100 ? -14.748 -8.753  -10.918 1.00 41.49 ? 100 HIS A CD2   1 
ATOM   831  C  CE1   . HIS A 1 100 ? -12.767 -7.855  -11.212 1.00 43.19 ? 100 HIS A CE1   1 
ATOM   832  N  NE2   . HIS A 1 100 ? -13.937 -8.071  -11.792 1.00 43.20 ? 100 HIS A NE2   1 
ATOM   833  N  N     . LEU A 1 101 ? -14.192 -9.613  -5.169  1.00 17.80 ? 101 LEU A N     1 
ATOM   834  C  CA    . LEU A 1 101 ? -14.495 -10.350 -3.944  1.00 18.75 ? 101 LEU A CA    1 
ATOM   835  C  C     . LEU A 1 101 ? -14.898 -9.423  -2.797  1.00 18.57 ? 101 LEU A C     1 
ATOM   836  O  O     . LEU A 1 101 ? -15.228 -9.879  -1.700  1.00 19.73 ? 101 LEU A O     1 
ATOM   837  C  CB    . LEU A 1 101 ? -13.308 -11.231 -3.547  1.00 17.73 ? 101 LEU A CB    1 
ATOM   838  C  CG    . LEU A 1 101 ? -12.901 -12.257 -4.608  1.00 20.35 ? 101 LEU A CG    1 
ATOM   839  C  CD1   . LEU A 1 101 ? -11.731 -13.113 -4.125  1.00 19.91 ? 101 LEU A CD1   1 
ATOM   840  C  CD2   . LEU A 1 101 ? -14.097 -13.128 -4.989  1.00 21.87 ? 101 LEU A CD2   1 
ATOM   841  N  N     . GLY A 1 102 ? -14.865 -8.119  -3.057  1.00 17.73 ? 102 GLY A N     1 
ATOM   842  C  CA    . GLY A 1 102 ? -15.309 -7.146  -2.078  1.00 16.56 ? 102 GLY A CA    1 
ATOM   843  C  C     . GLY A 1 102 ? -14.224 -6.467  -1.256  1.00 15.81 ? 102 GLY A C     1 
ATOM   844  O  O     . GLY A 1 102 ? -14.536 -5.723  -0.329  1.00 19.64 ? 102 GLY A O     1 
ATOM   845  N  N     . TYR A 1 103 ? -12.957 -6.702  -1.587  1.00 11.46 ? 103 TYR A N     1 
ATOM   846  C  CA    . TYR A 1 103 ? -11.862 -6.090  -0.830  1.00 10.97 ? 103 TYR A CA    1 
ATOM   847  C  C     . TYR A 1 103 ? -11.378 -4.794  -1.448  1.00 9.50  ? 103 TYR A C     1 
ATOM   848  O  O     . TYR A 1 103 ? -11.382 -4.632  -2.671  1.00 11.65 ? 103 TYR A O     1 
ATOM   849  C  CB    . TYR A 1 103 ? -10.673 -7.049  -0.720  1.00 11.15 ? 103 TYR A CB    1 
ATOM   850  C  CG    . TYR A 1 103 ? -11.055 -8.368  -0.115  1.00 13.14 ? 103 TYR A CG    1 
ATOM   851  C  CD1   . TYR A 1 103 ? -11.316 -8.479  1.244   1.00 12.86 ? 103 TYR A CD1   1 
ATOM   852  C  CD2   . TYR A 1 103 ? -11.174 -9.500  -0.907  1.00 14.67 ? 103 TYR A CD2   1 
ATOM   853  C  CE1   . TYR A 1 103 ? -11.682 -9.703  1.804   1.00 13.27 ? 103 TYR A CE1   1 
ATOM   854  C  CE2   . TYR A 1 103 ? -11.541 -10.715 -0.359  1.00 15.41 ? 103 TYR A CE2   1 
ATOM   855  C  CZ    . TYR A 1 103 ? -11.789 -10.806 0.990   1.00 15.42 ? 103 TYR A CZ    1 
ATOM   856  O  OH    . TYR A 1 103 ? -12.153 -12.022 1.533   1.00 18.56 ? 103 TYR A OH    1 
ATOM   857  N  N     . LEU A 1 104 ? -10.942 -3.877  -0.590  1.00 8.04  ? 104 LEU A N     1 
ATOM   858  C  CA    . LEU A 1 104 ? -10.347 -2.628  -1.045  1.00 11.00 ? 104 LEU A CA    1 
ATOM   859  C  C     . LEU A 1 104 ? -9.056  -2.914  -1.789  1.00 12.14 ? 104 LEU A C     1 
ATOM   860  O  O     . LEU A 1 104 ? -8.324  -3.848  -1.460  1.00 13.96 ? 104 LEU A O     1 
ATOM   861  C  CB    . LEU A 1 104 ? -10.041 -1.713  0.142   1.00 12.71 ? 104 LEU A CB    1 
ATOM   862  C  CG    . LEU A 1 104 ? -10.984 -0.547  0.418   1.00 14.43 ? 104 LEU A CG    1 
ATOM   863  C  CD1   . LEU A 1 104 ? -10.592 0.158   1.723   1.00 13.43 ? 104 LEU A CD1   1 
ATOM   864  C  CD2   . LEU A 1 104 ? -10.970 0.423   -0.756  1.00 13.99 ? 104 LEU A CD2   1 
ATOM   865  N  N     . GLU A 1 105 ? -8.789  -2.107  -2.804  1.00 10.53 ? 105 GLU A N     1 
ATOM   866  C  CA    . GLU A 1 105 ? -7.517  -2.166  -3.502  1.00 11.09 ? 105 GLU A CA    1 
ATOM   867  C  C     . GLU A 1 105 ? -7.164  -0.753  -3.919  1.00 12.19 ? 105 GLU A C     1 
ATOM   868  O  O     . GLU A 1 105 ? -8.048  0.072   -4.151  1.00 12.89 ? 105 GLU A O     1 
ATOM   869  C  CB    . GLU A 1 105 ? -7.628  -3.060  -4.741  1.00 13.02 ? 105 GLU A CB    1 
ATOM   870  C  CG    . GLU A 1 105 ? -6.298  -3.523  -5.320  1.00 17.88 ? 105 GLU A CG    1 
ATOM   871  C  CD    . GLU A 1 105 ? -6.480  -4.648  -6.328  1.00 20.14 ? 105 GLU A CD    1 
ATOM   872  O  OE1   . GLU A 1 105 ? -7.372  -4.519  -7.195  1.00 22.26 ? 105 GLU A OE1   1 
ATOM   873  O  OE2   . GLU A 1 105 ? -5.742  -5.658  -6.244  1.00 19.57 ? 105 GLU A OE2   1 
ATOM   874  N  N     . CYS A 1 106 ? -5.866  -0.490  -4.002  1.00 10.33 ? 106 CYS A N     1 
ATOM   875  C  CA    A CYS A 1 106 ? -5.344  0.784   -4.457  0.60 11.30 ? 106 CYS A CA    1 
ATOM   876  C  CA    B CYS A 1 106 ? -5.363  0.796   -4.481  0.40 10.98 ? 106 CYS A CA    1 
ATOM   877  C  C     . CYS A 1 106 ? -4.802  0.626   -5.885  1.00 9.88  ? 106 CYS A C     1 
ATOM   878  O  O     . CYS A 1 106 ? -4.136  -0.355  -6.184  1.00 10.85 ? 106 CYS A O     1 
ATOM   879  C  CB    A CYS A 1 106 ? -4.234  1.199   -3.492  0.60 12.34 ? 106 CYS A CB    1 
ATOM   880  C  CB    B CYS A 1 106 ? -4.276  1.350   -3.553  0.40 11.89 ? 106 CYS A CB    1 
ATOM   881  S  SG    A CYS A 1 106 ? -3.258  2.590   -3.985  0.60 17.79 ? 106 CYS A SG    1 
ATOM   882  S  SG    B CYS A 1 106 ? -4.888  2.196   -2.080  0.40 25.99 ? 106 CYS A SG    1 
ATOM   883  N  N     . ILE A 1 107 ? -5.093  1.587   -6.759  1.00 10.65 ? 107 ILE A N     1 
ATOM   884  C  CA    . ILE A 1 107 ? -4.644  1.502   -8.145  1.00 11.34 ? 107 ILE A CA    1 
ATOM   885  C  C     . ILE A 1 107 ? -3.918  2.764   -8.583  1.00 11.46 ? 107 ILE A C     1 
ATOM   886  O  O     . ILE A 1 107 ? -4.350  3.878   -8.289  1.00 14.04 ? 107 ILE A O     1 
ATOM   887  C  CB    . ILE A 1 107 ? -5.822  1.277   -9.123  1.00 12.02 ? 107 ILE A CB    1 
ATOM   888  C  CG1   . ILE A 1 107 ? -6.718  0.124   -8.659  1.00 15.12 ? 107 ILE A CG1   1 
ATOM   889  C  CG2   . ILE A 1 107 ? -5.281  0.999   -10.528 1.00 13.92 ? 107 ILE A CG2   1 
ATOM   890  C  CD1   . ILE A 1 107 ? -6.072  -1.229  -8.798  1.00 15.92 ? 107 ILE A CD1   1 
ATOM   891  N  N     . LEU A 1 108 ? -2.798  2.583   -9.273  1.00 10.47 ? 108 LEU A N     1 
ATOM   892  C  CA    . LEU A 1 108 ? -2.143  3.686   -9.966  1.00 12.11 ? 108 LEU A CA    1 
ATOM   893  C  C     . LEU A 1 108 ? -2.151  3.408   -11.462 1.00 11.63 ? 108 LEU A C     1 
ATOM   894  O  O     . LEU A 1 108 ? -1.314  2.659   -11.979 1.00 12.09 ? 108 LEU A O     1 
ATOM   895  C  CB    . LEU A 1 108 ? -0.704  3.882   -9.470  1.00 14.20 ? 108 LEU A CB    1 
ATOM   896  C  CG    . LEU A 1 108 ? -0.557  4.454   -8.056  1.00 14.96 ? 108 LEU A CG    1 
ATOM   897  C  CD1   . LEU A 1 108 ? -0.913  3.414   -7.012  1.00 14.93 ? 108 LEU A CD1   1 
ATOM   898  C  CD2   . LEU A 1 108 ? 0.872   4.937   -7.828  1.00 17.52 ? 108 LEU A CD2   1 
ATOM   899  N  N     . HIS A 1 109 ? -3.135  3.987   -12.147 1.00 13.37 ? 109 HIS A N     1 
ATOM   900  C  CA    . HIS A 1 109 ? -3.232  3.909   -13.591 1.00 12.13 ? 109 HIS A CA    1 
ATOM   901  C  C     . HIS A 1 109 ? -2.212  4.831   -14.239 1.00 12.39 ? 109 HIS A C     1 
ATOM   902  O  O     . HIS A 1 109 ? -1.870  5.875   -13.684 1.00 14.74 ? 109 HIS A O     1 
ATOM   903  C  CB    . HIS A 1 109 ? -4.630  4.347   -14.052 1.00 13.22 ? 109 HIS A CB    1 
ATOM   904  C  CG    . HIS A 1 109 ? -5.712  3.374   -13.697 1.00 16.25 ? 109 HIS A CG    1 
ATOM   905  N  ND1   . HIS A 1 109 ? -5.844  2.153   -14.322 1.00 18.13 ? 109 HIS A ND1   1 
ATOM   906  C  CD2   . HIS A 1 109 ? -6.705  3.443   -12.785 1.00 17.10 ? 109 HIS A CD2   1 
ATOM   907  C  CE1   . HIS A 1 109 ? -6.872  1.507   -13.803 1.00 17.21 ? 109 HIS A CE1   1 
ATOM   908  N  NE2   . HIS A 1 109 ? -7.416  2.264   -12.870 1.00 17.84 ? 109 HIS A NE2   1 
ATOM   909  N  N     . GLY A 1 110 ? -1.753  4.457   -15.424 1.00 13.38 ? 110 GLY A N     1 
ATOM   910  C  CA    . GLY A 1 110 ? -0.946  5.363   -16.227 1.00 13.21 ? 110 GLY A CA    1 
ATOM   911  C  C     . GLY A 1 110 ? -1.616  6.722   -16.364 1.00 17.05 ? 110 GLY A C     1 
ATOM   912  O  O     . GLY A 1 110 ? -2.838  6.815   -16.499 1.00 16.74 ? 110 GLY A O     1 
ATOM   913  N  N     . ASP A 1 111 ? -0.812  7.779   -16.321 1.00 16.90 ? 111 ASP A N     1 
ATOM   914  C  CA    . ASP A 1 111 ? -1.319  9.145   -16.370 1.00 18.04 ? 111 ASP A CA    1 
ATOM   915  C  C     . ASP A 1 111 ? -0.308  10.013  -17.110 1.00 19.55 ? 111 ASP A C     1 
ATOM   916  O  O     . ASP A 1 111 ? 0.245   10.959  -16.549 1.00 19.56 ? 111 ASP A O     1 
ATOM   917  C  CB    . ASP A 1 111 ? -1.561  9.675   -14.952 1.00 17.77 ? 111 ASP A CB    1 
ATOM   918  C  CG    . ASP A 1 111 ? -2.168  11.076  -14.930 1.00 18.52 ? 111 ASP A CG    1 
ATOM   919  O  OD1   . ASP A 1 111 ? -2.729  11.516  -15.957 1.00 16.29 ? 111 ASP A OD1   1 
ATOM   920  O  OD2   . ASP A 1 111 ? -2.100  11.731  -13.868 1.00 18.60 ? 111 ASP A OD2   1 
ATOM   921  N  N     . SER A 1 112 ? -0.063  9.671   -18.371 1.00 21.74 ? 112 SER A N     1 
ATOM   922  C  CA    . SER A 1 112 ? 0.864   10.433  -19.206 1.00 25.03 ? 112 SER A CA    1 
ATOM   923  C  C     . SER A 1 112 ? 0.422   11.881  -19.390 1.00 25.27 ? 112 SER A C     1 
ATOM   924  O  O     . SER A 1 112 ? 1.254   12.773  -19.573 1.00 26.02 ? 112 SER A O     1 
ATOM   925  C  CB    . SER A 1 112 ? 1.051   9.760   -20.569 1.00 28.59 ? 112 SER A CB    1 
ATOM   926  O  OG    . SER A 1 112 ? 1.962   8.679   -20.478 1.00 31.81 ? 112 SER A OG    1 
ATOM   927  N  N     . ALA A 1 113 ? -0.888  12.112  -19.329 1.00 25.62 ? 113 ALA A N     1 
ATOM   928  C  CA    . ALA A 1 113 ? -1.436  13.458  -19.460 1.00 26.53 ? 113 ALA A CA    1 
ATOM   929  C  C     . ALA A 1 113 ? -1.152  14.317  -18.232 1.00 25.57 ? 113 ALA A C     1 
ATOM   930  O  O     . ALA A 1 113 ? -1.367  15.525  -18.260 1.00 25.95 ? 113 ALA A O     1 
ATOM   931  C  CB    . ALA A 1 113 ? -2.937  13.405  -19.728 1.00 26.83 ? 113 ALA A CB    1 
ATOM   932  N  N     . LYS A 1 114 ? -0.675  13.692  -17.157 1.00 22.34 ? 114 LYS A N     1 
ATOM   933  C  CA    . LYS A 1 114 ? -0.354  14.411  -15.924 1.00 22.64 ? 114 LYS A CA    1 
ATOM   934  C  C     . LYS A 1 114 ? -1.553  15.191  -15.405 1.00 22.21 ? 114 LYS A C     1 
ATOM   935  O  O     . LYS A 1 114 ? -1.443  16.362  -15.027 1.00 23.21 ? 114 LYS A O     1 
ATOM   936  C  CB    . LYS A 1 114 ? 0.841   15.342  -16.130 1.00 25.81 ? 114 LYS A CB    1 
ATOM   937  C  CG    . LYS A 1 114 ? 2.157   14.604  -16.336 1.00 29.15 ? 114 LYS A CG    1 
ATOM   938  C  CD    . LYS A 1 114 ? 3.320   15.574  -16.467 1.00 32.86 ? 114 LYS A CD    1 
ATOM   939  C  CE    . LYS A 1 114 ? 4.654   14.843  -16.402 1.00 34.81 ? 114 LYS A CE    1 
ATOM   940  N  NZ    . LYS A 1 114 ? 5.799   15.799  -16.393 1.00 36.54 ? 114 LYS A NZ    1 
ATOM   941  N  N     . ARG A 1 115 ? -2.698  14.525  -15.381 1.00 20.43 ? 115 ARG A N     1 
ATOM   942  C  CA    . ARG A 1 115 ? -3.929  15.144  -14.929 1.00 20.95 ? 115 ARG A CA    1 
ATOM   943  C  C     . ARG A 1 115 ? -4.067  15.086  -13.413 1.00 19.71 ? 115 ARG A C     1 
ATOM   944  O  O     . ARG A 1 115 ? -4.583  16.025  -12.793 1.00 20.04 ? 115 ARG A O     1 
ATOM   945  C  CB    . ARG A 1 115 ? -5.127  14.465  -15.605 1.00 22.88 ? 115 ARG A CB    1 
ATOM   946  C  CG    . ARG A 1 115 ? -6.486  14.768  -14.965 1.00 22.96 ? 115 ARG A CG    1 
ATOM   947  C  CD    . ARG A 1 115 ? -6.888  16.229  -15.075 1.00 24.74 ? 115 ARG A CD    1 
ATOM   948  N  NE    . ARG A 1 115 ? -8.214  16.441  -14.498 1.00 26.24 ? 115 ARG A NE    1 
ATOM   949  C  CZ    . ARG A 1 115 ? -8.450  16.558  -13.194 1.00 28.35 ? 115 ARG A CZ    1 
ATOM   950  N  NH1   . ARG A 1 115 ? -7.448  16.494  -12.326 1.00 27.62 ? 115 ARG A NH1   1 
ATOM   951  N  NH2   . ARG A 1 115 ? -9.689  16.738  -12.755 1.00 27.84 ? 115 ARG A NH2   1 
ATOM   952  N  N     . TYR A 1 116 ? -3.571  14.005  -12.809 1.00 17.84 ? 116 TYR A N     1 
ATOM   953  C  CA    . TYR A 1 116 ? -3.925  13.684  -11.427 1.00 17.07 ? 116 TYR A CA    1 
ATOM   954  C  C     . TYR A 1 116 ? -2.841  13.862  -10.360 1.00 18.99 ? 116 TYR A C     1 
ATOM   955  O  O     . TYR A 1 116 ? -3.098  13.650  -9.172  1.00 18.31 ? 116 TYR A O     1 
ATOM   956  C  CB    . TYR A 1 116 ? -4.508  12.280  -11.364 1.00 16.68 ? 116 TYR A CB    1 
ATOM   957  C  CG    . TYR A 1 116 ? -5.813  12.206  -12.108 1.00 19.74 ? 116 TYR A CG    1 
ATOM   958  C  CD1   . TYR A 1 116 ? -6.920  12.921  -11.667 1.00 21.74 ? 116 TYR A CD1   1 
ATOM   959  C  CD2   . TYR A 1 116 ? -5.935  11.442  -13.257 1.00 19.03 ? 116 TYR A CD2   1 
ATOM   960  C  CE1   . TYR A 1 116 ? -8.118  12.870  -12.348 1.00 22.21 ? 116 TYR A CE1   1 
ATOM   961  C  CE2   . TYR A 1 116 ? -7.128  11.384  -13.944 1.00 20.45 ? 116 TYR A CE2   1 
ATOM   962  C  CZ    . TYR A 1 116 ? -8.216  12.102  -13.483 1.00 22.21 ? 116 TYR A CZ    1 
ATOM   963  O  OH    . TYR A 1 116 ? -9.404  12.041  -14.163 1.00 21.58 ? 116 TYR A OH    1 
ATOM   964  N  N     . ASN A 1 117 ? -1.645  14.256  -10.778 1.00 18.61 ? 117 ASN A N     1 
ATOM   965  C  CA    . ASN A 1 117 ? -0.595  14.582  -9.825  1.00 19.39 ? 117 ASN A CA    1 
ATOM   966  C  C     . ASN A 1 117 ? -0.327  13.420  -8.875  1.00 16.83 ? 117 ASN A C     1 
ATOM   967  O  O     . ASN A 1 117 ? -0.138  13.620  -7.673  1.00 15.33 ? 117 ASN A O     1 
ATOM   968  C  CB    . ASN A 1 117 ? -0.995  15.818  -9.021  1.00 22.36 ? 117 ASN A CB    1 
ATOM   969  C  CG    . ASN A 1 117 ? 0.174   16.443  -8.301  1.00 26.40 ? 117 ASN A CG    1 
ATOM   970  O  OD1   . ASN A 1 117 ? 1.317   16.348  -8.751  1.00 27.78 ? 117 ASN A OD1   1 
ATOM   971  N  ND2   . ASN A 1 117 ? -0.103  17.083  -7.169  1.00 28.45 ? 117 ASN A ND2   1 
HETATM 972  N  N     . MSE A 1 118 ? -0.318  12.209  -9.418  1.00 15.74 ? 118 MSE A N     1 
HETATM 973  C  CA    . MSE A 1 118 ? -0.087  11.019  -8.609  1.00 17.56 ? 118 MSE A CA    1 
HETATM 974  C  C     . MSE A 1 118 ? 1.398   10.784  -8.432  1.00 15.01 ? 118 MSE A C     1 
HETATM 975  O  O     . MSE A 1 118 ? 2.194   11.062  -9.329  1.00 17.27 ? 118 MSE A O     1 
HETATM 976  C  CB    . MSE A 1 118 ? -0.699  9.785   -9.268  1.00 22.35 ? 118 MSE A CB    1 
HETATM 977  C  CG    . MSE A 1 118 ? -2.096  9.438   -8.815  1.00 25.18 ? 118 MSE A CG    1 
HETATM 978  SE SE    . MSE A 1 118 ? -2.669  7.823   -9.744  1.00 34.60 ? 118 MSE A SE    1 
HETATM 979  C  CE    . MSE A 1 118 ? -2.171  8.517   -11.495 1.00 4.69  ? 118 MSE A CE    1 
ATOM   980  N  N     . SER A 1 119 ? 1.779   10.244  -7.287  1.00 11.06 ? 119 SER A N     1 
ATOM   981  C  CA    . SER A 1 119 ? 3.180   9.906   -7.094  1.00 11.04 ? 119 SER A CA    1 
ATOM   982  C  C     . SER A 1 119 ? 3.346   8.862   -6.012  1.00 12.51 ? 119 SER A C     1 
ATOM   983  O  O     . SER A 1 119 ? 2.473   8.668   -5.167  1.00 12.72 ? 119 SER A O     1 
ATOM   984  C  CB    . SER A 1 119 ? 4.001   11.148  -6.744  1.00 13.15 ? 119 SER A CB    1 
ATOM   985  O  OG    . SER A 1 119 ? 3.581   11.722  -5.517  1.00 13.59 ? 119 SER A OG    1 
ATOM   986  N  N     . ILE A 1 120 ? 4.480   8.179   -6.057  1.00 11.25 ? 120 ILE A N     1 
ATOM   987  C  CA    . ILE A 1 120 ? 4.891   7.344   -4.944  1.00 10.11 ? 120 ILE A CA    1 
ATOM   988  C  C     . ILE A 1 120 ? 6.377   7.581   -4.801  1.00 12.77 ? 120 ILE A C     1 
ATOM   989  O  O     . ILE A 1 120 ? 7.114   7.575   -5.791  1.00 15.71 ? 120 ILE A O     1 
ATOM   990  C  CB    . ILE A 1 120 ? 4.566   5.860   -5.196  1.00 13.45 ? 120 ILE A CB    1 
ATOM   991  C  CG1   . ILE A 1 120 ? 5.244   4.974   -4.148  1.00 14.43 ? 120 ILE A CG1   1 
ATOM   992  C  CG2   . ILE A 1 120 ? 4.962   5.446   -6.601  1.00 18.65 ? 120 ILE A CG2   1 
ATOM   993  C  CD1   . ILE A 1 120 ? 4.712   3.553   -4.128  1.00 18.85 ? 120 ILE A CD1   1 
ATOM   994  N  N     . GLU A 1 121 ? 6.825   7.864   -3.590  1.00 12.39 ? 121 GLU A N     1 
ATOM   995  C  CA    . GLU A 1 121 ? 8.260   7.998   -3.384  1.00 14.96 ? 121 GLU A CA    1 
ATOM   996  C  C     . GLU A 1 121 ? 8.649   7.348   -2.063  1.00 14.66 ? 121 GLU A C     1 
ATOM   997  O  O     . GLU A 1 121 ? 7.809   7.110   -1.188  1.00 12.49 ? 121 GLU A O     1 
ATOM   998  C  CB    . GLU A 1 121 ? 8.716   9.465   -3.465  1.00 19.55 ? 121 GLU A CB    1 
ATOM   999  C  CG    . GLU A 1 121 ? 8.520   10.163  -4.851  1.00 28.43 ? 121 GLU A CG    1 
ATOM   1000 C  CD    . GLU A 1 121 ? 9.582   9.809   -5.917  1.00 29.30 ? 121 GLU A CD    1 
ATOM   1001 O  OE1   . GLU A 1 121 ? 10.322  8.822   -5.738  1.00 26.27 ? 121 GLU A OE1   1 
ATOM   1002 O  OE2   . GLU A 1 121 ? 9.680   10.530  -6.948  1.00 30.26 ? 121 GLU A OE2   1 
ATOM   1003 N  N     . LYS A 1 122 ? 9.923   7.025   -1.935  1.00 13.53 ? 122 LYS A N     1 
ATOM   1004 C  CA    . LYS A 1 122 ? 10.408  6.450   -0.695  1.00 13.18 ? 122 LYS A CA    1 
ATOM   1005 C  C     . LYS A 1 122 ? 10.485  7.533   0.353   1.00 15.83 ? 122 LYS A C     1 
ATOM   1006 O  O     . LYS A 1 122 ? 10.720  8.702   0.039   1.00 18.48 ? 122 LYS A O     1 
ATOM   1007 C  CB    . LYS A 1 122 ? 11.800  5.860   -0.888  1.00 13.06 ? 122 LYS A CB    1 
ATOM   1008 C  CG    . LYS A 1 122 ? 11.843  4.653   -1.766  1.00 16.02 ? 122 LYS A CG    1 
ATOM   1009 C  CD    . LYS A 1 122 ? 13.248  4.058   -1.755  1.00 17.61 ? 122 LYS A CD    1 
ATOM   1010 C  CE    . LYS A 1 122 ? 13.332  2.867   -2.675  1.00 19.90 ? 122 LYS A CE    1 
ATOM   1011 N  NZ    . LYS A 1 122 ? 14.618  2.134   -2.492  1.00 22.05 ? 122 LYS A NZ    1 
ATOM   1012 N  N     . VAL A 1 123 ? 10.294  7.138   1.600   1.00 14.96 ? 123 VAL A N     1 
ATOM   1013 C  CA    . VAL A 1 123 ? 10.449  8.042   2.716   1.00 17.00 ? 123 VAL A CA    1 
ATOM   1014 C  C     . VAL A 1 123 ? 11.556  7.484   3.591   1.00 21.05 ? 123 VAL A C     1 
ATOM   1015 O  O     . VAL A 1 123 ? 11.460  6.350   4.072   1.00 20.96 ? 123 VAL A O     1 
ATOM   1016 C  CB    . VAL A 1 123 ? 9.161   8.117   3.535   1.00 17.81 ? 123 VAL A CB    1 
ATOM   1017 C  CG1   . VAL A 1 123 ? 9.339   9.058   4.718   1.00 19.49 ? 123 VAL A CG1   1 
ATOM   1018 C  CG2   . VAL A 1 123 ? 8.005   8.569   2.650   1.00 15.83 ? 123 VAL A CG2   1 
ATOM   1019 N  N     . ASP A 1 124 ? 12.613  8.266   3.785   1.00 23.54 ? 124 ASP A N     1 
ATOM   1020 C  CA    . ASP A 1 124 ? 13.703  7.835   4.650   1.00 28.16 ? 124 ASP A CA    1 
ATOM   1021 C  C     . ASP A 1 124 ? 13.145  7.405   6.004   1.00 28.09 ? 124 ASP A C     1 
ATOM   1022 O  O     . ASP A 1 124 ? 12.290  8.083   6.580   1.00 27.80 ? 124 ASP A O     1 
ATOM   1023 C  CB    . ASP A 1 124 ? 14.732  8.945   4.843   1.00 32.68 ? 124 ASP A CB    1 
ATOM   1024 C  CG    . ASP A 1 124 ? 15.959  8.461   5.586   1.00 37.04 ? 124 ASP A CG    1 
ATOM   1025 O  OD1   . ASP A 1 124 ? 16.977  8.166   4.924   1.00 39.15 ? 124 ASP A OD1   1 
ATOM   1026 O  OD2   . ASP A 1 124 ? 15.897  8.348   6.830   1.00 37.78 ? 124 ASP A OD2   1 
ATOM   1027 N  N     . SER A 1 125 ? 13.628  6.275   6.506   1.00 30.12 ? 125 SER A N     1 
ATOM   1028 C  CA    . SER A 1 125 ? 13.089  5.700   7.733   1.00 33.10 ? 125 SER A CA    1 
ATOM   1029 C  C     . SER A 1 125 ? 13.118  6.671   8.913   1.00 35.65 ? 125 SER A C     1 
ATOM   1030 O  O     . SER A 1 125 ? 12.386  6.492   9.882   1.00 36.38 ? 125 SER A O     1 
ATOM   1031 C  CB    . SER A 1 125 ? 13.825  4.405   8.087   1.00 35.63 ? 125 SER A CB    1 
ATOM   1032 O  OG    . SER A 1 125 ? 15.230  4.586   8.050   1.00 37.18 ? 125 SER A OG    1 
ATOM   1033 N  N     . GLU A 1 126 ? 13.949  7.705   8.823   1.00 37.30 ? 126 GLU A N     1 
ATOM   1034 C  CA    . GLU A 1 126 ? 14.142  8.626   9.942   1.00 38.46 ? 126 GLU A CA    1 
ATOM   1035 C  C     . GLU A 1 126 ? 13.090  9.732   10.020  1.00 34.61 ? 126 GLU A C     1 
ATOM   1036 O  O     . GLU A 1 126 ? 12.986  10.419  11.035  1.00 34.22 ? 126 GLU A O     1 
ATOM   1037 C  CB    . GLU A 1 126 ? 15.545  9.249   9.895   1.00 42.84 ? 126 GLU A CB    1 
ATOM   1038 C  CG    . GLU A 1 126 ? 15.665  10.476  8.993   1.00 47.24 ? 126 GLU A CG    1 
ATOM   1039 C  CD    . GLU A 1 126 ? 17.029  11.146  9.088   1.00 51.42 ? 126 GLU A CD    1 
ATOM   1040 O  OE1   . GLU A 1 126 ? 18.053  10.427  9.095   1.00 52.34 ? 126 GLU A OE1   1 
ATOM   1041 O  OE2   . GLU A 1 126 ? 17.078  12.395  9.162   1.00 52.91 ? 126 GLU A OE2   1 
ATOM   1042 N  N     . GLU A 1 127 ? 12.313  9.905   8.955   1.00 30.81 ? 127 GLU A N     1 
ATOM   1043 C  CA    . GLU A 1 127 ? 11.351  11.001  8.895   1.00 26.98 ? 127 GLU A CA    1 
ATOM   1044 C  C     . GLU A 1 127 ? 10.269  10.867  9.956   1.00 24.33 ? 127 GLU A C     1 
ATOM   1045 O  O     . GLU A 1 127 ? 9.742   9.783   10.186  1.00 23.58 ? 127 GLU A O     1 
ATOM   1046 C  CB    . GLU A 1 127 ? 10.721  11.094  7.504   1.00 28.00 ? 127 GLU A CB    1 
ATOM   1047 C  CG    . GLU A 1 127 ? 11.725  11.263  6.375   1.00 30.29 ? 127 GLU A CG    1 
ATOM   1048 C  CD    . GLU A 1 127 ? 12.512  12.556  6.475   1.00 32.77 ? 127 GLU A CD    1 
ATOM   1049 O  OE1   . GLU A 1 127 ? 12.166  13.403  7.325   1.00 32.90 ? 127 GLU A OE1   1 
ATOM   1050 O  OE2   . GLU A 1 127 ? 13.479  12.724  5.701   1.00 34.07 ? 127 GLU A OE2   1 
ATOM   1051 N  N     . PRO A 1 128 ? 9.933   11.981  10.617  1.00 23.90 ? 128 PRO A N     1 
ATOM   1052 C  CA    . PRO A 1 128 ? 8.943   11.978  11.699  1.00 23.20 ? 128 PRO A CA    1 
ATOM   1053 C  C     . PRO A 1 128 ? 7.525   11.676  11.211  1.00 21.91 ? 128 PRO A C     1 
ATOM   1054 O  O     . PRO A 1 128 ? 6.664   11.296  12.007  1.00 20.10 ? 128 PRO A O     1 
ATOM   1055 C  CB    . PRO A 1 128 ? 9.027   13.397  12.252  1.00 23.28 ? 128 PRO A CB    1 
ATOM   1056 C  CG    . PRO A 1 128 ? 9.533   14.217  11.110  1.00 22.92 ? 128 PRO A CG    1 
ATOM   1057 C  CD    . PRO A 1 128 ? 10.463  13.329  10.344  1.00 22.70 ? 128 PRO A CD    1 
ATOM   1058 N  N     . GLU A 1 129 ? 7.288   11.838  9.914   1.00 20.77 ? 129 GLU A N     1 
ATOM   1059 C  CA    . GLU A 1 129 ? 6.000   11.483  9.336   1.00 19.71 ? 129 GLU A CA    1 
ATOM   1060 C  C     . GLU A 1 129 ? 5.690   10.001  9.555   1.00 18.40 ? 129 GLU A C     1 
ATOM   1061 O  O     . GLU A 1 129 ? 4.537   9.584   9.472   1.00 19.19 ? 129 GLU A O     1 
ATOM   1062 C  CB    . GLU A 1 129 ? 5.964   11.809  7.840   1.00 22.14 ? 129 GLU A CB    1 
ATOM   1063 C  CG    . GLU A 1 129 ? 5.763   13.282  7.520   1.00 24.22 ? 129 GLU A CG    1 
ATOM   1064 C  CD    . GLU A 1 129 ? 7.031   14.108  7.663   1.00 26.78 ? 129 GLU A CD    1 
ATOM   1065 O  OE1   . GLU A 1 129 ? 8.092   13.541  7.996   1.00 25.62 ? 129 GLU A OE1   1 
ATOM   1066 O  OE2   . GLU A 1 129 ? 6.963   15.333  7.431   1.00 30.77 ? 129 GLU A OE2   1 
ATOM   1067 N  N     . LEU A 1 130 ? 6.722   9.219   9.851   1.00 16.62 ? 130 LEU A N     1 
ATOM   1068 C  CA    . LEU A 1 130 ? 6.570   7.774   10.029  1.00 17.11 ? 130 LEU A CA    1 
ATOM   1069 C  C     . LEU A 1 130 ? 6.431   7.362   11.496  1.00 18.69 ? 130 LEU A C     1 
ATOM   1070 O  O     . LEU A 1 130 ? 6.277   6.178   11.803  1.00 18.76 ? 130 LEU A O     1 
ATOM   1071 C  CB    . LEU A 1 130 ? 7.763   7.038   9.411   1.00 17.28 ? 130 LEU A CB    1 
ATOM   1072 C  CG    . LEU A 1 130 ? 8.111   7.349   7.954   1.00 17.34 ? 130 LEU A CG    1 
ATOM   1073 C  CD1   . LEU A 1 130 ? 9.379   6.605   7.538   1.00 18.49 ? 130 LEU A CD1   1 
ATOM   1074 C  CD2   . LEU A 1 130 ? 6.945   7.001   7.034   1.00 17.15 ? 130 LEU A CD2   1 
ATOM   1075 N  N     . ASN A 1 131 ? 6.490   8.327   12.409  1.00 19.86 ? 131 ASN A N     1 
ATOM   1076 C  CA    . ASN A 1 131 ? 6.482   7.993   13.835  1.00 20.64 ? 131 ASN A CA    1 
ATOM   1077 C  C     . ASN A 1 131 ? 5.267   7.185   14.282  1.00 20.11 ? 131 ASN A C     1 
ATOM   1078 O  O     . ASN A 1 131 ? 5.394   6.261   15.087  1.00 22.24 ? 131 ASN A O     1 
ATOM   1079 C  CB    . ASN A 1 131 ? 6.621   9.253   14.699  1.00 22.09 ? 131 ASN A CB    1 
ATOM   1080 C  CG    . ASN A 1 131 ? 8.031   9.811   14.692  1.00 23.56 ? 131 ASN A CG    1 
ATOM   1081 O  OD1   . ASN A 1 131 ? 8.962   9.177   14.195  1.00 24.87 ? 131 ASN A OD1   1 
ATOM   1082 N  ND2   . ASN A 1 131 ? 8.194   11.006  15.252  1.00 24.05 ? 131 ASN A ND2   1 
ATOM   1083 N  N     . GLU A 1 132 ? 4.093   7.539   13.771  1.00 19.41 ? 132 GLU A N     1 
ATOM   1084 C  CA    . GLU A 1 132 ? 2.865   6.855   14.164  1.00 21.26 ? 132 GLU A CA    1 
ATOM   1085 C  C     . GLU A 1 132 ? 2.813   5.419   13.646  1.00 19.40 ? 132 GLU A C     1 
ATOM   1086 O  O     . GLU A 1 132 ? 2.353   4.514   14.344  1.00 18.79 ? 132 GLU A O     1 
ATOM   1087 C  CB    . GLU A 1 132 ? 1.630   7.644   13.724  1.00 27.17 ? 132 GLU A CB    1 
ATOM   1088 C  CG    . GLU A 1 132 ? 1.448   8.968   14.463  1.00 34.23 ? 132 GLU A CG    1 
ATOM   1089 C  CD    . GLU A 1 132 ? 1.341   8.795   15.971  1.00 41.33 ? 132 GLU A CD    1 
ATOM   1090 O  OE1   . GLU A 1 132 ? 0.750   7.788   16.422  1.00 44.73 ? 132 GLU A OE1   1 
ATOM   1091 O  OE2   . GLU A 1 132 ? 1.850   9.664   16.709  1.00 44.02 ? 132 GLU A OE2   1 
ATOM   1092 N  N     . ILE A 1 133 ? 3.289   5.210   12.424  1.00 17.25 ? 133 ILE A N     1 
ATOM   1093 C  CA    . ILE A 1 133 ? 3.395   3.864   11.874  1.00 16.22 ? 133 ILE A CA    1 
ATOM   1094 C  C     . ILE A 1 133 ? 4.273   2.995   12.765  1.00 18.17 ? 133 ILE A C     1 
ATOM   1095 O  O     . ILE A 1 133 ? 3.904   1.870   13.124  1.00 18.92 ? 133 ILE A O     1 
ATOM   1096 C  CB    . ILE A 1 133 ? 3.993   3.897   10.459  1.00 15.95 ? 133 ILE A CB    1 
ATOM   1097 C  CG1   . ILE A 1 133 ? 2.948   4.426   9.467   1.00 16.53 ? 133 ILE A CG1   1 
ATOM   1098 C  CG2   . ILE A 1 133 ? 4.501   2.519   10.057  1.00 16.59 ? 133 ILE A CG2   1 
ATOM   1099 C  CD1   . ILE A 1 133 ? 3.498   4.665   8.080   1.00 18.97 ? 133 ILE A CD1   1 
ATOM   1100 N  N     . LYS A 1 134 ? 5.432   3.533   13.129  1.00 17.35 ? 134 LYS A N     1 
ATOM   1101 C  CA    . LYS A 1 134 ? 6.361   2.831   14.000  1.00 19.26 ? 134 LYS A CA    1 
ATOM   1102 C  C     . LYS A 1 134 ? 5.786   2.569   15.398  1.00 20.61 ? 134 LYS A C     1 
ATOM   1103 O  O     . LYS A 1 134 ? 5.971   1.485   15.952  1.00 21.08 ? 134 LYS A O     1 
ATOM   1104 C  CB    . LYS A 1 134 ? 7.678   3.599   14.094  1.00 20.56 ? 134 LYS A CB    1 
ATOM   1105 C  CG    . LYS A 1 134 ? 8.436   3.696   12.775  1.00 22.35 ? 134 LYS A CG    1 
ATOM   1106 C  CD    . LYS A 1 134 ? 9.768   4.392   12.978  1.00 24.51 ? 134 LYS A CD    1 
ATOM   1107 C  CE    . LYS A 1 134 ? 10.523  4.530   11.681  1.00 27.28 ? 134 LYS A CE    1 
ATOM   1108 N  NZ    . LYS A 1 134 ? 11.843  5.190   11.907  1.00 30.32 ? 134 LYS A NZ    1 
ATOM   1109 N  N     . SER A 1 135 ? 5.084   3.543   15.969  1.00 20.84 ? 135 SER A N     1 
ATOM   1110 C  CA    . SER A 1 135 ? 4.535   3.352   17.311  1.00 22.60 ? 135 SER A CA    1 
ATOM   1111 C  C     . SER A 1 135 ? 3.422   2.305   17.303  1.00 20.44 ? 135 SER A C     1 
ATOM   1112 O  O     . SER A 1 135 ? 3.325   1.482   18.216  1.00 19.23 ? 135 SER A O     1 
ATOM   1113 C  CB    . SER A 1 135 ? 4.058   4.673   17.925  1.00 25.73 ? 135 SER A CB    1 
ATOM   1114 O  OG    . SER A 1 135 ? 3.063   5.287   17.127  1.00 30.37 ? 135 SER A OG    1 
ATOM   1115 N  N     . ARG A 1 136 ? 2.594   2.321   16.264  1.00 18.38 ? 136 ARG A N     1 
ATOM   1116 C  CA    . ARG A 1 136 ? 1.558   1.303   16.133  1.00 16.57 ? 136 ARG A CA    1 
ATOM   1117 C  C     . ARG A 1 136 ? 2.136   -0.079  15.847  1.00 17.44 ? 136 ARG A C     1 
ATOM   1118 O  O     . ARG A 1 136 ? 1.612   -1.083  16.329  1.00 16.50 ? 136 ARG A O     1 
ATOM   1119 C  CB    . ARG A 1 136 ? 0.545   1.684   15.058  1.00 13.39 ? 136 ARG A CB    1 
ATOM   1120 C  CG    . ARG A 1 136 ? -0.282  2.905   15.416  1.00 14.57 ? 136 ARG A CG    1 
ATOM   1121 C  CD    . ARG A 1 136 ? -1.404  3.088   14.429  1.00 15.81 ? 136 ARG A CD    1 
ATOM   1122 N  NE    . ARG A 1 136 ? -0.901  3.409   13.099  1.00 15.78 ? 136 ARG A NE    1 
ATOM   1123 C  CZ    . ARG A 1 136 ? -0.845  4.639   12.603  1.00 16.21 ? 136 ARG A CZ    1 
ATOM   1124 N  NH1   . ARG A 1 136 ? -1.265  5.667   13.333  1.00 19.14 ? 136 ARG A NH1   1 
ATOM   1125 N  NH2   . ARG A 1 136 ? -0.379  4.840   11.380  1.00 14.16 ? 136 ARG A NH2   1 
ATOM   1126 N  N     . LYS A 1 137 ? 3.207   -0.141  15.062  1.00 17.65 ? 137 LYS A N     1 
ATOM   1127 C  CA    . LYS A 1 137 ? 3.795   -1.437  14.757  1.00 20.04 ? 137 LYS A CA    1 
ATOM   1128 C  C     . LYS A 1 137 ? 4.229   -2.143  16.038  1.00 22.07 ? 137 LYS A C     1 
ATOM   1129 O  O     . LYS A 1 137 ? 4.124   -3.365  16.143  1.00 22.90 ? 137 LYS A O     1 
ATOM   1130 C  CB    . LYS A 1 137 ? 4.969   -1.337  13.772  1.00 22.17 ? 137 LYS A CB    1 
ATOM   1131 C  CG    . LYS A 1 137 ? 5.590   -2.704  13.491  1.00 25.21 ? 137 LYS A CG    1 
ATOM   1132 C  CD    . LYS A 1 137 ? 6.743   -2.648  12.497  1.00 28.98 ? 137 LYS A CD    1 
ATOM   1133 C  CE    . LYS A 1 137 ? 7.348   -4.040  12.323  1.00 30.43 ? 137 LYS A CE    1 
ATOM   1134 N  NZ    . LYS A 1 137 ? 8.467   -4.080  11.333  1.00 33.03 ? 137 LYS A NZ    1 
ATOM   1135 N  N     . ARG A 1 138 ? 4.694   -1.369  17.014  1.00 21.83 ? 138 ARG A N     1 
ATOM   1136 C  CA    . ARG A 1 138 ? 5.111   -1.929  18.299  1.00 26.43 ? 138 ARG A CA    1 
ATOM   1137 C  C     . ARG A 1 138 ? 3.988   -2.712  18.990  1.00 27.59 ? 138 ARG A C     1 
ATOM   1138 O  O     . ARG A 1 138 ? 4.250   -3.645  19.750  1.00 28.74 ? 138 ARG A O     1 
ATOM   1139 C  CB    . ARG A 1 138 ? 5.654   -0.834  19.223  1.00 29.60 ? 138 ARG A CB    1 
ATOM   1140 C  CG    . ARG A 1 138 ? 6.952   -0.205  18.739  1.00 34.08 ? 138 ARG A CG    1 
ATOM   1141 C  CD    . ARG A 1 138 ? 7.662   0.583   19.840  1.00 38.73 ? 138 ARG A CD    1 
ATOM   1142 N  NE    . ARG A 1 138 ? 6.911   1.758   20.281  1.00 42.52 ? 138 ARG A NE    1 
ATOM   1143 C  CZ    . ARG A 1 138 ? 7.077   2.987   19.794  1.00 45.07 ? 138 ARG A CZ    1 
ATOM   1144 N  NH1   . ARG A 1 138 ? 7.964   3.216   18.833  1.00 45.86 ? 138 ARG A NH1   1 
ATOM   1145 N  NH2   . ARG A 1 138 ? 6.348   3.990   20.267  1.00 45.49 ? 138 ARG A NH2   1 
ATOM   1146 N  N     . LEU A 1 139 ? 2.741   -2.345  18.717  1.00 26.74 ? 139 LEU A N     1 
ATOM   1147 C  CA    . LEU A 1 139 ? 1.599   -3.048  19.303  1.00 28.79 ? 139 LEU A CA    1 
ATOM   1148 C  C     . LEU A 1 139 ? 1.415   -4.462  18.746  1.00 29.46 ? 139 LEU A C     1 
ATOM   1149 O  O     . LEU A 1 139 ? 0.792   -5.311  19.388  1.00 29.74 ? 139 LEU A O     1 
ATOM   1150 C  CB    . LEU A 1 139 ? 0.315   -2.245  19.102  1.00 30.63 ? 139 LEU A CB    1 
ATOM   1151 C  CG    . LEU A 1 139 ? 0.329   -0.809  19.629  1.00 32.76 ? 139 LEU A CG    1 
ATOM   1152 C  CD1   . LEU A 1 139 ? -0.914  -0.061  19.171  1.00 33.55 ? 139 LEU A CD1   1 
ATOM   1153 C  CD2   . LEU A 1 139 ? 0.452   -0.784  21.143  1.00 33.58 ? 139 LEU A CD2   1 
ATOM   1154 N  N     . TYR A 1 140 ? 1.957   -4.718  17.557  1.00 28.14 ? 140 TYR A N     1 
ATOM   1155 C  CA    . TYR A 1 140 ? 1.722   -5.989  16.871  1.00 29.09 ? 140 TYR A CA    1 
ATOM   1156 C  C     . TYR A 1 140 ? 2.959   -6.885  16.758  1.00 33.84 ? 140 TYR A C     1 
ATOM   1157 O  O     . TYR A 1 140 ? 2.916   -7.933  16.107  1.00 34.66 ? 140 TYR A O     1 
ATOM   1158 C  CB    . TYR A 1 140 ? 1.102   -5.735  15.492  1.00 26.67 ? 140 TYR A CB    1 
ATOM   1159 C  CG    . TYR A 1 140 ? -0.179  -4.943  15.597  1.00 27.40 ? 140 TYR A CG    1 
ATOM   1160 C  CD1   . TYR A 1 140 ? -1.381  -5.569  15.911  1.00 27.54 ? 140 TYR A CD1   1 
ATOM   1161 C  CD2   . TYR A 1 140 ? -0.180  -3.563  15.443  1.00 27.36 ? 140 TYR A CD2   1 
ATOM   1162 C  CE1   . TYR A 1 140 ? -2.553  -4.842  16.041  1.00 26.40 ? 140 TYR A CE1   1 
ATOM   1163 C  CE2   . TYR A 1 140 ? -1.351  -2.826  15.569  1.00 27.85 ? 140 TYR A CE2   1 
ATOM   1164 C  CZ    . TYR A 1 140 ? -2.534  -3.472  15.867  1.00 26.47 ? 140 TYR A CZ    1 
ATOM   1165 O  OH    . TYR A 1 140 ? -3.700  -2.749  15.995  1.00 24.67 ? 140 TYR A OH    1 
ATOM   1166 N  N     . VAL A 1 141 ? 4.050   -6.485  17.402  1.00 36.40 ? 141 VAL A N     1 
ATOM   1167 C  CA    . VAL A 1 141 ? 5.279   -7.272  17.363  1.00 39.85 ? 141 VAL A CA    1 
ATOM   1168 C  C     . VAL A 1 141 ? 5.425   -8.165  18.594  1.00 42.25 ? 141 VAL A C     1 
ATOM   1169 O  O     . VAL A 1 141 ? 4.885   -7.865  19.659  1.00 44.21 ? 141 VAL A O     1 
ATOM   1170 C  CB    . VAL A 1 141 ? 6.529   -6.380  17.224  1.00 41.08 ? 141 VAL A CB    1 
ATOM   1171 C  CG1   . VAL A 1 141 ? 6.570   -5.735  15.846  1.00 41.80 ? 141 VAL A CG1   1 
ATOM   1172 C  CG2   . VAL A 1 141 ? 6.555   -5.328  18.318  1.00 40.99 ? 141 VAL A CG2   1 
ATOM   1173 O  "O5'" . DG  B 2 1   ? -8.565  -2.210  -19.477 1.00 42.80 ? 1   DG  B "O5'" 1 
ATOM   1174 C  "C5'" . DG  B 2 1   ? -8.113  -3.327  -20.236 1.00 41.02 ? 1   DG  B "C5'" 1 
ATOM   1175 C  "C4'" . DG  B 2 1   ? -7.091  -4.144  -19.462 1.00 39.15 ? 1   DG  B "C4'" 1 
ATOM   1176 O  "O4'" . DG  B 2 1   ? -5.862  -3.386  -19.301 1.00 34.71 ? 1   DG  B "O4'" 1 
ATOM   1177 C  "C3'" . DG  B 2 1   ? -7.511  -4.539  -18.048 1.00 39.94 ? 1   DG  B "C3'" 1 
ATOM   1178 O  "O3'" . DG  B 2 1   ? -8.281  -5.762  -18.038 1.00 44.77 ? 1   DG  B "O3'" 1 
ATOM   1179 C  "C2'" . DG  B 2 1   ? -6.183  -4.645  -17.302 1.00 35.27 ? 1   DG  B "C2'" 1 
ATOM   1180 C  "C1'" . DG  B 2 1   ? -5.320  -3.598  -18.009 1.00 30.52 ? 1   DG  B "C1'" 1 
ATOM   1181 N  N9    . DG  B 2 1   ? -5.221  -2.294  -17.350 1.00 21.42 ? 1   DG  B N9    1 
ATOM   1182 C  C8    . DG  B 2 1   ? -6.067  -1.706  -16.441 1.00 20.77 ? 1   DG  B C8    1 
ATOM   1183 N  N7    . DG  B 2 1   ? -5.674  -0.516  -16.060 1.00 20.18 ? 1   DG  B N7    1 
ATOM   1184 C  C5    . DG  B 2 1   ? -4.494  -0.304  -16.759 1.00 17.64 ? 1   DG  B C5    1 
ATOM   1185 C  C6    . DG  B 2 1   ? -3.603  0.799   -16.771 1.00 16.44 ? 1   DG  B C6    1 
ATOM   1186 O  O6    . DG  B 2 1   ? -3.673  1.865   -16.143 1.00 16.85 ? 1   DG  B O6    1 
ATOM   1187 N  N1    . DG  B 2 1   ? -2.539  0.583   -17.632 1.00 16.23 ? 1   DG  B N1    1 
ATOM   1188 C  C2    . DG  B 2 1   ? -2.343  -0.545  -18.388 1.00 18.60 ? 1   DG  B C2    1 
ATOM   1189 N  N2    . DG  B 2 1   ? -1.252  -0.578  -19.168 1.00 20.67 ? 1   DG  B N2    1 
ATOM   1190 N  N3    . DG  B 2 1   ? -3.166  -1.579  -18.388 1.00 18.98 ? 1   DG  B N3    1 
ATOM   1191 C  C4    . DG  B 2 1   ? -4.212  -1.388  -17.558 1.00 17.96 ? 1   DG  B C4    1 
ATOM   1192 P  P     . DG  B 2 2   ? -7.626  -7.148  -18.531 1.00 69.64 ? 2   DG  B P     1 
ATOM   1193 O  OP1   . DG  B 2 2   ? -6.493  -6.831  -19.430 1.00 70.03 ? 2   DG  B OP1   1 
ATOM   1194 O  OP2   . DG  B 2 2   ? -8.721  -8.027  -18.997 1.00 69.04 ? 2   DG  B OP2   1 
ATOM   1195 O  "O5'" . DG  B 2 2   ? -7.002  -7.769  -17.197 1.00 31.74 ? 2   DG  B "O5'" 1 
ATOM   1196 C  "C5'" . DG  B 2 2   ? -5.809  -8.539  -17.296 1.00 31.29 ? 2   DG  B "C5'" 1 
ATOM   1197 C  "C4'" . DG  B 2 2   ? -5.340  -9.011  -15.929 1.00 29.48 ? 2   DG  B "C4'" 1 
ATOM   1198 O  "O4'" . DG  B 2 2   ? -4.919  -7.869  -15.148 1.00 27.91 ? 2   DG  B "O4'" 1 
ATOM   1199 C  "C3'" . DG  B 2 2   ? -6.386  -9.713  -15.069 1.00 27.87 ? 2   DG  B "C3'" 1 
ATOM   1200 O  "O3'" . DG  B 2 2   ? -6.378  -11.100 -15.376 1.00 27.50 ? 2   DG  B "O3'" 1 
ATOM   1201 C  "C2'" . DG  B 2 2   ? -5.871  -9.466  -13.653 1.00 26.48 ? 2   DG  B "C2'" 1 
ATOM   1202 C  "C1'" . DG  B 2 2   ? -5.192  -8.109  -13.780 1.00 24.58 ? 2   DG  B "C1'" 1 
ATOM   1203 N  N9    . DG  B 2 2   ? -5.979  -6.977  -13.307 1.00 20.34 ? 2   DG  B N9    1 
ATOM   1204 C  C8    . DG  B 2 2   ? -6.713  -6.104  -14.072 1.00 19.72 ? 2   DG  B C8    1 
ATOM   1205 N  N7    . DG  B 2 2   ? -7.306  -5.176  -13.371 1.00 19.07 ? 2   DG  B N7    1 
ATOM   1206 C  C5    . DG  B 2 2   ? -6.934  -5.458  -12.061 1.00 17.08 ? 2   DG  B C5    1 
ATOM   1207 C  C6    . DG  B 2 2   ? -7.260  -4.795  -10.863 1.00 17.30 ? 2   DG  B C6    1 
ATOM   1208 O  O6    . DG  B 2 2   ? -7.966  -3.795  -10.717 1.00 17.64 ? 2   DG  B O6    1 
ATOM   1209 N  N1    . DG  B 2 2   ? -6.675  -5.408  -9.756  1.00 16.75 ? 2   DG  B N1    1 
ATOM   1210 C  C2    . DG  B 2 2   ? -5.872  -6.520  -9.808  1.00 16.88 ? 2   DG  B C2    1 
ATOM   1211 N  N2    . DG  B 2 2   ? -5.397  -6.972  -8.638  1.00 18.26 ? 2   DG  B N2    1 
ATOM   1212 N  N3    . DG  B 2 2   ? -5.555  -7.155  -10.928 1.00 16.62 ? 2   DG  B N3    1 
ATOM   1213 C  C4    . DG  B 2 2   ? -6.118  -6.563  -12.007 1.00 17.77 ? 2   DG  B C4    1 
ATOM   1214 P  P     . DT  B 2 3   ? -7.498  -12.081 -14.766 1.00 30.42 ? 3   DT  B P     1 
ATOM   1215 O  OP1   . DT  B 2 3   ? -7.422  -13.368 -15.501 1.00 30.61 ? 3   DT  B OP1   1 
ATOM   1216 O  OP2   . DT  B 2 3   ? -8.773  -11.346 -14.692 1.00 29.59 ? 3   DT  B OP2   1 
ATOM   1217 O  "O5'" . DT  B 2 3   ? -7.007  -12.331 -13.265 1.00 25.61 ? 3   DT  B "O5'" 1 
ATOM   1218 C  "C5'" . DT  B 2 3   ? -5.735  -12.912 -13.035 1.00 23.40 ? 3   DT  B "C5'" 1 
ATOM   1219 C  "C4'" . DT  B 2 3   ? -5.625  -13.210 -11.557 1.00 20.48 ? 3   DT  B "C4'" 1 
ATOM   1220 O  "O4'" . DT  B 2 3   ? -5.746  -11.970 -10.815 1.00 19.46 ? 3   DT  B "O4'" 1 
ATOM   1221 C  "C3'" . DT  B 2 3   ? -6.708  -14.145 -11.035 1.00 20.60 ? 3   DT  B "C3'" 1 
ATOM   1222 O  "O3'" . DT  B 2 3   ? -6.047  -15.098 -10.220 1.00 20.99 ? 3   DT  B "O3'" 1 
ATOM   1223 C  "C2'" . DT  B 2 3   ? -7.664  -13.223 -10.269 1.00 19.95 ? 3   DT  B "C2'" 1 
ATOM   1224 C  "C1'" . DT  B 2 3   ? -6.760  -12.075 -9.836  1.00 17.88 ? 3   DT  B "C1'" 1 
ATOM   1225 N  N1    . DT  B 2 3   ? -7.475  -10.773 -9.782  1.00 17.38 ? 3   DT  B N1    1 
ATOM   1226 C  C2    . DT  B 2 3   ? -7.497  -10.073 -8.597  1.00 16.77 ? 3   DT  B C2    1 
ATOM   1227 O  O2    . DT  B 2 3   ? -6.942  -10.472 -7.591  1.00 17.05 ? 3   DT  B O2    1 
ATOM   1228 N  N3    . DT  B 2 3   ? -8.186  -8.888  -8.646  1.00 18.37 ? 3   DT  B N3    1 
ATOM   1229 C  C4    . DT  B 2 3   ? -8.834  -8.354  -9.750  1.00 20.35 ? 3   DT  B C4    1 
ATOM   1230 O  O4    . DT  B 2 3   ? -9.427  -7.279  -9.704  1.00 21.31 ? 3   DT  B O4    1 
ATOM   1231 C  C5    . DT  B 2 3   ? -8.773  -9.143  -10.955 1.00 20.14 ? 3   DT  B C5    1 
ATOM   1232 C  C7    . DT  B 2 3   ? -9.439  -8.667  -12.218 1.00 20.75 ? 3   DT  B C7    1 
ATOM   1233 C  C6    . DT  B 2 3   ? -8.102  -10.300 -10.916 1.00 18.24 ? 3   DT  B C6    1 
ATOM   1234 P  P     . DT  B 2 4   ? -6.888  -16.122 -9.315  1.00 22.74 ? 4   DT  B P     1 
ATOM   1235 O  OP1   . DT  B 2 4   ? -6.191  -17.432 -9.338  1.00 25.75 ? 4   DT  B OP1   1 
ATOM   1236 O  OP2   . DT  B 2 4   ? -8.305  -16.052 -9.730  1.00 22.18 ? 4   DT  B OP2   1 
ATOM   1237 O  "O5'" . DT  B 2 4   ? -6.772  -15.489 -7.853  1.00 17.79 ? 4   DT  B "O5'" 1 
ATOM   1238 C  "C5'" . DT  B 2 4   ? -5.479  -15.189 -7.337  1.00 15.97 ? 4   DT  B "C5'" 1 
ATOM   1239 C  "C4'" . DT  B 2 4   ? -5.622  -14.552 -5.967  1.00 16.53 ? 4   DT  B "C4'" 1 
ATOM   1240 O  "O4'" . DT  B 2 4   ? -6.354  -13.308 -6.118  1.00 15.80 ? 4   DT  B "O4'" 1 
ATOM   1241 C  "C3'" . DT  B 2 4   ? -6.401  -15.368 -4.934  1.00 16.68 ? 4   DT  B "C3'" 1 
ATOM   1242 O  "O3'" . DT  B 2 4   ? -5.815  -15.107 -3.681  1.00 18.53 ? 4   DT  B "O3'" 1 
ATOM   1243 C  "C2'" . DT  B 2 4   ? -7.791  -14.745 -5.013  1.00 15.35 ? 4   DT  B "C2'" 1 
ATOM   1244 C  "C1'" . DT  B 2 4   ? -7.402  -13.278 -5.177  1.00 13.72 ? 4   DT  B "C1'" 1 
ATOM   1245 N  N1    . DT  B 2 4   ? -8.452  -12.354 -5.705  1.00 15.14 ? 4   DT  B N1    1 
ATOM   1246 C  C2    . DT  B 2 4   ? -8.624  -11.140 -5.069  1.00 15.68 ? 4   DT  B C2    1 
ATOM   1247 O  O2    . DT  B 2 4   ? -7.973  -10.809 -4.096  1.00 16.08 ? 4   DT  B O2    1 
ATOM   1248 N  N3    . DT  B 2 4   ? -9.594  -10.337 -5.610  1.00 14.68 ? 4   DT  B N3    1 
ATOM   1249 C  C4    . DT  B 2 4   ? -10.374 -10.627 -6.713  1.00 17.22 ? 4   DT  B C4    1 
ATOM   1250 O  O4    . DT  B 2 4   ? -11.219 -9.848  -7.134  1.00 17.88 ? 4   DT  B O4    1 
ATOM   1251 C  C5    . DT  B 2 4   ? -10.134 -11.907 -7.338  1.00 18.13 ? 4   DT  B C5    1 
ATOM   1252 C  C7    . DT  B 2 4   ? -10.937 -12.317 -8.539  1.00 20.78 ? 4   DT  B C7    1 
ATOM   1253 C  C6    . DT  B 2 4   ? -9.190  -12.702 -6.814  1.00 16.61 ? 4   DT  B C6    1 
ATOM   1254 P  P     . DA  B 2 5   ? -5.954  -16.158 -2.471  1.00 18.35 ? 5   DA  B P     1 
ATOM   1255 O  OP1   . DA  B 2 5   ? -5.541  -17.493 -2.968  1.00 17.66 ? 5   DA  B OP1   1 
ATOM   1256 O  OP2   . DA  B 2 5   ? -7.274  -15.951 -1.833  1.00 16.35 ? 5   DA  B OP2   1 
ATOM   1257 O  "O5'" . DA  B 2 5   ? -4.853  -15.658 -1.437  1.00 14.32 ? 5   DA  B "O5'" 1 
ATOM   1258 C  "C5'" . DA  B 2 5   ? -3.500  -15.556 -1.825  1.00 14.24 ? 5   DA  B "C5'" 1 
ATOM   1259 C  "C4'" . DA  B 2 5   ? -2.749  -14.707 -0.816  1.00 12.46 ? 5   DA  B "C4'" 1 
ATOM   1260 O  "O4'" . DA  B 2 5   ? -3.126  -13.304 -0.932  1.00 13.03 ? 5   DA  B "O4'" 1 
ATOM   1261 C  "C3'" . DA  B 2 5   ? -3.012  -15.065 0.636   1.00 12.73 ? 5   DA  B "C3'" 1 
ATOM   1262 O  "O3'" . DA  B 2 5   ? -1.833  -14.813 1.401   1.00 13.55 ? 5   DA  B "O3'" 1 
ATOM   1263 C  "C2'" . DA  B 2 5   ? -4.180  -14.136 0.997   1.00 12.14 ? 5   DA  B "C2'" 1 
ATOM   1264 C  "C1'" . DA  B 2 5   ? -3.849  -12.868 0.215   1.00 12.07 ? 5   DA  B "C1'" 1 
ATOM   1265 N  N9    . DA  B 2 5   ? -4.996  -12.145 -0.329  1.00 12.05 ? 5   DA  B N9    1 
ATOM   1266 C  C8    . DA  B 2 5   ? -6.144  -12.672 -0.849  1.00 12.61 ? 5   DA  B C8    1 
ATOM   1267 N  N7    . DA  B 2 5   ? -6.984  -11.759 -1.299  1.00 12.37 ? 5   DA  B N7    1 
ATOM   1268 C  C5    . DA  B 2 5   ? -6.336  -10.553 -1.064  1.00 10.32 ? 5   DA  B C5    1 
ATOM   1269 C  C6    . DA  B 2 5   ? -6.693  -9.211  -1.312  1.00 11.74 ? 5   DA  B C6    1 
ATOM   1270 N  N6    . DA  B 2 5   ? -7.843  -8.854  -1.883  1.00 15.16 ? 5   DA  B N6    1 
ATOM   1271 N  N1    . DA  B 2 5   ? -5.823  -8.248  -0.951  1.00 10.51 ? 5   DA  B N1    1 
ATOM   1272 C  C2    . DA  B 2 5   ? -4.670  -8.605  -0.376  1.00 10.16 ? 5   DA  B C2    1 
ATOM   1273 N  N3    . DA  B 2 5   ? -4.224  -9.830  -0.091  1.00 11.86 ? 5   DA  B N3    1 
ATOM   1274 C  C4    . DA  B 2 5   ? -5.112  -10.769 -0.464  1.00 10.87 ? 5   DA  B C4    1 
ATOM   1275 P  P     . DC  B 2 6   ? -1.182  -15.975 2.306   1.00 12.92 ? 6   DC  B P     1 
ATOM   1276 O  OP1   . DC  B 2 6   ? -2.241  -16.539 3.176   1.00 13.76 ? 6   DC  B OP1   1 
ATOM   1277 O  OP2   . DC  B 2 6   ? 0.030   -15.436 2.940   1.00 13.05 ? 6   DC  B OP2   1 
ATOM   1278 O  "O5'" . DC  B 2 6   ? -0.802  -17.113 1.240   1.00 13.67 ? 6   DC  B "O5'" 1 
ATOM   1279 C  "C5'" . DC  B 2 6   ? 0.405   -17.031 0.490   1.00 14.68 ? 6   DC  B "C5'" 1 
ATOM   1280 C  "C4'" . DC  B 2 6   ? 0.260   -17.862 -0.771  1.00 16.89 ? 6   DC  B "C4'" 1 
ATOM   1281 O  "O4'" . DC  B 2 6   ? -0.566  -17.143 -1.717  1.00 19.12 ? 6   DC  B "O4'" 1 
ATOM   1282 C  "C3'" . DC  B 2 6   ? 1.554   -18.191 -1.497  1.00 20.20 ? 6   DC  B "C3'" 1 
ATOM   1283 O  "O3'" . DC  B 2 6   ? 1.428   -19.554 -1.893  1.00 23.69 ? 6   DC  B "O3'" 1 
ATOM   1284 C  "C2'" . DC  B 2 6   ? 1.550   -17.226 -2.687  1.00 18.35 ? 6   DC  B "C2'" 1 
ATOM   1285 C  "C1'" . DC  B 2 6   ? 0.062   -17.133 -2.993  1.00 18.57 ? 6   DC  B "C1'" 1 
ATOM   1286 N  N1    . DC  B 2 6   ? -0.391  -15.894 -3.708  1.00 20.85 ? 6   DC  B N1    1 
ATOM   1287 C  C2    . DC  B 2 6   ? -1.102  -16.023 -4.906  1.00 23.99 ? 6   DC  B C2    1 
ATOM   1288 O  O2    . DC  B 2 6   ? -1.326  -17.156 -5.348  1.00 28.04 ? 6   DC  B O2    1 
ATOM   1289 N  N3    . DC  B 2 6   ? -1.519  -14.909 -5.551  1.00 22.33 ? 6   DC  B N3    1 
ATOM   1290 C  C4    . DC  B 2 6   ? -1.262  -13.705 -5.041  1.00 20.85 ? 6   DC  B C4    1 
ATOM   1291 N  N4    . DC  B 2 6   ? -1.707  -12.640 -5.725  1.00 21.67 ? 6   DC  B N4    1 
ATOM   1292 C  C5    . DC  B 2 6   ? -0.543  -13.544 -3.821  1.00 19.69 ? 6   DC  B C5    1 
ATOM   1293 C  C6    . DC  B 2 6   ? -0.131  -14.656 -3.191  1.00 22.49 ? 6   DC  B C6    1 
ATOM   1294 P  P     . DG  B 2 7   ? 2.710   -20.522 -1.905  1.00 26.47 ? 7   DG  B P     1 
ATOM   1295 O  OP1   . DG  B 2 7   ? 2.232   -21.906 -2.160  1.00 26.20 ? 7   DG  B OP1   1 
ATOM   1296 O  OP2   . DG  B 2 7   ? 3.535   -20.219 -0.720  1.00 23.59 ? 7   DG  B OP2   1 
ATOM   1297 O  "O5'" . DG  B 2 7   ? 3.547   -20.014 -3.174  1.00 22.76 ? 7   DG  B "O5'" 1 
ATOM   1298 C  "C5'" . DG  B 2 7   ? 3.210   -20.490 -4.461  1.00 20.64 ? 7   DG  B "C5'" 1 
ATOM   1299 C  "C4'" . DG  B 2 7   ? 3.920   -19.639 -5.486  1.00 19.06 ? 7   DG  B "C4'" 1 
ATOM   1300 O  "O4'" . DG  B 2 7   ? 3.284   -18.338 -5.505  1.00 16.75 ? 7   DG  B "O4'" 1 
ATOM   1301 C  "C3'" . DG  B 2 7   ? 5.389   -19.378 -5.175  1.00 17.29 ? 7   DG  B "C3'" 1 
ATOM   1302 O  "O3'" . DG  B 2 7   ? 6.154   -19.655 -6.336  1.00 17.14 ? 7   DG  B "O3'" 1 
ATOM   1303 C  "C2'" . DG  B 2 7   ? 5.441   -17.884 -4.879  1.00 17.75 ? 7   DG  B "C2'" 1 
ATOM   1304 C  "C1'" . DG  B 2 7   ? 4.292   -17.398 -5.751  1.00 15.78 ? 7   DG  B "C1'" 1 
ATOM   1305 N  N9    . DG  B 2 7   ? 3.819   -16.066 -5.394  1.00 12.80 ? 7   DG  B N9    1 
ATOM   1306 C  C8    . DG  B 2 7   ? 4.096   -15.372 -4.241  1.00 14.56 ? 7   DG  B C8    1 
ATOM   1307 N  N7    . DG  B 2 7   ? 3.528   -14.198 -4.201  1.00 13.25 ? 7   DG  B N7    1 
ATOM   1308 C  C5    . DG  B 2 7   ? 2.833   -14.106 -5.393  1.00 11.80 ? 7   DG  B C5    1 
ATOM   1309 C  C6    . DG  B 2 7   ? 2.042   -13.046 -5.901  1.00 11.48 ? 7   DG  B C6    1 
ATOM   1310 O  O6    . DG  B 2 7   ? 1.785   -11.951 -5.380  1.00 10.99 ? 7   DG  B O6    1 
ATOM   1311 N  N1    . DG  B 2 7   ? 1.527   -13.357 -7.147  1.00 10.69 ? 7   DG  B N1    1 
ATOM   1312 C  C2    . DG  B 2 7   ? 1.742   -14.541 -7.823  1.00 10.94 ? 7   DG  B C2    1 
ATOM   1313 N  N2    . DG  B 2 7   ? 1.143   -14.633 -9.011  1.00 11.44 ? 7   DG  B N2    1 
ATOM   1314 N  N3    . DG  B 2 7   ? 2.484   -15.545 -7.361  1.00 11.44 ? 7   DG  B N3    1 
ATOM   1315 C  C4    . DG  B 2 7   ? 3.000   -15.254 -6.145  1.00 12.31 ? 7   DG  B C4    1 
ATOM   1316 P  P     . DG  B 2 8   ? 7.686   -20.119 -6.209  1.00 21.94 ? 8   DG  B P     1 
ATOM   1317 O  OP1   . DG  B 2 8   ? 8.153   -20.501 -7.560  1.00 25.21 ? 8   DG  B OP1   1 
ATOM   1318 O  OP2   . DG  B 2 8   ? 7.782   -21.072 -5.085  1.00 23.21 ? 8   DG  B OP2   1 
ATOM   1319 O  "O5'" . DG  B 2 8   ? 8.453   -18.798 -5.728  1.00 18.31 ? 8   DG  B "O5'" 1 
ATOM   1320 C  "C5'" . DG  B 2 8   ? 8.714   -17.754 -6.644  1.00 20.53 ? 8   DG  B "C5'" 1 
ATOM   1321 C  "C4'" . DG  B 2 8   ? 9.286   -16.552 -5.910  1.00 22.05 ? 8   DG  B "C4'" 1 
ATOM   1322 O  "O4'" . DG  B 2 8   ? 8.284   -15.982 -5.026  1.00 20.44 ? 8   DG  B "O4'" 1 
ATOM   1323 C  "C3'" . DG  B 2 8   ? 10.491  -16.839 -5.013  1.00 20.43 ? 8   DG  B "C3'" 1 
ATOM   1324 O  "O3'" . DG  B 2 8   ? 11.375  -15.751 -5.136  1.00 20.90 ? 8   DG  B "O3'" 1 
ATOM   1325 C  "C2'" . DG  B 2 8   ? 9.887   -16.838 -3.610  1.00 19.90 ? 8   DG  B "C2'" 1 
ATOM   1326 C  "C1'" . DG  B 2 8   ? 8.866   -15.711 -3.767  1.00 18.83 ? 8   DG  B "C1'" 1 
ATOM   1327 N  N9    . DG  B 2 8   ? 7.742   -15.680 -2.837  1.00 17.56 ? 8   DG  B N9    1 
ATOM   1328 C  C8    . DG  B 2 8   ? 7.091   -14.547 -2.413  1.00 16.83 ? 8   DG  B C8    1 
ATOM   1329 N  N7    . DG  B 2 8   ? 6.094   -14.789 -1.607  1.00 17.15 ? 8   DG  B N7    1 
ATOM   1330 C  C5    . DG  B 2 8   ? 6.082   -16.173 -1.489  1.00 18.97 ? 8   DG  B C5    1 
ATOM   1331 C  C6    . DG  B 2 8   ? 5.221   -17.004 -0.741  1.00 20.39 ? 8   DG  B C6    1 
ATOM   1332 O  O6    . DG  B 2 8   ? 4.274   -16.661 -0.022  1.00 19.03 ? 8   DG  B O6    1 
ATOM   1333 N  N1    . DG  B 2 8   ? 5.540   -18.357 -0.892  1.00 18.97 ? 8   DG  B N1    1 
ATOM   1334 C  C2    . DG  B 2 8   ? 6.572   -18.834 -1.668  1.00 19.31 ? 8   DG  B C2    1 
ATOM   1335 N  N2    . DG  B 2 8   ? 6.727   -20.170 -1.689  1.00 18.85 ? 8   DG  B N2    1 
ATOM   1336 N  N3    . DG  B 2 8   ? 7.392   -18.062 -2.378  1.00 20.31 ? 8   DG  B N3    1 
ATOM   1337 C  C4    . DG  B 2 8   ? 7.088   -16.742 -2.243  1.00 19.91 ? 8   DG  B C4    1 
ATOM   1338 P  P     . DT  B 2 9   ? 12.561  -15.773 -6.219  1.00 22.59 ? 9   DT  B P     1 
ATOM   1339 O  OP1   . DT  B 2 9   ? 13.298  -17.058 -6.066  1.00 22.85 ? 9   DT  B OP1   1 
ATOM   1340 O  OP2   . DT  B 2 9   ? 13.287  -14.492 -6.113  1.00 23.67 ? 9   DT  B OP2   1 
ATOM   1341 O  "O5'" . DT  B 2 9   ? 11.801  -15.757 -7.622  1.00 31.09 ? 9   DT  B "O5'" 1 
ATOM   1342 C  "C5'" . DT  B 2 9   ? 12.028  -16.762 -8.600  1.00 28.03 ? 9   DT  B "C5'" 1 
ATOM   1343 C  "C4'" . DT  B 2 9   ? 11.269  -16.405 -9.863  1.00 25.13 ? 9   DT  B "C4'" 1 
ATOM   1344 O  "O4'" . DT  B 2 9   ? 9.933   -15.975 -9.495  1.00 19.14 ? 9   DT  B "O4'" 1 
ATOM   1345 C  "C3'" . DT  B 2 9   ? 11.854  -15.230 -10.633 1.00 26.69 ? 9   DT  B "C3'" 1 
ATOM   1346 O  "O3'" . DT  B 2 9   ? 12.818  -15.686 -11.567 1.00 29.54 ? 9   DT  B "O3'" 1 
ATOM   1347 C  "C2'" . DT  B 2 9   ? 10.647  -14.657 -11.361 1.00 21.95 ? 9   DT  B "C2'" 1 
ATOM   1348 C  "C1'" . DT  B 2 9   ? 9.513   -14.962 -10.392 1.00 19.51 ? 9   DT  B "C1'" 1 
ATOM   1349 N  N1    . DT  B 2 9   ? 9.133   -13.754 -9.621  1.00 16.10 ? 9   DT  B N1    1 
ATOM   1350 C  C2    . DT  B 2 9   ? 8.227   -12.897 -10.189 1.00 14.23 ? 9   DT  B C2    1 
ATOM   1351 O  O2    . DT  B 2 9   ? 7.725   -13.070 -11.290 1.00 14.85 ? 9   DT  B O2    1 
ATOM   1352 N  N3    . DT  B 2 9   ? 7.919   -11.809 -9.412  1.00 11.86 ? 9   DT  B N3    1 
ATOM   1353 C  C4    . DT  B 2 9   ? 8.419   -11.491 -8.171  1.00 13.62 ? 9   DT  B C4    1 
ATOM   1354 O  O4    . DT  B 2 9   ? 8.080   -10.477 -7.575  1.00 13.36 ? 9   DT  B O4    1 
ATOM   1355 C  C5    . DT  B 2 9   ? 9.368   -12.432 -7.632  1.00 17.76 ? 9   DT  B C5    1 
ATOM   1356 C  C7    . DT  B 2 9   ? 9.963   -12.181 -6.277  1.00 20.25 ? 9   DT  B C7    1 
ATOM   1357 C  C6    . DT  B 2 9   ? 9.678   -13.512 -8.373  1.00 17.34 ? 9   DT  B C6    1 
HETATM 1358 O  O     . HOH C 3 .   ? 7.821   -11.790 -0.586  1.00 23.69 ? 201 HOH A O     1 
HETATM 1359 O  O     . HOH C 3 .   ? -2.451  -7.246  7.014   1.00 8.61  ? 202 HOH A O     1 
HETATM 1360 O  O     . HOH C 3 .   ? -15.535 -6.833  6.882   1.00 27.38 ? 203 HOH A O     1 
HETATM 1361 O  O     . HOH C 3 .   ? -6.152  -5.401  -0.748  1.00 8.48  ? 204 HOH A O     1 
HETATM 1362 O  O     . HOH C 3 .   ? 11.415  -6.241  -2.394  1.00 22.39 ? 205 HOH A O     1 
HETATM 1363 O  O     . HOH C 3 .   ? 12.214  3.685   3.308   1.00 20.86 ? 206 HOH A O     1 
HETATM 1364 O  O     . HOH C 3 .   ? 4.515   10.683  -3.278  1.00 16.95 ? 207 HOH A O     1 
HETATM 1365 O  O     . HOH C 3 .   ? -6.217  -6.262  1.815   1.00 10.72 ? 208 HOH A O     1 
HETATM 1366 O  O     . HOH C 3 .   ? -5.222  13.083  -1.649  1.00 33.01 ? 209 HOH A O     1 
HETATM 1367 O  O     . HOH C 3 .   ? 3.345   13.551  -10.103 1.00 28.10 ? 210 HOH A O     1 
HETATM 1368 O  O     . HOH C 3 .   ? -2.891  -0.438  7.522   1.00 10.63 ? 211 HOH A O     1 
HETATM 1369 O  O     . HOH C 3 .   ? -4.551  -7.451  5.208   1.00 13.29 ? 212 HOH A O     1 
HETATM 1370 O  O     . HOH C 3 .   ? -0.471  6.289   7.437   1.00 12.70 ? 213 HOH A O     1 
HETATM 1371 O  O     . HOH C 3 .   ? -6.342  11.152  1.643   1.00 13.43 ? 214 HOH A O     1 
HETATM 1372 O  O     . HOH C 3 .   ? -1.130  8.578   6.189   1.00 14.97 ? 215 HOH A O     1 
HETATM 1373 O  O     . HOH C 3 .   ? 2.160   13.966  -6.183  1.00 16.70 ? 216 HOH A O     1 
HETATM 1374 O  O     . HOH C 3 .   ? 9.478   11.362  0.595   1.00 32.92 ? 217 HOH A O     1 
HETATM 1375 O  O     . HOH C 3 .   ? 13.157  -0.145  -13.466 1.00 11.82 ? 218 HOH A O     1 
HETATM 1376 O  O     . HOH C 3 .   ? -13.145 -0.032  8.609   1.00 21.48 ? 219 HOH A O     1 
HETATM 1377 O  O     . HOH C 3 .   ? 2.363   -7.662  -10.140 1.00 12.18 ? 220 HOH A O     1 
HETATM 1378 O  O     . HOH C 3 .   ? 12.755  10.869  3.285   1.00 27.40 ? 221 HOH A O     1 
HETATM 1379 O  O     . HOH C 3 .   ? -8.259  -15.446 5.814   1.00 15.67 ? 222 HOH A O     1 
HETATM 1380 O  O     . HOH C 3 .   ? 3.119   7.567   10.665  1.00 17.06 ? 223 HOH A O     1 
HETATM 1381 O  O     . HOH C 3 .   ? -0.173  11.558  -12.222 1.00 24.82 ? 224 HOH A O     1 
HETATM 1382 O  O     . HOH C 3 .   ? 0.468   7.149   9.915   1.00 16.03 ? 225 HOH A O     1 
HETATM 1383 O  O     . HOH C 3 .   ? -5.106  5.616   -10.565 1.00 17.25 ? 226 HOH A O     1 
HETATM 1384 O  O     . HOH C 3 .   ? -4.733  -19.712 5.262   1.00 31.09 ? 227 HOH A O     1 
HETATM 1385 O  O     . HOH C 3 .   ? 12.380  -4.312  -14.825 1.00 19.49 ? 228 HOH A O     1 
HETATM 1386 O  O     . HOH C 3 .   ? 6.189   -10.229 3.225   1.00 17.36 ? 229 HOH A O     1 
HETATM 1387 O  O     . HOH C 3 .   ? -6.667  0.079   13.812  1.00 19.20 ? 230 HOH A O     1 
HETATM 1388 O  O     . HOH C 3 .   ? -3.210  15.926  5.872   1.00 31.04 ? 231 HOH A O     1 
HETATM 1389 O  O     . HOH C 3 .   ? 0.105   -10.066 -5.779  1.00 18.79 ? 232 HOH A O     1 
HETATM 1390 O  O     . HOH C 3 .   ? 13.828  -2.055  2.341   1.00 20.16 ? 233 HOH A O     1 
HETATM 1391 O  O     . HOH C 3 .   ? 0.040   -15.534 5.809   1.00 19.43 ? 234 HOH A O     1 
HETATM 1392 O  O     . HOH C 3 .   ? 15.118  -4.945  -8.649  1.00 22.41 ? 235 HOH A O     1 
HETATM 1393 O  O     . HOH C 3 .   ? -3.942  -0.003  15.007  1.00 20.46 ? 236 HOH A O     1 
HETATM 1394 O  O     . HOH C 3 .   ? -13.661 0.880   5.462   1.00 27.04 ? 237 HOH A O     1 
HETATM 1395 O  O     . HOH C 3 .   ? 5.641   -11.994 1.274   1.00 19.82 ? 238 HOH A O     1 
HETATM 1396 O  O     . HOH C 3 .   ? 12.972  0.642   -10.796 1.00 15.71 ? 239 HOH A O     1 
HETATM 1397 O  O     . HOH C 3 .   ? -10.065 0.825   12.139  1.00 21.10 ? 240 HOH A O     1 
HETATM 1398 O  O     . HOH C 3 .   ? 6.262   12.629  -3.025  1.00 21.37 ? 241 HOH A O     1 
HETATM 1399 O  O     . HOH C 3 .   ? 2.689   -12.742 -12.095 1.00 26.95 ? 242 HOH A O     1 
HETATM 1400 O  O     . HOH C 3 .   ? 8.327   -9.556  -14.996 1.00 21.49 ? 243 HOH A O     1 
HETATM 1401 O  O     . HOH C 3 .   ? -8.152  -6.227  -3.144  1.00 17.31 ? 244 HOH A O     1 
HETATM 1402 O  O     . HOH C 3 .   ? -9.975  9.150   2.905   1.00 31.40 ? 245 HOH A O     1 
HETATM 1403 O  O     . HOH C 3 .   ? 1.995   -20.363 1.531   1.00 20.96 ? 246 HOH A O     1 
HETATM 1404 O  O     . HOH C 3 .   ? 11.817  -3.687  -6.222  1.00 23.35 ? 247 HOH A O     1 
HETATM 1405 O  O     . HOH C 3 .   ? 5.077   -12.193 -15.346 1.00 29.04 ? 248 HOH A O     1 
HETATM 1406 O  O     . HOH C 3 .   ? 2.459   -1.857  -16.380 1.00 19.06 ? 249 HOH A O     1 
HETATM 1407 O  O     . HOH C 3 .   ? -4.435  -12.526 -3.645  1.00 21.82 ? 250 HOH A O     1 
HETATM 1408 O  O     . HOH C 3 .   ? 8.392   -7.220  4.828   1.00 22.47 ? 251 HOH A O     1 
HETATM 1409 O  O     . HOH C 3 .   ? -11.258 -14.448 -0.632  1.00 25.04 ? 252 HOH A O     1 
HETATM 1410 O  O     . HOH C 3 .   ? -1.549  7.382   -19.797 1.00 30.52 ? 253 HOH A O     1 
HETATM 1411 O  O     . HOH C 3 .   ? -1.059  10.621  7.894   1.00 26.37 ? 254 HOH A O     1 
HETATM 1412 O  O     . HOH C 3 .   ? 8.273   -0.054  15.569  1.00 24.67 ? 255 HOH A O     1 
HETATM 1413 O  O     . HOH C 3 .   ? -3.606  -7.638  2.546   1.00 16.59 ? 256 HOH A O     1 
HETATM 1414 O  O     . HOH C 3 .   ? 10.181  14.864  6.826   1.00 37.27 ? 257 HOH A O     1 
HETATM 1415 O  O     . HOH C 3 .   ? -17.798 3.073   -3.806  1.00 22.52 ? 258 HOH A O     1 
HETATM 1416 O  O     . HOH C 3 .   ? 9.368   -0.275  12.990  1.00 25.66 ? 259 HOH A O     1 
HETATM 1417 O  O     . HOH C 3 .   ? -2.308  -7.026  13.017  1.00 21.52 ? 260 HOH A O     1 
HETATM 1418 O  O     . HOH C 3 .   ? -17.143 -5.475  0.505   1.00 29.27 ? 261 HOH A O     1 
HETATM 1419 O  O     . HOH C 3 .   ? -3.099  9.990   -19.331 1.00 28.60 ? 262 HOH A O     1 
HETATM 1420 O  O     . HOH C 3 .   ? -0.088  9.805   10.255  1.00 27.33 ? 263 HOH A O     1 
HETATM 1421 O  O     . HOH C 3 .   ? 16.819  3.856   -2.757  1.00 32.34 ? 264 HOH A O     1 
HETATM 1422 O  O     . HOH C 3 .   ? 10.569  7.830   12.052  1.00 32.93 ? 265 HOH A O     1 
HETATM 1423 O  O     . HOH C 3 .   ? 5.477   -4.802  -16.308 1.00 20.19 ? 266 HOH A O     1 
HETATM 1424 O  O     . HOH C 3 .   ? 0.388   -4.014  -18.765 1.00 28.40 ? 267 HOH A O     1 
HETATM 1425 O  O     . HOH C 3 .   ? 15.195  0.944   -0.291  1.00 35.71 ? 268 HOH A O     1 
HETATM 1426 O  O     . HOH C 3 .   ? 0.580   14.264  -12.874 1.00 28.26 ? 269 HOH A O     1 
HETATM 1427 O  O     . HOH C 3 .   ? -7.852  -1.785  15.150  1.00 36.30 ? 270 HOH A O     1 
HETATM 1428 O  O     . HOH C 3 .   ? 12.147  -6.381  -9.000  1.00 28.95 ? 271 HOH A O     1 
HETATM 1429 O  O     . HOH C 3 .   ? -12.116 -13.101 3.929   1.00 25.59 ? 272 HOH A O     1 
HETATM 1430 O  O     . HOH C 3 .   ? -7.269  4.351   12.901  1.00 23.65 ? 273 HOH A O     1 
HETATM 1431 O  O     . HOH C 3 .   ? -8.746  11.724  0.153   1.00 29.92 ? 274 HOH A O     1 
HETATM 1432 O  O     . HOH C 3 .   ? -12.843 3.264   5.987   1.00 26.78 ? 275 HOH A O     1 
HETATM 1433 O  O     . HOH C 3 .   ? 3.922   10.576  12.895  1.00 31.43 ? 276 HOH A O     1 
HETATM 1434 O  O     . HOH C 3 .   ? 13.345  -12.045 -8.158  1.00 25.12 ? 277 HOH A O     1 
HETATM 1435 O  O     . HOH C 3 .   ? 2.280   -16.271 6.994   1.00 25.56 ? 278 HOH A O     1 
HETATM 1436 O  O     . HOH C 3 .   ? -5.204  15.291  -7.853  1.00 31.24 ? 279 HOH A O     1 
HETATM 1437 O  O     . HOH C 3 .   ? 7.899   5.916   16.615  1.00 38.28 ? 280 HOH A O     1 
HETATM 1438 O  O     . HOH C 3 .   ? -18.862 -5.979  -1.770  1.00 37.07 ? 281 HOH A O     1 
HETATM 1439 O  O     . HOH C 3 .   ? 12.332  9.765   -1.620  1.00 39.30 ? 282 HOH A O     1 
HETATM 1440 O  O     . HOH C 3 .   ? 1.200   6.215   -18.986 1.00 25.97 ? 283 HOH A O     1 
HETATM 1441 O  O     . HOH C 3 .   ? 7.855   0.401   10.724  1.00 28.49 ? 284 HOH A O     1 
HETATM 1442 O  O     . HOH C 3 .   ? 15.423  -6.351  -4.829  1.00 39.76 ? 285 HOH A O     1 
HETATM 1443 O  O     . HOH C 3 .   ? -4.988  10.673  -17.296 1.00 29.58 ? 286 HOH A O     1 
HETATM 1444 O  O     . HOH C 3 .   ? -4.993  4.978   14.671  1.00 43.56 ? 287 HOH A O     1 
HETATM 1445 O  O     . HOH C 3 .   ? 13.919  -5.675  1.238   1.00 34.07 ? 288 HOH A O     1 
HETATM 1446 O  O     . HOH C 3 .   ? -0.505  17.037  -12.387 1.00 34.35 ? 289 HOH A O     1 
HETATM 1447 O  O     . HOH C 3 .   ? -5.086  8.320   -15.618 1.00 37.66 ? 290 HOH A O     1 
HETATM 1448 O  O     . HOH C 3 .   ? -15.678 -10.945 9.006   1.00 37.04 ? 291 HOH A O     1 
HETATM 1449 O  O     . HOH C 3 .   ? 8.322   -2.785  15.992  1.00 40.95 ? 292 HOH A O     1 
HETATM 1450 O  O     . HOH C 3 .   ? -1.392  5.989   16.358  1.00 28.45 ? 293 HOH A O     1 
HETATM 1451 O  O     . HOH C 3 .   ? 3.097   14.574  -12.374 1.00 41.55 ? 294 HOH A O     1 
HETATM 1452 O  O     . HOH C 3 .   ? 12.100  -8.969  -2.029  1.00 33.22 ? 295 HOH A O     1 
HETATM 1453 O  O     . HOH C 3 .   ? 9.925   -12.440 -2.916  1.00 22.62 ? 296 HOH A O     1 
HETATM 1454 O  O     . HOH C 3 .   ? -6.489  -17.040 4.330   1.00 20.56 ? 297 HOH A O     1 
HETATM 1455 O  O     . HOH C 3 .   ? 8.522   -5.038  6.600   1.00 37.56 ? 298 HOH A O     1 
HETATM 1456 O  O     . HOH C 3 .   ? -4.335  2.509   16.496  1.00 38.87 ? 299 HOH A O     1 
HETATM 1457 O  O     . HOH C 3 .   ? 2.757   -2.058  -19.189 1.00 31.71 ? 300 HOH A O     1 
HETATM 1458 O  O     . HOH C 3 .   ? 3.694   -13.860 14.586  1.00 42.40 ? 301 HOH A O     1 
HETATM 1459 O  O     . HOH C 3 .   ? 2.838   -15.923 12.975  1.00 32.08 ? 302 HOH A O     1 
HETATM 1460 O  O     . HOH C 3 .   ? -0.294  -8.927  13.300  1.00 17.10 ? 303 HOH A O     1 
HETATM 1461 O  O     . HOH C 3 .   ? -0.843  -8.789  -7.934  1.00 16.76 ? 304 HOH A O     1 
HETATM 1462 O  O     . HOH C 3 .   ? 9.595   -9.927  -3.149  1.00 15.91 ? 305 HOH A O     1 
HETATM 1463 O  O     . HOH C 3 .   ? -10.741 -15.346 4.323   1.00 17.65 ? 306 HOH A O     1 
HETATM 1464 O  O     . HOH C 3 .   ? 6.567   -11.463 -2.819  1.00 16.42 ? 307 HOH A O     1 
HETATM 1465 O  O     . HOH C 3 .   ? -11.372 12.842  -2.405  1.00 43.79 ? 308 HOH A O     1 
HETATM 1466 O  O     . HOH C 3 .   ? -15.262 -7.420  9.586   1.00 26.44 ? 309 HOH A O     1 
HETATM 1467 O  O     . HOH C 3 .   ? -11.962 1.806   9.689   1.00 28.84 ? 310 HOH A O     1 
HETATM 1468 O  O     . HOH C 3 .   ? 7.628   -20.168 2.308   1.00 33.99 ? 311 HOH A O     1 
HETATM 1469 O  O     . HOH C 3 .   ? -7.378  14.447  -0.498  1.00 31.33 ? 312 HOH A O     1 
HETATM 1470 O  O     . HOH C 3 .   ? -12.012 11.491  -4.384  1.00 30.34 ? 313 HOH A O     1 
HETATM 1471 O  O     . HOH C 3 .   ? 7.482   -19.825 5.347   1.00 35.10 ? 314 HOH A O     1 
HETATM 1472 O  O     . HOH C 3 .   ? -11.031 -0.959  14.172  1.00 36.58 ? 315 HOH A O     1 
HETATM 1473 O  O     . HOH C 3 .   ? -16.441 -8.876  5.330   1.00 44.86 ? 316 HOH A O     1 
HETATM 1474 O  O     . HOH C 3 .   ? 2.528   -17.251 9.716   1.00 24.90 ? 317 HOH A O     1 
HETATM 1475 O  O     . HOH C 3 .   ? 11.101  -5.555  -4.640  1.00 32.80 ? 318 HOH A O     1 
HETATM 1476 O  O     . HOH C 3 .   ? -5.959  7.807   -11.919 1.00 32.86 ? 319 HOH A O     1 
HETATM 1477 O  O     . HOH C 3 .   ? 11.861  -20.910 0.231   1.00 39.83 ? 320 HOH A O     1 
HETATM 1478 O  O     . HOH C 3 .   ? 11.590  8.123   -3.919  1.00 16.98 ? 321 HOH A O     1 
HETATM 1479 O  O     . HOH C 3 .   ? 2.943   -19.194 6.899   1.00 30.25 ? 322 HOH A O     1 
HETATM 1480 O  O     . HOH C 3 .   ? 5.446   15.075  -3.888  1.00 45.02 ? 323 HOH A O     1 
HETATM 1481 O  O     . HOH C 3 .   ? -0.451  18.846  -15.885 1.00 42.68 ? 324 HOH A O     1 
HETATM 1482 O  O     . HOH C 3 .   ? -14.592 4.570   6.965   1.00 41.42 ? 325 HOH A O     1 
HETATM 1483 O  O     . HOH C 3 .   ? -15.694 0.345   9.269   1.00 39.67 ? 326 HOH A O     1 
HETATM 1484 O  O     . HOH C 3 .   ? 9.780   16.875  6.016   1.00 43.82 ? 327 HOH A O     1 
HETATM 1485 O  O     . HOH C 3 .   ? 10.949  -2.077  9.642   1.00 33.76 ? 328 HOH A O     1 
HETATM 1486 O  O     . HOH C 3 .   ? 9.870   -19.068 -0.414  1.00 36.40 ? 329 HOH A O     1 
HETATM 1487 O  O     . HOH C 3 .   ? 6.830   -3.878  9.168   1.00 38.94 ? 330 HOH A O     1 
HETATM 1488 O  O     . HOH C 3 .   ? -1.371  8.643   13.130  1.00 35.50 ? 331 HOH A O     1 
HETATM 1489 O  O     . HOH C 3 .   ? -3.427  11.399  8.775   1.00 42.08 ? 332 HOH A O     1 
HETATM 1490 O  O     . HOH C 3 .   ? 4.299   14.741  -8.592  1.00 37.07 ? 333 HOH A O     1 
HETATM 1491 O  O     . HOH C 3 .   ? -3.554  17.258  -6.551  1.00 32.44 ? 334 HOH A O     1 
HETATM 1492 O  O     . HOH C 3 .   ? -8.128  2.203   13.861  1.00 37.91 ? 335 HOH A O     1 
HETATM 1493 O  O     . HOH C 3 .   ? 1.913   16.233  -4.708  1.00 36.54 ? 336 HOH A O     1 
HETATM 1494 O  O     . HOH C 3 .   ? -1.199  14.690  -0.832  1.00 33.71 ? 337 HOH A O     1 
HETATM 1495 O  O     . HOH C 3 .   ? 2.411   11.058  9.384   1.00 35.10 ? 338 HOH A O     1 
HETATM 1496 O  O     . HOH C 3 .   ? -10.510 5.500   10.893  1.00 34.07 ? 339 HOH A O     1 
HETATM 1497 O  O     . HOH C 3 .   ? 1.570   11.301  11.191  1.00 42.19 ? 340 HOH A O     1 
HETATM 1498 O  O     . HOH C 3 .   ? -6.105  11.379  9.182   1.00 43.51 ? 341 HOH A O     1 
HETATM 1499 O  O     . HOH C 3 .   ? 4.695   16.503  6.476   1.00 46.49 ? 342 HOH A O     1 
HETATM 1500 O  O     . HOH C 3 .   ? 16.186  -2.886  1.257   1.00 46.14 ? 343 HOH A O     1 
HETATM 1501 O  O     . HOH D 3 .   ? -3.377  -9.211  -8.333  1.00 19.03 ? 101 HOH B O     1 
HETATM 1502 O  O     . HOH D 3 .   ? -0.138  -11.833 -9.046  1.00 14.89 ? 102 HOH B O     1 
HETATM 1503 O  O     . HOH D 3 .   ? 9.238   -8.746  -5.842  1.00 16.40 ? 103 HOH B O     1 
HETATM 1504 O  O     . HOH D 3 .   ? -8.007  -7.423  -6.333  1.00 19.70 ? 104 HOH B O     1 
HETATM 1505 O  O     . HOH D 3 .   ? -4.227  -15.244 4.464   1.00 11.78 ? 105 HOH B O     1 
HETATM 1506 O  O     . HOH D 3 .   ? 3.714   -13.941 0.423   1.00 17.66 ? 106 HOH B O     1 
HETATM 1507 O  O     . HOH D 3 .   ? -6.613  -1.709  -12.246 1.00 19.33 ? 107 HOH B O     1 
HETATM 1508 O  O     . HOH D 3 .   ? -9.064  -13.692 -1.911  1.00 23.16 ? 108 HOH B O     1 
HETATM 1509 O  O     . HOH D 3 .   ? -4.172  -17.945 -5.266  1.00 22.04 ? 109 HOH B O     1 
HETATM 1510 O  O     . HOH D 3 .   ? 11.602  -7.762  -6.674  1.00 18.50 ? 110 HOH B O     1 
HETATM 1511 O  O     . HOH D 3 .   ? -4.227  -11.612 -7.300  1.00 21.25 ? 111 HOH B O     1 
HETATM 1512 O  O     . HOH D 3 .   ? 1.229   -13.406 1.268   1.00 16.50 ? 112 HOH B O     1 
HETATM 1513 O  O     . HOH D 3 .   ? -10.546 -12.279 -12.389 1.00 32.22 ? 113 HOH B O     1 
HETATM 1514 O  O     . HOH D 3 .   ? -0.345  -11.950 -0.547  1.00 24.02 ? 114 HOH B O     1 
HETATM 1515 O  O     . HOH D 3 .   ? 7.606   -11.958 -13.803 1.00 29.16 ? 115 HOH B O     1 
HETATM 1516 O  O     . HOH D 3 .   ? 12.506  -13.030 -3.667  1.00 33.71 ? 116 HOH B O     1 
HETATM 1517 O  O     . HOH D 3 .   ? 9.348   -21.231 -2.978  1.00 36.17 ? 117 HOH B O     1 
HETATM 1518 O  O     . HOH D 3 .   ? -2.618  -12.949 -8.975  1.00 33.10 ? 118 HOH B O     1 
HETATM 1519 O  O     . HOH D 3 .   ? -8.824  -1.047  -13.911 1.00 36.30 ? 119 HOH B O     1 
HETATM 1520 O  O     . HOH D 3 .   ? -3.809  -18.518 1.721   1.00 28.16 ? 120 HOH B O     1 
HETATM 1521 O  O     . HOH D 3 .   ? -2.129  -15.982 -8.478  1.00 32.13 ? 121 HOH B O     1 
HETATM 1522 O  O     . HOH D 3 .   ? -10.143 -15.901 -7.542  1.00 34.42 ? 122 HOH B O     1 
HETATM 1523 O  O     . HOH D 3 .   ? -8.222  -17.149 0.386   1.00 27.44 ? 123 HOH B O     1 
HETATM 1524 O  O     . HOH D 3 .   ? -1.978  -4.028  -19.392 1.00 34.23 ? 124 HOH B O     1 
HETATM 1525 O  O     . HOH D 3 .   ? 13.563  -9.812  -6.316  1.00 29.30 ? 125 HOH B O     1 
HETATM 1526 O  O     . HOH D 3 .   ? -4.079  -9.569  -10.881 1.00 25.00 ? 126 HOH B O     1 
HETATM 1527 O  O     . HOH D 3 .   ? 6.802   -23.655 -4.862  1.00 30.10 ? 127 HOH B O     1 
HETATM 1528 O  O     . HOH D 3 .   ? -10.624 -16.240 1.414   1.00 30.53 ? 128 HOH B O     1 
HETATM 1529 O  O     . HOH D 3 .   ? -6.283  -18.727 -6.897  1.00 28.44 ? 129 HOH B O     1 
HETATM 1530 O  O     . HOH D 3 .   ? 0.781   -22.605 -4.748  1.00 32.82 ? 130 HOH B O     1 
HETATM 1531 O  O     . HOH D 3 .   ? -10.582 -14.935 -11.473 1.00 38.64 ? 131 HOH B O     1 
HETATM 1532 O  O     . HOH D 3 .   ? -10.822 -9.886  -15.820 1.00 43.60 ? 132 HOH B O     1 
# 
